data_5XWU
#
_entry.id   5XWU
#
_cell.length_a   90.040
_cell.length_b   127.198
_cell.length_c   210.919
_cell.angle_alpha   90.00
_cell.angle_beta   90.00
_cell.angle_gamma   90.00
#
_symmetry.space_group_name_H-M   'P 21 21 21'
#
loop_
_entity.id
_entity.type
_entity.pdbx_description
1 polymer 'Receptor-type tyrosine-protein phosphatase delta'
2 polymer 'Leucine-rich repeat and fibronectin type III domain-containing protein 1'
3 branched 2-acetamido-2-deoxy-beta-D-glucopyranose-(1-4)-2-acetamido-2-deoxy-beta-D-glucopyranose
4 non-polymer 2-acetamido-2-deoxy-beta-D-glucopyranose
5 non-polymer '2-(N-MORPHOLINO)-ETHANESULFONIC ACID'
#
loop_
_entity_poly.entity_id
_entity_poly.type
_entity_poly.pdbx_seq_one_letter_code
_entity_poly.pdbx_strand_id
1 'polypeptide(L)'
;LMGCVAETPPRFTRTPVDQTGVSGGVASFICQATGDPRPKIVWNKKGKKVSNQRFEVIEFDDGSGSVLRIQPLRTPRDEA
IYECVASNNVGEISVSTRLTVLREDQIPRGFPTIDMGPQLKVVERTRTATMLCAASGNPDPEITWFKDFLPVDTSNNNGR
IKQLRSESIGGTPIRGALQIEQSEESDQGKYECVATNSAGTRYSAPANLYVRELREVRRVPPRFSIPPTNHEIMPGGSVN
ITCVAVGSPMPYVKWMLGAEDLTPEDDMPIGRNVLELNDVRQSANYTCVAMSTLGVIEAIAQITVKAHHHHHH
;
A,C
2 'polypeptide(L)'
;QPCPGRCICQNVAPTLTMLCAKTGLLFVPPAIDRRVVELRLTDNFIAAVRRRDFANMTSLVHLTLSRNTIGQVAAGAFAD
LRALRALHLDSNRLAEVRGDQLRGLGNLRHLILGNNQIRKVESAAFDAFLSTVEDLDLSYNNLEALPWEAVGQMVNLNTL
TLDHNLIDHIAEGTFVQLHKLVRLDMTSNRLHKLPPDGLFLRSQGGGPKPPTPLTVSFGGNPLHCNCELLWLRRLTREDD
LETCATPEHLTDRYFWSIPEEEFLCEPPLITRQAGGRALVVEGQAVSLRCRAVGDPEPVVHWVAPDGRLLGNSSRTRVRG
DGTLDVTITTLRDSGTFTCIASNAAGEATAPVEVCVVPLHHHHHH
;
B,D
#
loop_
_chem_comp.id
_chem_comp.type
_chem_comp.name
_chem_comp.formula
MES non-polymer '2-(N-MORPHOLINO)-ETHANESULFONIC ACID' 'C6 H13 N O4 S'
NAG D-saccharide, beta linking 2-acetamido-2-deoxy-beta-D-glucopyranose 'C8 H15 N O6'
#
# COMPACT_ATOMS: atom_id res chain seq x y z
N GLU A 7 36.14 -1.24 71.62
CA GLU A 7 35.32 -0.61 70.59
C GLU A 7 36.09 0.50 69.86
N THR A 8 35.57 0.90 68.70
CA THR A 8 36.22 1.92 67.88
C THR A 8 35.20 2.82 67.19
N PRO A 9 35.30 4.14 67.40
CA PRO A 9 34.42 5.11 66.76
C PRO A 9 34.54 5.11 65.25
N PRO A 10 33.44 5.39 64.54
CA PRO A 10 33.35 5.36 63.08
C PRO A 10 34.39 6.24 62.38
N ARG A 11 34.87 5.78 61.23
CA ARG A 11 35.73 6.60 60.38
C ARG A 11 35.30 6.42 58.94
N PHE A 12 35.29 7.51 58.18
CA PHE A 12 34.88 7.46 56.80
C PHE A 12 35.97 6.89 55.90
N THR A 13 35.60 5.88 55.11
CA THR A 13 36.53 5.29 54.15
C THR A 13 36.27 5.85 52.75
N ARG A 14 35.02 6.21 52.50
CA ARG A 14 34.64 6.91 51.27
C ARG A 14 33.49 7.88 51.54
N THR A 15 33.68 9.14 51.15
CA THR A 15 32.66 10.17 51.34
C THR A 15 32.17 10.69 49.99
N PRO A 16 30.87 11.00 49.90
CA PRO A 16 30.32 11.49 48.63
C PRO A 16 30.86 12.88 48.30
N VAL A 17 30.80 13.25 47.02
CA VAL A 17 31.28 14.55 46.58
C VAL A 17 30.17 15.36 45.94
N ASP A 18 30.46 16.62 45.61
CA ASP A 18 29.46 17.49 44.99
C ASP A 18 29.17 17.03 43.57
N GLN A 19 27.91 16.71 43.31
CA GLN A 19 27.50 16.19 42.01
C GLN A 19 26.69 17.22 41.24
N THR A 20 26.67 17.10 39.92
CA THR A 20 25.88 17.99 39.06
C THR A 20 25.33 17.23 37.85
N GLY A 21 24.19 16.58 38.03
CA GLY A 21 23.61 15.78 36.96
C GLY A 21 22.47 16.48 36.24
N VAL A 22 21.97 15.85 35.18
CA VAL A 22 20.89 16.42 34.39
C VAL A 22 19.53 15.90 34.83
N SER A 23 18.48 16.62 34.47
CA SER A 23 17.12 16.23 34.81
C SER A 23 16.72 14.95 34.09
N GLY A 24 16.00 14.08 34.79
CA GLY A 24 15.58 12.81 34.22
C GLY A 24 16.67 11.77 34.29
N GLY A 25 17.88 12.20 34.64
CA GLY A 25 19.02 11.33 34.74
C GLY A 25 19.14 10.64 36.08
N VAL A 26 20.38 10.38 36.49
CA VAL A 26 20.63 9.68 37.74
C VAL A 26 21.66 10.44 38.58
N ALA A 27 21.55 10.32 39.90
CA ALA A 27 22.56 10.84 40.80
C ALA A 27 22.76 9.87 41.97
N SER A 28 23.98 9.37 42.11
CA SER A 28 24.28 8.44 43.18
C SER A 28 25.29 9.01 44.16
N PHE A 29 25.00 8.83 45.45
CA PHE A 29 25.91 9.25 46.50
C PHE A 29 26.43 8.03 47.25
N ILE A 30 27.74 7.81 47.14
CA ILE A 30 28.38 6.68 47.80
C ILE A 30 28.91 7.07 49.17
N CYS A 31 28.65 6.24 50.17
CA CYS A 31 29.14 6.50 51.51
C CYS A 31 29.52 5.21 52.23
N GLN A 32 30.78 5.12 52.63
CA GLN A 32 31.29 3.94 53.33
C GLN A 32 32.06 4.33 54.59
N ALA A 33 31.97 3.51 55.62
CA ALA A 33 32.67 3.76 56.87
C ALA A 33 33.04 2.45 57.57
N THR A 34 33.92 2.54 58.55
CA THR A 34 34.36 1.36 59.31
C THR A 34 34.49 1.67 60.79
N GLY A 35 34.26 0.64 61.62
CA GLY A 35 34.36 0.81 63.06
C GLY A 35 33.97 -0.44 63.83
N ASP A 36 33.98 -0.33 65.15
CA ASP A 36 33.63 -1.44 66.03
C ASP A 36 32.68 -0.96 67.12
N PRO A 37 31.40 -1.38 67.06
CA PRO A 37 30.81 -2.28 66.07
C PRO A 37 30.55 -1.64 64.71
N ARG A 38 29.92 -2.38 63.81
CA ARG A 38 29.65 -1.90 62.45
C ARG A 38 28.80 -0.64 62.44
N PRO A 39 29.28 0.38 61.71
CA PRO A 39 28.55 1.64 61.57
C PRO A 39 27.32 1.49 60.68
N LYS A 40 26.20 2.09 61.08
CA LYS A 40 25.02 2.14 60.24
C LYS A 40 24.91 3.52 59.59
N ILE A 41 24.60 3.54 58.30
CA ILE A 41 24.59 4.79 57.55
C ILE A 41 23.18 5.26 57.19
N VAL A 42 22.85 6.48 57.59
CA VAL A 42 21.54 7.06 57.32
C VAL A 42 21.69 8.30 56.43
N TRP A 43 20.80 8.42 55.44
CA TRP A 43 20.82 9.56 54.54
C TRP A 43 19.75 10.59 54.93
N ASN A 44 20.13 11.87 54.90
CA ASN A 44 19.22 12.94 55.25
C ASN A 44 19.18 14.04 54.19
N LYS A 45 18.01 14.64 54.01
CA LYS A 45 17.86 15.82 53.17
C LYS A 45 17.22 16.93 53.97
N LYS A 46 17.94 18.04 54.13
CA LYS A 46 17.49 19.18 54.92
C LYS A 46 17.12 18.79 56.35
N GLY A 47 17.88 17.84 56.91
CA GLY A 47 17.70 17.44 58.30
C GLY A 47 16.92 16.15 58.52
N LYS A 48 15.91 15.91 57.70
CA LYS A 48 15.08 14.72 57.86
C LYS A 48 15.58 13.57 57.00
N LYS A 49 15.36 12.34 57.46
CA LYS A 49 15.72 11.14 56.71
C LYS A 49 14.98 11.08 55.37
N VAL A 50 15.71 10.78 54.30
CA VAL A 50 15.13 10.75 52.96
C VAL A 50 14.02 9.71 52.84
N SER A 51 12.91 10.12 52.22
CA SER A 51 11.77 9.25 52.02
C SER A 51 10.99 9.66 50.78
N ASN A 52 11.31 9.04 49.66
CA ASN A 52 10.67 9.35 48.39
C ASN A 52 10.71 8.14 47.45
N GLN A 53 9.78 8.10 46.50
CA GLN A 53 9.70 7.00 45.56
C GLN A 53 10.92 6.95 44.64
N ARG A 54 11.41 8.14 44.26
CA ARG A 54 12.55 8.24 43.35
C ARG A 54 13.87 8.09 44.10
N PHE A 55 13.78 8.02 45.43
CA PHE A 55 14.96 7.89 46.27
C PHE A 55 15.09 6.48 46.83
N GLU A 56 16.13 5.77 46.42
CA GLU A 56 16.40 4.45 46.95
C GLU A 56 17.80 4.35 47.53
N VAL A 57 17.91 3.69 48.68
CA VAL A 57 19.18 3.48 49.33
C VAL A 57 19.63 2.03 49.20
N ILE A 58 20.78 1.83 48.58
CA ILE A 58 21.33 0.50 48.35
C ILE A 58 22.56 0.25 49.20
N GLU A 59 22.48 -0.70 50.12
CA GLU A 59 23.59 -0.99 51.02
C GLU A 59 24.58 -1.97 50.41
N PHE A 60 25.87 -1.74 50.70
CA PHE A 60 26.93 -2.62 50.22
C PHE A 60 26.84 -4.01 50.80
N ASP A 61 27.47 -4.96 50.12
CA ASP A 61 27.47 -6.36 50.55
C ASP A 61 28.33 -6.55 51.78
N ASP A 62 29.32 -5.69 51.95
CA ASP A 62 30.19 -5.74 53.13
C ASP A 62 29.47 -5.25 54.37
N GLY A 63 28.50 -4.37 54.17
CA GLY A 63 27.80 -3.72 55.27
C GLY A 63 28.62 -2.51 55.66
N SER A 64 29.58 -2.19 54.80
CA SER A 64 30.50 -1.09 55.02
C SER A 64 29.85 0.25 54.75
N GLY A 65 28.63 0.23 54.21
CA GLY A 65 27.93 1.45 53.90
C GLY A 65 26.77 1.27 52.96
N SER A 66 26.33 2.37 52.36
CA SER A 66 25.21 2.33 51.44
C SER A 66 25.34 3.40 50.36
N VAL A 67 24.49 3.31 49.34
CA VAL A 67 24.49 4.27 48.25
C VAL A 67 23.11 4.88 48.04
N LEU A 68 23.02 6.20 48.15
CA LEU A 68 21.77 6.90 47.89
C LEU A 68 21.62 7.15 46.40
N ARG A 69 20.63 6.51 45.79
CA ARG A 69 20.39 6.65 44.37
C ARG A 69 19.13 7.48 44.11
N ILE A 70 19.27 8.50 43.28
CA ILE A 70 18.14 9.35 42.91
C ILE A 70 17.88 9.25 41.41
N GLN A 71 16.70 8.75 41.06
CA GLN A 71 16.33 8.57 39.66
C GLN A 71 14.82 8.44 39.50
N PRO A 72 14.24 9.18 38.54
CA PRO A 72 14.93 10.16 37.69
C PRO A 72 15.07 11.52 38.39
N LEU A 73 16.10 12.27 38.03
CA LEU A 73 16.36 13.56 38.67
C LEU A 73 15.31 14.59 38.29
N ARG A 74 14.65 15.15 39.31
CA ARG A 74 13.67 16.21 39.11
C ARG A 74 14.20 17.52 39.67
N THR A 75 14.28 18.54 38.82
CA THR A 75 14.78 19.84 39.25
C THR A 75 13.63 20.84 39.41
N PRO A 76 13.67 21.65 40.48
CA PRO A 76 14.71 21.61 41.51
C PRO A 76 14.25 20.96 42.82
N ARG A 77 13.30 20.03 42.74
CA ARG A 77 12.78 19.36 43.93
C ARG A 77 13.85 18.55 44.65
N ASP A 78 14.88 18.13 43.90
CA ASP A 78 15.95 17.32 44.46
C ASP A 78 17.21 18.14 44.71
N GLU A 79 17.28 19.28 44.05
CA GLU A 79 18.42 20.19 44.20
C GLU A 79 18.51 20.74 45.62
N ALA A 80 19.26 20.05 46.47
CA ALA A 80 19.38 20.44 47.87
C ALA A 80 20.69 19.96 48.50
N ILE A 81 20.71 19.86 49.83
CA ILE A 81 21.89 19.39 50.54
C ILE A 81 21.60 18.06 51.23
N TYR A 82 22.36 17.03 50.85
CA TYR A 82 22.20 15.70 51.42
C TYR A 82 23.39 15.37 52.31
N GLU A 83 23.14 14.70 53.43
CA GLU A 83 24.23 14.33 54.33
C GLU A 83 24.22 12.84 54.68
N CYS A 84 25.43 12.33 54.93
CA CYS A 84 25.64 10.94 55.33
C CYS A 84 26.03 10.86 56.79
N VAL A 85 25.24 10.14 57.59
CA VAL A 85 25.53 10.03 59.01
C VAL A 85 25.87 8.60 59.39
N ALA A 86 27.17 8.35 59.62
CA ALA A 86 27.63 7.05 60.07
C ALA A 86 27.73 7.03 61.59
N SER A 87 27.22 5.95 62.20
CA SER A 87 27.20 5.86 63.65
C SER A 87 27.19 4.43 64.17
N ASN A 88 27.84 4.23 65.31
CA ASN A 88 27.76 2.96 66.03
C ASN A 88 27.39 3.22 67.50
N ASN A 89 27.75 2.26 68.35
CA ASN A 89 27.45 2.37 69.77
C ASN A 89 28.32 3.39 70.50
N VAL A 90 29.45 3.72 69.90
CA VAL A 90 30.46 4.54 70.57
C VAL A 90 30.78 5.83 69.80
N GLY A 91 29.98 6.13 68.77
CA GLY A 91 30.23 7.31 67.98
C GLY A 91 29.14 7.70 66.99
N GLU A 92 29.27 8.91 66.44
CA GLU A 92 28.33 9.43 65.46
C GLU A 92 28.95 10.58 64.67
N ILE A 93 29.32 10.31 63.41
CA ILE A 93 29.92 11.33 62.55
C ILE A 93 29.04 11.58 61.34
N SER A 94 29.31 12.66 60.63
CA SER A 94 28.51 13.01 59.45
C SER A 94 29.33 13.74 58.39
N VAL A 95 28.85 13.66 57.15
CA VAL A 95 29.42 14.42 56.05
C VAL A 95 28.27 14.85 55.15
N SER A 96 28.36 16.05 54.60
CA SER A 96 27.27 16.58 53.78
C SER A 96 27.80 17.05 52.43
N THR A 97 26.97 16.91 51.41
CA THR A 97 27.36 17.29 50.05
C THR A 97 26.22 17.98 49.32
N ARG A 98 26.55 18.66 48.22
CA ARG A 98 25.59 19.44 47.46
C ARG A 98 25.17 18.77 46.16
N LEU A 99 23.87 18.72 45.91
CA LEU A 99 23.36 18.19 44.65
C LEU A 99 22.87 19.33 43.75
N THR A 100 23.42 19.38 42.54
CA THR A 100 22.98 20.35 41.55
C THR A 100 22.33 19.62 40.38
N VAL A 101 21.12 20.01 40.01
CA VAL A 101 20.42 19.36 38.91
C VAL A 101 20.09 20.36 37.81
N LEU A 102 20.79 20.24 36.69
CA LEU A 102 20.55 21.12 35.55
C LEU A 102 19.40 20.60 34.72
N ARG A 103 19.01 21.37 33.71
CA ARG A 103 18.08 20.90 32.70
C ARG A 103 18.73 21.03 31.33
N GLU A 104 18.13 20.43 30.31
CA GLU A 104 18.72 20.38 28.98
C GLU A 104 19.01 21.78 28.41
N ASP A 105 18.22 22.75 28.85
CA ASP A 105 18.41 24.13 28.43
C ASP A 105 19.71 24.71 28.97
N GLN A 106 20.12 24.23 30.15
CA GLN A 106 21.26 24.79 30.86
C GLN A 106 22.52 23.95 30.74
N ILE A 107 22.45 22.89 29.92
CA ILE A 107 23.61 22.03 29.72
C ILE A 107 24.69 22.76 28.92
N PRO A 108 25.84 23.00 29.54
CA PRO A 108 26.95 23.73 28.90
C PRO A 108 27.66 22.89 27.85
N ARG A 109 28.26 23.54 26.86
CA ARG A 109 29.10 22.84 25.89
C ARG A 109 30.38 22.39 26.58
N GLY A 110 30.61 21.09 26.60
CA GLY A 110 31.73 20.53 27.34
C GLY A 110 31.24 19.60 28.43
N PHE A 111 29.93 19.65 28.66
CA PHE A 111 29.28 18.74 29.59
C PHE A 111 29.34 17.33 29.04
N PRO A 112 29.68 16.35 29.90
CA PRO A 112 29.84 14.93 29.51
C PRO A 112 28.68 14.39 28.67
N THR A 113 29.02 13.76 27.55
CA THR A 113 28.04 13.15 26.67
C THR A 113 28.48 11.73 26.31
N ILE A 114 27.57 10.77 26.46
CA ILE A 114 27.88 9.39 26.14
C ILE A 114 27.80 9.14 24.63
N ASP A 115 28.96 9.05 24.00
CA ASP A 115 29.04 8.76 22.57
C ASP A 115 28.65 7.31 22.31
N MET A 116 29.17 6.42 23.13
CA MET A 116 28.86 5.00 23.03
C MET A 116 28.68 4.37 24.41
N GLY A 117 27.50 3.81 24.66
CA GLY A 117 27.23 3.17 25.93
C GLY A 117 27.44 1.67 25.88
N PRO A 118 27.43 1.02 27.05
CA PRO A 118 27.57 -0.44 27.12
C PRO A 118 26.39 -1.14 26.48
N GLN A 119 26.63 -2.31 25.87
CA GLN A 119 25.58 -3.06 25.22
C GLN A 119 25.41 -4.43 25.88
N LEU A 120 24.34 -5.13 25.52
CA LEU A 120 24.07 -6.46 26.06
C LEU A 120 25.19 -7.43 25.74
N LYS A 121 25.70 -8.10 26.76
CA LYS A 121 26.78 -9.06 26.57
C LYS A 121 26.56 -10.32 27.38
N VAL A 122 26.94 -11.46 26.80
CA VAL A 122 26.82 -12.74 27.46
C VAL A 122 28.15 -13.46 27.45
N VAL A 123 28.65 -13.79 28.64
CA VAL A 123 29.94 -14.46 28.77
C VAL A 123 29.79 -15.77 29.54
N GLU A 124 30.57 -16.77 29.15
CA GLU A 124 30.58 -18.03 29.86
C GLU A 124 31.43 -17.90 31.13
N ARG A 125 31.18 -18.78 32.09
CA ARG A 125 31.91 -18.76 33.36
C ARG A 125 33.41 -18.94 33.13
N THR A 126 34.22 -18.36 34.03
CA THR A 126 35.67 -18.47 33.97
C THR A 126 36.27 -17.90 32.68
N ARG A 127 35.49 -17.09 31.96
CA ARG A 127 35.97 -16.44 30.76
C ARG A 127 35.99 -14.93 30.94
N THR A 128 36.52 -14.21 29.95
CA THR A 128 36.67 -12.76 30.07
C THR A 128 35.58 -11.99 29.34
N ALA A 129 34.94 -11.06 30.05
CA ALA A 129 33.91 -10.20 29.46
C ALA A 129 34.33 -8.74 29.53
N THR A 130 33.98 -7.98 28.49
CA THR A 130 34.37 -6.57 28.40
C THR A 130 33.18 -5.67 28.07
N MET A 131 32.95 -4.66 28.90
CA MET A 131 31.87 -3.71 28.66
C MET A 131 32.44 -2.36 28.24
N LEU A 132 32.05 -1.90 27.06
CA LEU A 132 32.63 -0.68 26.50
C LEU A 132 31.88 0.58 26.93
N CYS A 133 32.58 1.70 26.91
CA CYS A 133 31.95 3.00 27.17
C CYS A 133 32.84 4.12 26.63
N ALA A 134 32.25 4.97 25.80
CA ALA A 134 32.97 6.10 25.23
C ALA A 134 32.29 7.42 25.56
N ALA A 135 32.97 8.24 26.36
CA ALA A 135 32.41 9.51 26.80
C ALA A 135 33.23 10.69 26.31
N SER A 136 32.54 11.77 25.92
CA SER A 136 33.18 12.99 25.49
C SER A 136 32.89 14.14 26.45
N GLY A 137 33.52 15.28 26.22
CA GLY A 137 33.30 16.45 27.04
C GLY A 137 34.53 17.31 27.24
N ASN A 138 34.33 18.51 27.76
CA ASN A 138 35.42 19.44 28.02
C ASN A 138 35.39 19.92 29.47
N PRO A 139 36.40 19.55 30.26
CA PRO A 139 37.55 18.73 29.86
C PRO A 139 37.22 17.24 29.76
N ASP A 140 38.25 16.43 29.52
CA ASP A 140 38.06 14.99 29.37
C ASP A 140 37.53 14.36 30.65
N PRO A 141 36.33 13.77 30.58
CA PRO A 141 35.69 13.15 31.75
C PRO A 141 36.29 11.80 32.11
N GLU A 142 36.43 11.54 33.40
CA GLU A 142 36.83 10.22 33.87
C GLU A 142 35.62 9.31 33.92
N ILE A 143 35.83 8.02 33.71
CA ILE A 143 34.73 7.07 33.64
C ILE A 143 34.72 6.10 34.81
N THR A 144 33.56 5.93 35.43
CA THR A 144 33.37 4.94 36.49
C THR A 144 32.23 4.01 36.13
N TRP A 145 32.10 2.92 36.87
CA TRP A 145 31.10 1.91 36.55
C TRP A 145 30.18 1.60 37.73
N PHE A 146 28.95 1.21 37.41
CA PHE A 146 27.96 0.85 38.42
C PHE A 146 27.28 -0.48 38.09
N LYS A 147 27.45 -1.46 38.96
CA LYS A 147 26.76 -2.74 38.79
C LYS A 147 25.65 -2.87 39.83
N ASP A 148 24.41 -2.93 39.35
CA ASP A 148 23.24 -3.05 40.22
C ASP A 148 23.19 -1.96 41.27
N PHE A 149 23.30 -0.71 40.83
CA PHE A 149 23.21 0.49 41.67
C PHE A 149 24.41 0.65 42.62
N LEU A 150 25.37 -0.26 42.52
CA LEU A 150 26.57 -0.18 43.36
C LEU A 150 27.82 0.06 42.52
N PRO A 151 28.77 0.83 43.07
CA PRO A 151 30.01 1.15 42.36
C PRO A 151 30.92 -0.07 42.22
N VAL A 152 31.44 -0.27 41.01
CA VAL A 152 32.38 -1.36 40.77
C VAL A 152 33.77 -0.98 41.27
N ASP A 153 34.33 -1.83 42.12
CA ASP A 153 35.64 -1.57 42.70
C ASP A 153 36.78 -1.99 41.78
N THR A 154 37.32 -1.03 41.04
CA THR A 154 38.44 -1.28 40.14
C THR A 154 39.70 -0.58 40.62
N SER A 155 39.67 -0.11 41.86
CA SER A 155 40.83 0.55 42.46
C SER A 155 42.02 -0.40 42.53
N ASN A 156 41.73 -1.67 42.78
CA ASN A 156 42.74 -2.71 42.73
C ASN A 156 43.12 -2.97 41.28
N ASN A 157 44.29 -2.50 40.88
CA ASN A 157 44.75 -2.61 39.50
C ASN A 157 45.11 -4.04 39.12
N ASN A 158 45.12 -4.92 40.11
CA ASN A 158 45.50 -6.32 39.92
C ASN A 158 44.44 -7.26 40.46
N GLY A 159 43.23 -7.16 39.94
CA GLY A 159 42.16 -8.06 40.30
C GLY A 159 41.48 -8.57 39.04
N ARG A 160 40.44 -9.39 39.20
CA ARG A 160 39.73 -9.92 38.05
C ARG A 160 39.04 -8.79 37.30
N ILE A 161 38.60 -7.79 38.05
CA ILE A 161 37.90 -6.65 37.47
C ILE A 161 38.81 -5.44 37.35
N LYS A 162 39.11 -5.03 36.13
CA LYS A 162 39.98 -3.90 35.89
C LYS A 162 39.34 -2.90 34.94
N GLN A 163 39.88 -1.69 34.92
CA GLN A 163 39.40 -0.67 34.00
C GLN A 163 40.58 -0.17 33.16
N LEU A 164 40.46 -0.29 31.84
CA LEU A 164 41.57 -0.01 30.94
C LEU A 164 41.86 1.48 30.79
N ARG A 165 43.14 1.83 30.92
CA ARG A 165 43.59 3.20 30.75
C ARG A 165 43.65 3.59 29.27
N SER A 166 44.12 4.79 28.99
CA SER A 166 44.24 5.27 27.62
C SER A 166 45.58 5.95 27.39
N ARG A 175 39.36 5.38 26.34
CA ARG A 175 38.47 4.22 26.40
C ARG A 175 38.63 3.47 27.71
N GLY A 176 37.89 3.90 28.73
CA GLY A 176 37.95 3.29 30.05
C GLY A 176 36.96 2.15 30.23
N ALA A 177 37.04 1.17 29.34
CA ALA A 177 36.11 0.04 29.37
C ALA A 177 36.33 -0.83 30.61
N LEU A 178 35.30 -1.58 30.97
CA LEU A 178 35.37 -2.48 32.12
C LEU A 178 35.65 -3.91 31.68
N GLN A 179 36.77 -4.46 32.13
CA GLN A 179 37.16 -5.81 31.75
C GLN A 179 36.99 -6.79 32.90
N ILE A 180 36.10 -7.76 32.73
CA ILE A 180 35.82 -8.74 33.77
C ILE A 180 36.44 -10.09 33.44
N GLU A 181 37.48 -10.45 34.17
CA GLU A 181 38.18 -11.71 33.95
C GLU A 181 37.67 -12.80 34.89
N GLN A 182 37.75 -14.04 34.43
CA GLN A 182 37.31 -15.20 35.22
C GLN A 182 35.90 -15.00 35.75
N SER A 183 34.94 -14.89 34.83
CA SER A 183 33.57 -14.57 35.19
C SER A 183 32.98 -15.59 36.15
N GLU A 184 32.22 -15.08 37.12
CA GLU A 184 31.46 -15.93 38.02
C GLU A 184 30.01 -15.46 38.07
N GLU A 185 29.14 -16.29 38.62
CA GLU A 185 27.71 -16.01 38.65
C GLU A 185 27.39 -14.67 39.31
N SER A 186 28.24 -14.24 40.24
CA SER A 186 28.03 -12.97 40.94
C SER A 186 28.19 -11.78 40.01
N ASP A 187 28.87 -11.99 38.88
CA ASP A 187 29.11 -10.92 37.93
C ASP A 187 27.89 -10.65 37.06
N GLN A 188 26.94 -11.57 37.08
CA GLN A 188 25.71 -11.41 36.31
C GLN A 188 24.84 -10.33 36.94
N GLY A 189 24.57 -9.28 36.17
CA GLY A 189 23.78 -8.17 36.67
C GLY A 189 23.62 -7.03 35.68
N LYS A 190 23.17 -5.88 36.17
CA LYS A 190 22.93 -4.72 35.33
C LYS A 190 24.02 -3.67 35.51
N TYR A 191 24.74 -3.37 34.42
CA TYR A 191 25.85 -2.44 34.47
C TYR A 191 25.49 -1.11 33.80
N GLU A 192 26.04 -0.02 34.33
CA GLU A 192 25.83 1.29 33.70
C GLU A 192 27.06 2.17 33.88
N CYS A 193 27.40 2.88 32.80
CA CYS A 193 28.60 3.71 32.76
C CYS A 193 28.34 5.13 33.23
N VAL A 194 29.32 5.71 33.92
CA VAL A 194 29.17 7.07 34.45
C VAL A 194 30.33 8.00 34.03
N ALA A 195 30.00 9.12 33.41
CA ALA A 195 30.99 10.09 32.99
C ALA A 195 30.95 11.34 33.86
N THR A 196 32.07 11.68 34.48
CA THR A 196 32.13 12.83 35.40
C THR A 196 33.36 13.70 35.17
N ASN A 197 33.13 14.99 34.96
CA ASN A 197 34.22 15.96 34.92
C ASN A 197 33.94 17.11 35.88
N SER A 198 34.65 18.22 35.72
CA SER A 198 34.44 19.38 36.58
C SER A 198 33.12 20.08 36.26
N ALA A 199 32.57 19.78 35.10
CA ALA A 199 31.31 20.40 34.66
C ALA A 199 30.09 19.68 35.21
N GLY A 200 30.14 18.35 35.24
CA GLY A 200 29.03 17.57 35.75
C GLY A 200 29.14 16.07 35.59
N THR A 201 28.00 15.39 35.63
CA THR A 201 27.95 13.94 35.62
C THR A 201 26.80 13.42 34.76
N ARG A 202 27.10 12.50 33.85
CA ARG A 202 26.08 11.91 32.99
C ARG A 202 26.11 10.38 33.04
N TYR A 203 24.95 9.77 33.19
CA TYR A 203 24.84 8.32 33.18
C TYR A 203 24.51 7.79 31.79
N SER A 204 25.02 6.60 31.49
CA SER A 204 24.68 5.93 30.24
C SER A 204 23.49 5.02 30.47
N ALA A 205 22.95 4.48 29.39
CA ALA A 205 21.88 3.51 29.49
C ALA A 205 22.39 2.24 30.17
N PRO A 206 21.51 1.53 30.88
CA PRO A 206 21.91 0.27 31.52
C PRO A 206 22.11 -0.84 30.50
N ALA A 207 22.97 -1.81 30.82
CA ALA A 207 23.20 -2.95 29.94
C ALA A 207 23.38 -4.20 30.79
N ASN A 208 22.71 -5.28 30.41
CA ASN A 208 22.74 -6.51 31.19
C ASN A 208 23.90 -7.42 30.82
N LEU A 209 24.54 -8.00 31.82
CA LEU A 209 25.55 -9.01 31.60
C LEU A 209 25.04 -10.35 32.11
N TYR A 210 25.06 -11.36 31.24
CA TYR A 210 24.59 -12.69 31.62
C TYR A 210 25.74 -13.68 31.68
N VAL A 211 25.71 -14.54 32.68
CA VAL A 211 26.74 -15.57 32.83
C VAL A 211 26.16 -16.96 32.65
N ARG A 212 26.57 -17.62 31.57
CA ARG A 212 26.15 -18.99 31.30
C ARG A 212 27.27 -19.95 31.66
N GLU A 213 26.96 -21.24 31.74
CA GLU A 213 27.96 -22.23 32.16
C GLU A 213 29.06 -22.39 31.13
N LEU A 214 30.23 -22.87 31.58
CA LEU A 214 31.37 -23.07 30.70
C LEU A 214 31.15 -24.23 29.74
N ARG A 215 31.18 -23.93 28.44
CA ARG A 215 31.08 -24.96 27.42
C ARG A 215 32.45 -25.30 26.84
N GLU A 216 33.01 -26.42 27.26
CA GLU A 216 34.35 -26.83 26.84
C GLU A 216 34.40 -27.18 25.36
N VAL A 217 34.81 -26.23 24.54
CA VAL A 217 34.99 -26.48 23.11
C VAL A 217 36.47 -26.39 22.76
N ARG A 218 36.91 -27.21 21.82
CA ARG A 218 38.33 -27.24 21.45
C ARG A 218 38.68 -26.12 20.49
N ARG A 219 39.80 -25.46 20.76
CA ARG A 219 40.25 -24.34 19.93
C ARG A 219 41.47 -24.68 19.09
N VAL A 220 41.29 -24.74 17.78
CA VAL A 220 42.37 -25.08 16.86
C VAL A 220 42.47 -24.06 15.74
N PRO A 221 43.65 -23.45 15.56
CA PRO A 221 43.90 -22.48 14.51
C PRO A 221 43.59 -23.02 13.12
N PRO A 222 43.29 -22.13 12.15
CA PRO A 222 42.93 -22.52 10.78
C PRO A 222 43.99 -23.35 10.07
N ARG A 223 43.57 -24.43 9.43
CA ARG A 223 44.47 -25.31 8.70
C ARG A 223 43.86 -25.70 7.37
N PHE A 224 44.63 -25.53 6.30
CA PHE A 224 44.17 -25.89 4.95
C PHE A 224 44.06 -27.40 4.77
N SER A 225 42.84 -27.90 4.79
CA SER A 225 42.58 -29.30 4.51
C SER A 225 42.80 -29.58 3.03
N ILE A 226 42.31 -28.68 2.19
CA ILE A 226 42.52 -28.78 0.74
C ILE A 226 43.04 -27.45 0.20
N PRO A 227 44.37 -27.30 0.16
CA PRO A 227 45.04 -26.09 -0.37
C PRO A 227 44.85 -25.94 -1.87
N PRO A 228 45.05 -24.71 -2.38
CA PRO A 228 44.93 -24.43 -3.82
C PRO A 228 46.03 -25.08 -4.64
N THR A 229 45.65 -25.72 -5.75
CA THR A 229 46.60 -26.37 -6.65
C THR A 229 47.06 -25.40 -7.73
N ASN A 230 48.23 -25.65 -8.30
CA ASN A 230 48.71 -24.87 -9.44
C ASN A 230 48.09 -25.40 -10.73
N HIS A 231 47.50 -24.51 -11.51
CA HIS A 231 46.83 -24.90 -12.74
C HIS A 231 47.40 -24.20 -13.96
N GLU A 232 47.55 -24.96 -15.05
CA GLU A 232 48.03 -24.42 -16.31
C GLU A 232 46.84 -24.28 -17.25
N ILE A 233 46.83 -23.20 -18.04
CA ILE A 233 45.66 -22.88 -18.84
C ILE A 233 46.00 -22.28 -20.21
N MET A 234 45.08 -22.44 -21.16
CA MET A 234 45.20 -21.87 -22.49
C MET A 234 44.86 -20.38 -22.43
N PRO A 235 45.52 -19.56 -23.26
CA PRO A 235 45.27 -18.11 -23.29
C PRO A 235 43.78 -17.74 -23.35
N GLY A 236 43.26 -17.25 -22.24
CA GLY A 236 41.88 -16.79 -22.16
C GLY A 236 40.85 -17.82 -22.60
N GLY A 237 40.61 -18.84 -21.78
CA GLY A 237 41.25 -18.99 -20.49
C GLY A 237 40.23 -18.88 -19.37
N SER A 238 39.93 -20.02 -18.74
CA SER A 238 39.01 -20.05 -17.62
C SER A 238 39.23 -21.28 -16.76
N VAL A 239 39.35 -21.06 -15.45
CA VAL A 239 39.64 -22.14 -14.51
C VAL A 239 38.98 -21.89 -13.14
N ASN A 240 38.57 -22.97 -12.48
CA ASN A 240 38.06 -22.90 -11.12
C ASN A 240 39.09 -23.45 -10.11
N ILE A 241 39.41 -22.64 -9.11
CA ILE A 241 40.37 -23.03 -8.08
C ILE A 241 39.69 -23.25 -6.74
N THR A 242 39.94 -24.39 -6.12
CA THR A 242 39.28 -24.75 -4.86
C THR A 242 40.20 -24.58 -3.65
N CYS A 243 39.72 -23.86 -2.64
CA CYS A 243 40.47 -23.67 -1.40
C CYS A 243 39.61 -24.00 -0.18
N VAL A 244 40.03 -25.00 0.57
CA VAL A 244 39.28 -25.44 1.74
C VAL A 244 40.12 -25.42 3.02
N ALA A 245 39.60 -24.76 4.06
CA ALA A 245 40.28 -24.69 5.35
C ALA A 245 39.38 -25.18 6.48
N VAL A 246 39.99 -25.70 7.54
CA VAL A 246 39.24 -26.21 8.68
C VAL A 246 39.81 -25.71 10.01
N GLY A 247 39.12 -26.01 11.10
CA GLY A 247 39.55 -25.60 12.42
C GLY A 247 38.41 -25.10 13.30
N SER A 248 38.71 -24.89 14.58
CA SER A 248 37.71 -24.37 15.51
C SER A 248 38.24 -23.13 16.23
N PRO A 249 37.62 -21.97 15.98
CA PRO A 249 36.44 -21.75 15.14
C PRO A 249 36.73 -21.89 13.64
N MET A 250 35.68 -22.15 12.87
CA MET A 250 35.82 -22.40 11.43
C MET A 250 36.25 -21.14 10.69
N PRO A 251 37.29 -21.27 9.86
CA PRO A 251 37.91 -20.14 9.14
C PRO A 251 37.01 -19.52 8.08
N TYR A 252 37.11 -18.21 7.92
CA TYR A 252 36.50 -17.50 6.80
C TYR A 252 37.52 -17.41 5.65
N VAL A 253 37.19 -18.04 4.53
CA VAL A 253 38.12 -18.11 3.40
C VAL A 253 37.86 -17.02 2.35
N LYS A 254 38.92 -16.33 1.92
CA LYS A 254 38.81 -15.29 0.89
C LYS A 254 39.92 -15.44 -0.15
N TRP A 255 39.87 -14.59 -1.18
CA TRP A 255 40.90 -14.61 -2.23
C TRP A 255 41.51 -13.22 -2.44
N MET A 256 42.80 -13.21 -2.79
CA MET A 256 43.50 -11.97 -3.07
C MET A 256 44.41 -12.10 -4.29
N LEU A 257 44.76 -10.97 -4.88
CA LEU A 257 45.77 -10.94 -5.92
C LEU A 257 46.97 -10.14 -5.41
N GLY A 258 47.78 -10.80 -4.58
CA GLY A 258 48.94 -10.16 -3.98
C GLY A 258 48.58 -9.34 -2.76
N ALA A 259 48.23 -8.07 -2.98
CA ALA A 259 47.95 -7.15 -1.88
C ALA A 259 46.46 -6.81 -1.78
N GLU A 260 45.79 -6.73 -2.92
CA GLU A 260 44.40 -6.33 -2.97
C GLU A 260 43.45 -7.52 -3.03
N ASP A 261 42.31 -7.39 -2.36
CA ASP A 261 41.33 -8.46 -2.31
C ASP A 261 40.69 -8.71 -3.67
N LEU A 262 40.46 -9.97 -3.99
CA LEU A 262 39.89 -10.32 -5.29
C LEU A 262 38.41 -10.65 -5.18
N THR A 263 37.95 -10.93 -3.96
CA THR A 263 36.53 -11.22 -3.73
C THR A 263 35.94 -10.15 -2.81
N PRO A 264 35.73 -8.92 -3.32
CA PRO A 264 35.16 -7.83 -2.51
C PRO A 264 33.65 -7.84 -2.44
N GLU A 265 33.11 -7.23 -1.39
CA GLU A 265 31.66 -7.07 -1.20
C GLU A 265 30.88 -8.38 -1.06
N ASP A 266 31.58 -9.50 -0.99
CA ASP A 266 30.92 -10.79 -0.78
C ASP A 266 30.90 -11.14 0.70
N ASP A 267 29.97 -11.99 1.10
CA ASP A 267 29.94 -12.50 2.45
C ASP A 267 30.88 -13.70 2.51
N MET A 268 31.95 -13.55 3.27
CA MET A 268 33.02 -14.55 3.30
C MET A 268 32.48 -15.90 3.71
N PRO A 269 32.64 -16.90 2.83
CA PRO A 269 32.09 -18.24 3.05
C PRO A 269 32.81 -18.93 4.20
N ILE A 270 32.28 -20.06 4.65
CA ILE A 270 32.83 -20.73 5.81
C ILE A 270 33.50 -22.04 5.42
N GLY A 271 34.83 -22.03 5.45
CA GLY A 271 35.60 -23.23 5.22
C GLY A 271 35.96 -23.52 3.78
N ARG A 272 35.18 -22.99 2.85
CA ARG A 272 35.40 -23.28 1.43
C ARG A 272 35.14 -22.10 0.52
N ASN A 273 36.11 -21.82 -0.36
CA ASN A 273 35.99 -20.75 -1.33
C ASN A 273 36.56 -21.16 -2.68
N VAL A 274 35.70 -21.27 -3.67
CA VAL A 274 36.11 -21.64 -5.02
C VAL A 274 36.17 -20.42 -5.94
N LEU A 275 37.37 -20.10 -6.40
CA LEU A 275 37.58 -18.93 -7.26
C LEU A 275 37.41 -19.25 -8.74
N GLU A 276 36.68 -18.41 -9.46
CA GLU A 276 36.47 -18.60 -10.89
C GLU A 276 37.25 -17.54 -11.69
N LEU A 277 38.10 -18.01 -12.60
CA LEU A 277 38.90 -17.13 -13.44
C LEU A 277 38.37 -17.15 -14.87
N ASN A 278 38.44 -16.00 -15.55
CA ASN A 278 38.00 -15.91 -16.93
C ASN A 278 38.87 -14.98 -17.76
N ASP A 279 39.04 -15.32 -19.04
CA ASP A 279 39.85 -14.54 -19.97
C ASP A 279 41.28 -14.34 -19.46
N VAL A 280 41.88 -15.42 -18.99
CA VAL A 280 43.25 -15.39 -18.49
C VAL A 280 44.24 -15.16 -19.63
N ARG A 281 44.79 -13.95 -19.71
CA ARG A 281 45.68 -13.60 -20.80
C ARG A 281 47.11 -13.37 -20.33
N GLN A 282 47.32 -13.49 -19.01
CA GLN A 282 48.67 -13.35 -18.45
C GLN A 282 48.81 -14.20 -17.20
N SER A 283 50.01 -14.73 -16.99
CA SER A 283 50.29 -15.57 -15.85
C SER A 283 50.30 -14.76 -14.56
N ALA A 284 49.82 -15.37 -13.48
CA ALA A 284 49.73 -14.68 -12.20
C ALA A 284 49.70 -15.65 -11.02
N ASN A 285 49.95 -15.12 -9.83
CA ASN A 285 49.86 -15.87 -8.59
C ASN A 285 48.70 -15.39 -7.73
N TYR A 286 47.78 -16.30 -7.38
CA TYR A 286 46.59 -15.91 -6.63
C TYR A 286 46.61 -16.45 -5.20
N THR A 287 46.45 -15.54 -4.24
CA THR A 287 46.58 -15.88 -2.82
C THR A 287 45.23 -16.19 -2.15
N CYS A 288 45.17 -17.36 -1.50
CA CYS A 288 44.01 -17.77 -0.73
C CYS A 288 44.25 -17.58 0.76
N VAL A 289 43.35 -16.88 1.45
CA VAL A 289 43.53 -16.57 2.86
C VAL A 289 42.38 -17.06 3.75
N ALA A 290 42.74 -17.81 4.80
CA ALA A 290 41.77 -18.28 5.78
C ALA A 290 41.93 -17.57 7.12
N MET A 291 40.82 -17.10 7.69
CA MET A 291 40.88 -16.29 8.90
C MET A 291 39.98 -16.78 10.02
N SER A 292 40.51 -16.75 11.24
CA SER A 292 39.71 -16.96 12.44
C SER A 292 40.27 -16.05 13.52
N THR A 293 39.70 -16.13 14.73
CA THR A 293 40.20 -15.33 15.84
C THR A 293 41.44 -15.97 16.45
N LEU A 294 41.86 -17.08 15.88
CA LEU A 294 43.00 -17.84 16.40
C LEU A 294 44.21 -17.87 15.47
N GLY A 295 44.07 -17.32 14.27
CA GLY A 295 45.17 -17.29 13.33
C GLY A 295 44.78 -16.94 11.91
N VAL A 296 45.78 -16.61 11.10
CA VAL A 296 45.58 -16.26 9.70
C VAL A 296 46.60 -16.97 8.82
N ILE A 297 46.14 -17.92 8.02
CA ILE A 297 47.04 -18.68 7.15
C ILE A 297 46.81 -18.33 5.68
N GLU A 298 47.85 -18.51 4.86
CA GLU A 298 47.77 -18.17 3.44
C GLU A 298 48.26 -19.31 2.55
N ALA A 299 47.91 -19.24 1.28
CA ALA A 299 48.38 -20.20 0.27
C ALA A 299 48.18 -19.63 -1.12
N ILE A 300 49.24 -19.68 -1.93
CA ILE A 300 49.17 -19.12 -3.28
C ILE A 300 49.07 -20.21 -4.34
N ALA A 301 48.37 -19.91 -5.43
CA ALA A 301 48.27 -20.82 -6.56
C ALA A 301 48.85 -20.17 -7.80
N GLN A 302 49.77 -20.89 -8.45
CA GLN A 302 50.44 -20.37 -9.63
C GLN A 302 49.64 -20.66 -10.89
N ILE A 303 49.09 -19.62 -11.50
CA ILE A 303 48.32 -19.75 -12.73
C ILE A 303 49.11 -19.25 -13.92
N THR A 304 49.42 -20.15 -14.86
CA THR A 304 50.24 -19.80 -16.01
C THR A 304 49.50 -19.91 -17.34
N VAL A 305 49.92 -19.09 -18.29
CA VAL A 305 49.35 -19.06 -19.64
C VAL A 305 50.36 -19.58 -20.68
N LYS A 306 50.22 -20.85 -21.05
CA LYS A 306 51.13 -21.45 -22.02
C LYS A 306 50.60 -21.33 -23.45
N ALA A 307 51.51 -21.11 -24.39
CA ALA A 307 51.15 -20.95 -25.79
C ALA A 307 50.56 -22.23 -26.38
N PRO B 2 -37.22 13.45 13.52
CA PRO B 2 -36.45 13.71 12.31
C PRO B 2 -35.19 12.83 12.21
N CYS B 3 -35.40 11.52 12.07
CA CYS B 3 -34.31 10.56 11.99
C CYS B 3 -34.08 10.16 10.53
N PRO B 4 -32.81 10.07 10.12
CA PRO B 4 -32.49 9.67 8.74
C PRO B 4 -33.04 8.28 8.43
N GLY B 5 -33.36 8.04 7.16
CA GLY B 5 -33.99 6.81 6.75
C GLY B 5 -33.24 5.55 7.13
N ARG B 6 -34.01 4.52 7.48
CA ARG B 6 -33.49 3.19 7.81
C ARG B 6 -32.61 3.20 9.08
N CYS B 7 -32.56 4.34 9.78
CA CYS B 7 -31.80 4.43 11.02
C CYS B 7 -32.72 4.35 12.24
N ILE B 8 -32.19 3.78 13.33
CA ILE B 8 -32.91 3.67 14.59
C ILE B 8 -32.39 4.69 15.61
N CYS B 9 -33.20 5.70 15.90
CA CYS B 9 -32.77 6.78 16.80
C CYS B 9 -33.62 6.91 18.06
N GLN B 10 -32.98 6.78 19.22
CA GLN B 10 -33.63 7.00 20.50
C GLN B 10 -33.25 8.37 21.11
N ASN B 11 -34.22 9.27 21.23
CA ASN B 11 -33.92 10.63 21.69
C ASN B 11 -34.36 10.89 23.14
N VAL B 12 -34.50 9.83 23.91
CA VAL B 12 -34.85 9.97 25.33
C VAL B 12 -33.64 10.24 26.21
N ALA B 13 -33.64 11.40 26.86
CA ALA B 13 -32.56 11.79 27.76
C ALA B 13 -32.35 10.73 28.85
N PRO B 14 -31.09 10.55 29.30
CA PRO B 14 -29.91 11.31 28.90
C PRO B 14 -29.20 10.76 27.66
N THR B 15 -29.34 9.47 27.42
CA THR B 15 -28.60 8.80 26.35
C THR B 15 -29.27 8.94 24.99
N LEU B 16 -28.92 9.98 24.25
CA LEU B 16 -29.38 10.09 22.88
C LEU B 16 -28.53 9.16 22.03
N THR B 17 -29.17 8.11 21.53
CA THR B 17 -28.47 7.07 20.78
C THR B 17 -28.92 7.03 19.32
N MET B 18 -27.96 6.83 18.41
CA MET B 18 -28.27 6.68 16.99
C MET B 18 -27.53 5.49 16.41
N LEU B 19 -28.27 4.57 15.81
CA LEU B 19 -27.69 3.35 15.24
C LEU B 19 -28.04 3.20 13.76
N CYS B 20 -27.01 3.03 12.93
CA CYS B 20 -27.20 2.86 11.50
C CYS B 20 -26.45 1.66 10.95
N ALA B 21 -26.69 0.47 11.50
CA ALA B 21 -26.02 -0.73 11.03
C ALA B 21 -26.69 -1.28 9.77
N LYS B 22 -25.87 -1.55 8.74
CA LYS B 22 -26.34 -2.09 7.47
C LYS B 22 -27.50 -1.30 6.87
N THR B 23 -27.26 -0.02 6.60
CA THR B 23 -28.27 0.83 5.96
C THR B 23 -27.72 1.37 4.65
N GLY B 24 -26.55 0.87 4.26
CA GLY B 24 -25.96 1.21 2.99
C GLY B 24 -25.53 2.66 2.85
N LEU B 25 -25.18 3.29 3.97
CA LEU B 25 -24.73 4.67 3.95
C LEU B 25 -23.51 4.86 3.07
N LEU B 26 -23.46 5.98 2.35
CA LEU B 26 -22.30 6.33 1.55
C LEU B 26 -21.53 7.44 2.23
N PHE B 27 -22.23 8.24 3.03
CA PHE B 27 -21.62 9.32 3.78
C PHE B 27 -22.12 9.30 5.22
N VAL B 28 -21.45 10.05 6.09
CA VAL B 28 -21.94 10.26 7.45
C VAL B 28 -23.13 11.20 7.40
N PRO B 29 -24.30 10.74 7.88
CA PRO B 29 -25.57 11.48 7.82
C PRO B 29 -25.43 12.93 8.28
N PRO B 30 -25.80 13.88 7.41
CA PRO B 30 -25.73 15.31 7.75
C PRO B 30 -26.90 15.72 8.66
N ALA B 31 -26.74 16.84 9.35
CA ALA B 31 -27.77 17.39 10.22
C ALA B 31 -28.22 16.39 11.28
N ILE B 32 -27.27 15.67 11.85
CA ILE B 32 -27.52 14.77 12.97
C ILE B 32 -27.44 15.56 14.28
N ASP B 33 -28.41 15.35 15.16
CA ASP B 33 -28.55 16.13 16.40
C ASP B 33 -27.28 16.16 17.23
N ARG B 34 -26.77 17.37 17.46
CA ARG B 34 -25.48 17.58 18.10
C ARG B 34 -25.47 17.30 19.60
N ARG B 35 -26.62 16.89 20.13
CA ARG B 35 -26.71 16.51 21.55
C ARG B 35 -26.56 15.00 21.70
N VAL B 36 -26.07 14.35 20.65
CA VAL B 36 -25.92 12.90 20.64
C VAL B 36 -24.83 12.44 21.62
N VAL B 37 -25.14 11.38 22.36
CA VAL B 37 -24.21 10.81 23.33
C VAL B 37 -23.57 9.54 22.76
N GLU B 38 -24.38 8.69 22.15
CA GLU B 38 -23.90 7.46 21.53
C GLU B 38 -24.12 7.47 20.03
N LEU B 39 -23.07 7.17 19.27
CA LEU B 39 -23.17 7.15 17.82
C LEU B 39 -22.52 5.91 17.23
N ARG B 40 -23.32 5.09 16.55
CA ARG B 40 -22.84 3.83 15.99
C ARG B 40 -23.16 3.75 14.50
N LEU B 41 -22.11 3.72 13.67
CA LEU B 41 -22.28 3.63 12.23
C LEU B 41 -21.50 2.43 11.68
N THR B 42 -21.86 1.24 12.15
CA THR B 42 -21.15 0.04 11.70
C THR B 42 -21.77 -0.54 10.44
N ASP B 43 -20.99 -1.34 9.73
CA ASP B 43 -21.47 -2.12 8.59
C ASP B 43 -22.13 -1.28 7.50
N ASN B 44 -21.51 -0.17 7.13
CA ASN B 44 -21.97 0.60 5.98
C ASN B 44 -20.87 0.70 4.92
N PHE B 45 -20.95 1.74 4.09
CA PHE B 45 -20.00 1.89 3.00
C PHE B 45 -19.51 3.33 2.89
N ILE B 46 -19.22 3.93 4.03
CA ILE B 46 -18.69 5.29 4.08
C ILE B 46 -17.28 5.33 3.51
N ALA B 47 -17.05 6.22 2.55
CA ALA B 47 -15.78 6.26 1.84
C ALA B 47 -14.75 7.12 2.58
N ALA B 48 -15.19 8.27 3.08
CA ALA B 48 -14.28 9.20 3.73
C ALA B 48 -14.97 9.93 4.88
N VAL B 49 -14.18 10.41 5.84
CA VAL B 49 -14.72 11.17 6.95
C VAL B 49 -14.35 12.65 6.83
N ARG B 50 -15.37 13.47 6.63
CA ARG B 50 -15.19 14.91 6.47
C ARG B 50 -15.25 15.64 7.81
N ARG B 51 -14.64 16.82 7.87
CA ARG B 51 -14.59 17.59 9.10
C ARG B 51 -16.00 18.01 9.53
N ARG B 52 -16.87 18.18 8.54
CA ARG B 52 -18.25 18.58 8.79
C ARG B 52 -19.07 17.48 9.45
N ASP B 53 -18.61 16.24 9.34
CA ASP B 53 -19.36 15.10 9.84
C ASP B 53 -19.56 15.11 11.36
N PHE B 54 -18.50 15.36 12.10
CA PHE B 54 -18.62 15.46 13.56
C PHE B 54 -18.15 16.83 14.01
N ALA B 55 -18.92 17.86 13.64
CA ALA B 55 -18.51 19.23 13.81
C ALA B 55 -18.63 19.72 15.25
N ASN B 56 -19.85 19.74 15.76
CA ASN B 56 -20.14 20.38 17.05
C ASN B 56 -20.64 19.41 18.11
N MET B 57 -20.29 18.13 17.98
CA MET B 57 -20.79 17.10 18.89
C MET B 57 -20.06 17.06 20.25
N THR B 58 -20.25 18.11 21.05
CA THR B 58 -19.54 18.21 22.32
C THR B 58 -20.11 17.32 23.42
N SER B 59 -21.16 16.58 23.09
CA SER B 59 -21.80 15.68 24.06
C SER B 59 -21.50 14.22 23.76
N LEU B 60 -20.91 13.97 22.60
CA LEU B 60 -20.61 12.61 22.16
C LEU B 60 -19.54 11.96 23.03
N VAL B 61 -19.79 10.73 23.47
CA VAL B 61 -18.83 10.04 24.32
C VAL B 61 -18.38 8.70 23.71
N HIS B 62 -19.22 8.11 22.86
CA HIS B 62 -18.89 6.84 22.20
C HIS B 62 -19.11 6.93 20.70
N LEU B 63 -18.06 6.75 19.91
CA LEU B 63 -18.18 6.79 18.46
C LEU B 63 -17.68 5.51 17.82
N THR B 64 -18.56 4.83 17.09
CA THR B 64 -18.23 3.56 16.44
C THR B 64 -18.42 3.63 14.94
N LEU B 65 -17.33 3.45 14.21
CA LEU B 65 -17.35 3.49 12.75
C LEU B 65 -16.81 2.19 12.17
N SER B 66 -17.06 1.10 12.88
CA SER B 66 -16.50 -0.20 12.50
C SER B 66 -17.07 -0.71 11.18
N ARG B 67 -16.25 -1.45 10.45
CA ARG B 67 -16.68 -2.15 9.23
C ARG B 67 -17.30 -1.24 8.18
N ASN B 68 -16.51 -0.28 7.69
CA ASN B 68 -16.90 0.53 6.54
C ASN B 68 -15.81 0.42 5.49
N THR B 69 -15.71 1.43 4.63
CA THR B 69 -14.60 1.52 3.69
C THR B 69 -13.92 2.88 3.81
N ILE B 70 -13.88 3.40 5.05
CA ILE B 70 -13.24 4.68 5.32
C ILE B 70 -11.75 4.61 4.99
N GLY B 71 -11.34 5.35 3.98
CA GLY B 71 -9.96 5.34 3.55
C GLY B 71 -9.26 6.65 3.84
N GLN B 72 -10.03 7.66 4.22
CA GLN B 72 -9.48 8.98 4.47
C GLN B 72 -10.23 9.73 5.56
N VAL B 73 -9.49 10.21 6.55
CA VAL B 73 -10.05 11.03 7.61
C VAL B 73 -9.47 12.44 7.54
N ALA B 74 -10.34 13.42 7.33
CA ALA B 74 -9.91 14.80 7.18
C ALA B 74 -9.31 15.36 8.46
N ALA B 75 -8.46 16.37 8.32
CA ALA B 75 -7.80 16.99 9.46
C ALA B 75 -8.80 17.68 10.39
N GLY B 76 -8.61 17.53 11.69
CA GLY B 76 -9.47 18.15 12.67
C GLY B 76 -10.91 17.70 12.60
N ALA B 77 -11.12 16.47 12.13
CA ALA B 77 -12.46 15.92 12.01
C ALA B 77 -13.07 15.67 13.38
N PHE B 78 -12.20 15.42 14.36
CA PHE B 78 -12.62 15.14 15.71
C PHE B 78 -12.18 16.25 16.66
N ALA B 79 -11.94 17.43 16.11
CA ALA B 79 -11.41 18.56 16.89
C ALA B 79 -12.32 19.03 18.03
N ASP B 80 -13.62 18.81 17.92
CA ASP B 80 -14.57 19.30 18.92
C ASP B 80 -15.26 18.19 19.70
N LEU B 81 -14.66 17.00 19.71
CA LEU B 81 -15.22 15.89 20.45
C LEU B 81 -14.54 15.71 21.82
N ARG B 82 -14.56 16.76 22.64
CA ARG B 82 -13.83 16.75 23.90
C ARG B 82 -14.41 15.78 24.93
N ALA B 83 -15.63 15.32 24.70
CA ALA B 83 -16.30 14.42 25.65
C ALA B 83 -16.17 12.97 25.23
N LEU B 84 -15.48 12.73 24.12
CA LEU B 84 -15.34 11.39 23.56
C LEU B 84 -14.40 10.52 24.39
N ARG B 85 -14.90 9.38 24.86
CA ARG B 85 -14.08 8.43 25.60
C ARG B 85 -13.52 7.35 24.67
N ALA B 86 -14.40 6.78 23.84
CA ALA B 86 -14.00 5.67 22.98
C ALA B 86 -14.15 5.99 21.50
N LEU B 87 -13.22 5.47 20.70
CA LEU B 87 -13.24 5.66 19.26
C LEU B 87 -12.94 4.35 18.54
N HIS B 88 -13.83 3.93 17.66
CA HIS B 88 -13.65 2.69 16.91
C HIS B 88 -13.59 2.94 15.41
N LEU B 89 -12.44 2.61 14.81
CA LEU B 89 -12.25 2.77 13.38
C LEU B 89 -11.78 1.45 12.77
N ASP B 90 -12.05 0.36 13.49
CA ASP B 90 -11.63 -0.95 13.04
C ASP B 90 -12.28 -1.38 11.73
N SER B 91 -11.61 -2.26 11.00
CA SER B 91 -12.11 -2.81 9.75
C SER B 91 -12.42 -1.73 8.72
N ASN B 92 -11.43 -0.90 8.44
CA ASN B 92 -11.54 0.16 7.44
C ASN B 92 -10.31 0.20 6.54
N ARG B 93 -10.13 1.31 5.83
CA ARG B 93 -9.02 1.46 4.89
C ARG B 93 -8.08 2.61 5.23
N LEU B 94 -7.91 2.93 6.51
CA LEU B 94 -6.96 3.96 6.90
C LEU B 94 -5.54 3.55 6.53
N ALA B 95 -4.76 4.50 6.02
CA ALA B 95 -3.40 4.20 5.59
C ALA B 95 -2.35 4.83 6.50
N GLU B 96 -2.76 5.78 7.32
CA GLU B 96 -1.84 6.47 8.22
C GLU B 96 -2.62 7.12 9.36
N VAL B 97 -1.91 7.46 10.44
CA VAL B 97 -2.54 8.15 11.57
C VAL B 97 -1.78 9.44 11.89
N ARG B 98 -2.33 10.58 11.47
CA ARG B 98 -1.67 11.86 11.66
C ARG B 98 -2.12 12.57 12.93
N GLY B 99 -1.36 13.56 13.35
CA GLY B 99 -1.66 14.29 14.57
C GLY B 99 -2.85 15.22 14.41
N ASP B 100 -3.01 15.78 13.22
CA ASP B 100 -4.10 16.73 12.98
C ASP B 100 -5.44 16.01 12.89
N GLN B 101 -5.41 14.69 12.79
CA GLN B 101 -6.65 13.91 12.73
C GLN B 101 -7.18 13.60 14.12
N LEU B 102 -6.27 13.40 15.08
CA LEU B 102 -6.66 13.04 16.43
C LEU B 102 -6.56 14.23 17.39
N ARG B 103 -6.62 15.43 16.84
CA ARG B 103 -6.53 16.63 17.65
C ARG B 103 -7.83 16.92 18.39
N GLY B 104 -7.72 17.24 19.68
CA GLY B 104 -8.86 17.64 20.47
C GLY B 104 -9.61 16.50 21.13
N LEU B 105 -8.99 15.33 21.19
CA LEU B 105 -9.58 14.18 21.86
C LEU B 105 -9.09 14.08 23.30
N GLY B 106 -9.39 15.10 24.10
CA GLY B 106 -8.88 15.22 25.45
C GLY B 106 -9.24 14.07 26.38
N ASN B 107 -10.41 13.47 26.18
CA ASN B 107 -10.89 12.42 27.07
C ASN B 107 -10.81 11.02 26.48
N LEU B 108 -10.14 10.88 25.34
CA LEU B 108 -10.05 9.59 24.67
C LEU B 108 -9.38 8.58 25.58
N ARG B 109 -10.08 7.50 25.88
CA ARG B 109 -9.56 6.48 26.78
C ARG B 109 -9.48 5.13 26.09
N HIS B 110 -10.27 4.96 25.03
CA HIS B 110 -10.22 3.76 24.22
C HIS B 110 -10.05 4.11 22.74
N LEU B 111 -8.97 3.63 22.14
CA LEU B 111 -8.71 3.89 20.72
C LEU B 111 -8.50 2.58 19.98
N ILE B 112 -9.42 2.27 19.07
CA ILE B 112 -9.33 1.02 18.31
C ILE B 112 -9.17 1.29 16.82
N LEU B 113 -8.02 0.90 16.29
CA LEU B 113 -7.72 1.07 14.87
C LEU B 113 -7.37 -0.25 14.21
N GLY B 114 -7.87 -1.35 14.80
CA GLY B 114 -7.58 -2.68 14.29
C GLY B 114 -8.04 -2.89 12.87
N ASN B 115 -7.46 -3.89 12.20
CA ASN B 115 -7.85 -4.30 10.86
C ASN B 115 -7.94 -3.14 9.86
N ASN B 116 -6.86 -2.37 9.77
CA ASN B 116 -6.74 -1.35 8.72
C ASN B 116 -5.48 -1.62 7.91
N GLN B 117 -5.06 -0.63 7.12
CA GLN B 117 -3.82 -0.74 6.37
C GLN B 117 -2.88 0.39 6.74
N ILE B 118 -2.83 0.71 8.03
CA ILE B 118 -1.99 1.80 8.54
C ILE B 118 -0.51 1.50 8.36
N ARG B 119 0.14 2.28 7.50
CA ARG B 119 1.55 2.08 7.16
C ARG B 119 2.47 2.83 8.11
N LYS B 120 2.00 3.99 8.59
CA LYS B 120 2.80 4.82 9.47
C LYS B 120 1.95 5.58 10.49
N VAL B 121 2.39 5.55 11.75
CA VAL B 121 1.78 6.36 12.78
C VAL B 121 2.69 7.55 13.08
N GLU B 122 2.17 8.75 12.87
CA GLU B 122 2.95 9.96 13.14
C GLU B 122 3.40 10.01 14.59
N SER B 123 4.68 10.33 14.79
CA SER B 123 5.21 10.51 16.13
C SER B 123 4.43 11.61 16.82
N ALA B 124 4.03 11.35 18.07
CA ALA B 124 3.26 12.29 18.85
C ALA B 124 1.95 12.67 18.14
N ALA B 125 1.26 11.67 17.62
CA ALA B 125 -0.07 11.86 17.06
C ALA B 125 -1.10 11.49 18.11
N PHE B 126 -0.61 11.05 19.28
CA PHE B 126 -1.47 10.69 20.40
C PHE B 126 -1.46 11.78 21.46
N ASP B 127 -0.89 12.93 21.12
CA ASP B 127 -0.67 14.01 22.09
C ASP B 127 -1.93 14.49 22.79
N ALA B 128 -3.07 14.37 22.11
CA ALA B 128 -4.33 14.85 22.67
C ALA B 128 -4.79 14.02 23.87
N PHE B 129 -4.26 12.82 24.01
CA PHE B 129 -4.77 11.90 25.03
C PHE B 129 -3.69 10.97 25.60
N LEU B 130 -2.46 11.46 25.69
CA LEU B 130 -1.34 10.65 26.21
C LEU B 130 -1.56 10.25 27.67
N SER B 131 -2.10 11.15 28.46
CA SER B 131 -2.24 10.93 29.89
C SER B 131 -3.54 10.22 30.26
N THR B 132 -4.44 10.07 29.30
CA THR B 132 -5.77 9.53 29.58
C THR B 132 -5.99 8.14 28.98
N VAL B 133 -5.35 7.87 27.85
CA VAL B 133 -5.58 6.63 27.10
C VAL B 133 -5.30 5.39 27.95
N GLU B 134 -6.23 4.45 27.93
CA GLU B 134 -6.10 3.22 28.69
C GLU B 134 -6.03 2.00 27.77
N ASP B 135 -6.41 2.19 26.51
CA ASP B 135 -6.49 1.08 25.58
C ASP B 135 -6.16 1.51 24.15
N LEU B 136 -5.18 0.85 23.54
CA LEU B 136 -4.78 1.18 22.17
C LEU B 136 -4.61 -0.05 21.30
N ASP B 137 -5.41 -0.14 20.24
CA ASP B 137 -5.37 -1.28 19.34
C ASP B 137 -4.92 -0.87 17.94
N LEU B 138 -3.82 -1.46 17.48
CA LEU B 138 -3.33 -1.24 16.12
C LEU B 138 -3.09 -2.56 15.43
N SER B 139 -3.81 -3.59 15.87
CA SER B 139 -3.65 -4.94 15.33
C SER B 139 -4.10 -5.03 13.87
N TYR B 140 -3.53 -5.98 13.15
CA TYR B 140 -3.85 -6.20 11.75
C TYR B 140 -3.69 -4.94 10.92
N ASN B 141 -2.47 -4.43 10.86
CA ASN B 141 -2.13 -3.29 10.01
C ASN B 141 -0.81 -3.54 9.31
N ASN B 142 -0.23 -2.47 8.75
CA ASN B 142 1.03 -2.58 8.05
C ASN B 142 2.12 -1.74 8.67
N LEU B 143 2.19 -1.74 10.00
CA LEU B 143 3.20 -0.97 10.70
C LEU B 143 4.53 -1.71 10.75
N GLU B 144 5.57 -1.10 10.20
CA GLU B 144 6.92 -1.65 10.32
C GLU B 144 7.66 -0.94 11.44
N ALA B 145 7.20 0.27 11.77
CA ALA B 145 7.80 1.05 12.83
C ALA B 145 6.73 1.58 13.77
N LEU B 146 7.16 2.21 14.85
CA LEU B 146 6.21 2.73 15.83
C LEU B 146 6.85 3.83 16.68
N PRO B 147 6.12 4.93 16.89
CA PRO B 147 6.60 5.99 17.79
C PRO B 147 6.58 5.54 19.25
N TRP B 148 7.57 4.73 19.63
CA TRP B 148 7.64 4.17 20.98
C TRP B 148 7.76 5.26 22.04
N GLU B 149 8.40 6.37 21.67
CA GLU B 149 8.58 7.49 22.59
C GLU B 149 7.24 8.05 23.05
N ALA B 150 6.23 7.95 22.19
CA ALA B 150 4.88 8.37 22.53
C ALA B 150 4.24 7.34 23.44
N VAL B 151 4.46 6.07 23.11
CA VAL B 151 3.89 4.97 23.89
C VAL B 151 4.41 4.99 25.32
N GLY B 152 5.67 5.38 25.48
CA GLY B 152 6.29 5.43 26.80
C GLY B 152 5.70 6.45 27.73
N GLN B 153 4.88 7.36 27.19
CA GLN B 153 4.26 8.41 27.99
C GLN B 153 2.84 8.04 28.41
N MET B 154 2.31 6.97 27.83
CA MET B 154 0.94 6.53 28.12
C MET B 154 0.86 5.80 29.46
N VAL B 155 0.72 6.56 30.53
CA VAL B 155 0.81 6.03 31.88
C VAL B 155 -0.36 5.11 32.24
N ASN B 156 -1.57 5.51 31.84
CA ASN B 156 -2.76 4.76 32.20
C ASN B 156 -3.07 3.61 31.24
N LEU B 157 -2.20 3.40 30.26
CA LEU B 157 -2.39 2.33 29.30
C LEU B 157 -2.27 0.96 29.97
N ASN B 158 -3.24 0.09 29.74
CA ASN B 158 -3.25 -1.23 30.35
C ASN B 158 -3.31 -2.36 29.31
N THR B 159 -3.76 -2.04 28.10
CA THR B 159 -3.81 -3.02 27.03
C THR B 159 -3.33 -2.43 25.71
N LEU B 160 -2.19 -2.92 25.24
CA LEU B 160 -1.65 -2.51 23.94
C LEU B 160 -1.54 -3.73 23.02
N THR B 161 -2.29 -3.71 21.92
CA THR B 161 -2.34 -4.85 21.02
C THR B 161 -1.79 -4.53 19.64
N LEU B 162 -0.82 -5.34 19.20
CA LEU B 162 -0.25 -5.21 17.87
C LEU B 162 -0.21 -6.60 17.21
N ASP B 163 -1.38 -7.23 17.12
CA ASP B 163 -1.50 -8.67 16.80
C ASP B 163 -0.92 -9.08 15.45
N HIS B 164 -0.99 -8.20 14.46
CA HIS B 164 -0.55 -8.59 13.12
C HIS B 164 0.00 -7.42 12.33
N ASN B 165 1.28 -7.13 12.53
CA ASN B 165 1.94 -6.06 11.78
C ASN B 165 3.29 -6.50 11.27
N LEU B 166 4.11 -5.54 10.87
CA LEU B 166 5.44 -5.84 10.35
C LEU B 166 6.53 -5.23 11.22
N ILE B 167 6.22 -5.00 12.50
CA ILE B 167 7.14 -4.34 13.41
C ILE B 167 8.44 -5.12 13.56
N ASP B 168 9.54 -4.45 13.24
CA ASP B 168 10.85 -5.09 13.23
C ASP B 168 11.49 -5.16 14.60
N HIS B 169 11.33 -4.11 15.40
CA HIS B 169 12.01 -4.03 16.68
C HIS B 169 11.25 -3.17 17.69
N ILE B 170 11.38 -3.51 18.97
CA ILE B 170 10.76 -2.74 20.03
C ILE B 170 11.82 -1.95 20.78
N ALA B 171 11.59 -0.65 20.94
CA ALA B 171 12.53 0.22 21.64
C ALA B 171 12.76 -0.28 23.06
N GLU B 172 13.97 -0.09 23.56
CA GLU B 172 14.36 -0.66 24.83
C GLU B 172 13.84 0.16 26.02
N GLY B 173 13.92 1.49 25.91
CA GLY B 173 13.56 2.37 27.01
C GLY B 173 12.08 2.46 27.33
N THR B 174 11.24 1.92 26.45
CA THR B 174 9.79 2.00 26.59
C THR B 174 9.30 1.18 27.80
N PHE B 175 8.02 1.35 28.14
CA PHE B 175 7.34 0.49 29.11
C PHE B 175 7.86 0.59 30.54
N VAL B 176 8.69 1.60 30.81
CA VAL B 176 9.26 1.75 32.15
C VAL B 176 8.30 2.45 33.11
N GLN B 177 7.43 3.30 32.55
CA GLN B 177 6.48 4.05 33.37
C GLN B 177 5.08 3.47 33.30
N LEU B 178 4.89 2.51 32.39
CA LEU B 178 3.59 1.86 32.23
C LEU B 178 3.35 0.79 33.30
N HIS B 179 3.02 1.23 34.50
CA HIS B 179 2.84 0.31 35.63
C HIS B 179 1.48 -0.37 35.57
N LYS B 180 0.55 0.21 34.82
CA LYS B 180 -0.79 -0.34 34.73
C LYS B 180 -0.94 -1.28 33.53
N LEU B 181 0.14 -1.44 32.76
CA LEU B 181 0.11 -2.31 31.59
C LEU B 181 -0.05 -3.78 31.99
N VAL B 182 -1.06 -4.45 31.42
CA VAL B 182 -1.35 -5.82 31.77
C VAL B 182 -1.28 -6.75 30.55
N ARG B 183 -1.44 -6.18 29.37
CA ARG B 183 -1.43 -7.00 28.15
C ARG B 183 -0.70 -6.32 27.00
N LEU B 184 0.31 -7.01 26.47
CA LEU B 184 1.02 -6.54 25.30
C LEU B 184 1.13 -7.64 24.26
N ASP B 185 0.56 -7.41 23.09
CA ASP B 185 0.54 -8.44 22.06
C ASP B 185 1.44 -8.07 20.89
N MET B 186 2.48 -8.87 20.70
CA MET B 186 3.44 -8.68 19.62
C MET B 186 3.44 -9.87 18.68
N THR B 187 2.33 -10.60 18.66
CA THR B 187 2.21 -11.77 17.81
C THR B 187 2.34 -11.35 16.35
N SER B 188 2.81 -12.27 15.51
CA SER B 188 2.90 -12.07 14.07
C SER B 188 3.49 -10.71 13.66
N ASN B 189 4.78 -10.54 13.90
CA ASN B 189 5.51 -9.38 13.39
C ASN B 189 6.81 -9.80 12.73
N ARG B 190 7.79 -8.89 12.70
CA ARG B 190 9.09 -9.18 12.13
C ARG B 190 10.18 -9.10 13.19
N LEU B 191 9.79 -9.32 14.44
CA LEU B 191 10.73 -9.24 15.57
C LEU B 191 11.79 -10.35 15.50
N HIS B 192 13.05 -9.94 15.38
CA HIS B 192 14.15 -10.90 15.40
C HIS B 192 14.56 -11.18 16.84
N LYS B 193 14.35 -10.20 17.71
CA LYS B 193 14.70 -10.34 19.11
C LYS B 193 13.84 -9.42 19.97
N LEU B 194 13.88 -9.66 21.27
CA LEU B 194 13.20 -8.80 22.22
C LEU B 194 14.20 -8.23 23.21
N PRO B 195 14.06 -6.95 23.55
CA PRO B 195 14.96 -6.31 24.52
C PRO B 195 14.71 -6.79 25.94
N PRO B 196 15.76 -6.92 26.75
CA PRO B 196 15.64 -7.34 28.16
C PRO B 196 14.93 -6.30 29.02
N ASP B 197 13.71 -5.95 28.65
CA ASP B 197 12.96 -4.90 29.34
C ASP B 197 12.20 -5.46 30.54
N GLY B 198 11.19 -4.73 30.99
CA GLY B 198 10.30 -5.18 32.05
C GLY B 198 9.25 -6.15 31.56
N LEU B 199 9.64 -7.05 30.66
CA LEU B 199 8.76 -8.08 30.13
C LEU B 199 8.29 -8.98 31.26
N PHE B 200 9.24 -9.39 32.09
CA PHE B 200 8.95 -10.19 33.29
C PHE B 200 8.23 -9.35 34.34
N LEU B 201 7.23 -9.96 34.99
CA LEU B 201 6.52 -9.31 36.08
C LEU B 201 6.47 -10.24 37.29
N PRO B 213 -0.90 -8.29 37.02
CA PRO B 213 -0.21 -9.31 36.22
C PRO B 213 0.25 -8.76 34.87
N LEU B 214 0.77 -9.64 34.01
CA LEU B 214 1.21 -9.22 32.69
C LEU B 214 1.22 -10.39 31.70
N THR B 215 0.70 -10.14 30.50
CA THR B 215 0.70 -11.15 29.45
C THR B 215 1.40 -10.60 28.20
N VAL B 216 2.62 -11.05 27.95
CA VAL B 216 3.36 -10.61 26.78
C VAL B 216 3.46 -11.71 25.74
N SER B 217 2.72 -11.54 24.64
CA SER B 217 2.70 -12.54 23.57
C SER B 217 3.60 -12.12 22.42
N PHE B 218 4.49 -13.02 22.01
CA PHE B 218 5.46 -12.71 20.97
C PHE B 218 5.63 -13.87 19.99
N GLY B 219 4.60 -14.71 19.87
CA GLY B 219 4.64 -15.81 18.92
C GLY B 219 4.56 -15.30 17.49
N GLY B 220 4.79 -16.18 16.53
CA GLY B 220 4.66 -15.83 15.13
C GLY B 220 5.66 -14.82 14.63
N ASN B 221 6.81 -14.76 15.29
CA ASN B 221 7.89 -13.85 14.88
C ASN B 221 9.10 -14.63 14.37
N PRO B 222 9.85 -14.05 13.43
CA PRO B 222 11.07 -14.67 12.90
C PRO B 222 12.23 -14.52 13.87
N LEU B 223 12.09 -15.12 15.05
CA LEU B 223 13.06 -15.00 16.12
C LEU B 223 14.45 -15.45 15.68
N HIS B 224 15.46 -14.65 16.02
CA HIS B 224 16.85 -15.05 15.84
C HIS B 224 17.37 -15.58 17.16
N CYS B 225 17.56 -16.90 17.24
CA CYS B 225 17.84 -17.55 18.50
C CYS B 225 19.32 -17.63 18.85
N ASN B 226 19.86 -16.53 19.38
CA ASN B 226 21.23 -16.51 19.89
C ASN B 226 21.24 -16.17 21.37
N CYS B 227 22.34 -15.58 21.85
CA CYS B 227 22.47 -15.22 23.26
C CYS B 227 21.54 -14.08 23.64
N GLU B 228 21.15 -13.28 22.65
CA GLU B 228 20.35 -12.10 22.90
C GLU B 228 18.94 -12.44 23.35
N LEU B 229 18.57 -13.72 23.24
CA LEU B 229 17.29 -14.19 23.73
C LEU B 229 17.45 -15.20 24.86
N LEU B 230 18.68 -15.37 25.33
CA LEU B 230 18.96 -16.30 26.43
C LEU B 230 18.20 -15.90 27.68
N TRP B 231 18.15 -14.60 27.96
CA TRP B 231 17.48 -14.10 29.16
C TRP B 231 16.01 -14.47 29.17
N LEU B 232 15.40 -14.52 27.99
CA LEU B 232 13.98 -14.82 27.86
C LEU B 232 13.74 -16.32 27.99
N ARG B 233 14.65 -17.11 27.46
CA ARG B 233 14.54 -18.57 27.53
C ARG B 233 14.61 -19.05 28.97
N ARG B 234 15.34 -18.30 29.80
CA ARG B 234 15.50 -18.62 31.21
C ARG B 234 14.21 -18.41 32.01
N LEU B 235 13.29 -17.62 31.45
CA LEU B 235 12.01 -17.37 32.10
C LEU B 235 11.17 -18.62 32.23
N THR B 236 10.14 -18.55 33.06
CA THR B 236 9.19 -19.65 33.20
C THR B 236 7.85 -19.22 32.61
N ARG B 237 7.67 -19.51 31.33
CA ARG B 237 6.44 -19.15 30.62
C ARG B 237 5.83 -20.36 29.91
N GLU B 238 4.54 -20.26 29.63
CA GLU B 238 3.84 -21.32 28.90
C GLU B 238 4.20 -21.25 27.42
N ASP B 239 4.20 -22.40 26.75
CA ASP B 239 4.52 -22.45 25.33
C ASP B 239 3.40 -21.81 24.51
N ASP B 240 3.67 -20.65 23.95
CA ASP B 240 2.71 -19.96 23.10
C ASP B 240 3.07 -20.17 21.63
N LEU B 241 3.63 -21.35 21.35
CA LEU B 241 3.99 -21.76 19.99
C LEU B 241 5.03 -20.84 19.34
N GLU B 242 5.88 -20.23 20.16
CA GLU B 242 6.99 -19.43 19.65
C GLU B 242 7.95 -20.32 18.87
N THR B 243 8.52 -19.78 17.79
CA THR B 243 9.35 -20.56 16.89
C THR B 243 10.55 -19.76 16.39
N CYS B 244 11.68 -20.44 16.21
CA CYS B 244 12.89 -19.81 15.70
C CYS B 244 12.92 -19.84 14.18
N ALA B 245 13.57 -18.85 13.59
CA ALA B 245 13.71 -18.78 12.14
C ALA B 245 15.19 -18.87 11.76
N THR B 246 16.04 -18.35 12.65
CA THR B 246 17.49 -18.38 12.45
C THR B 246 18.18 -18.67 13.78
N PRO B 247 19.36 -19.33 13.73
CA PRO B 247 20.09 -19.79 12.55
C PRO B 247 19.58 -21.12 12.01
N GLU B 248 20.21 -21.63 10.95
CA GLU B 248 19.78 -22.83 10.27
C GLU B 248 19.63 -24.03 11.21
N HIS B 249 20.52 -24.10 12.19
CA HIS B 249 20.52 -25.21 13.13
C HIS B 249 19.22 -25.28 13.94
N LEU B 250 18.57 -24.13 14.10
CA LEU B 250 17.40 -24.03 14.95
C LEU B 250 16.15 -23.60 14.20
N THR B 251 16.22 -23.57 12.87
CA THR B 251 15.09 -23.16 12.05
C THR B 251 13.90 -24.11 12.24
N ASP B 252 12.71 -23.53 12.34
CA ASP B 252 11.46 -24.29 12.50
C ASP B 252 11.37 -24.99 13.85
N ARG B 253 12.29 -24.67 14.75
CA ARG B 253 12.30 -25.29 16.07
C ARG B 253 11.49 -24.46 17.06
N TYR B 254 10.71 -25.12 17.90
CA TYR B 254 9.93 -24.42 18.92
C TYR B 254 10.90 -23.81 19.93
N PHE B 255 10.63 -22.56 20.31
CA PHE B 255 11.53 -21.81 21.18
C PHE B 255 11.78 -22.51 22.52
N TRP B 256 10.71 -22.77 23.25
CA TRP B 256 10.82 -23.31 24.60
C TRP B 256 11.21 -24.78 24.66
N SER B 257 11.40 -25.40 23.49
CA SER B 257 11.82 -26.80 23.43
C SER B 257 13.34 -26.89 23.33
N ILE B 258 13.97 -25.76 23.04
CA ILE B 258 15.41 -25.69 22.89
C ILE B 258 16.11 -25.44 24.23
N PRO B 259 17.07 -26.32 24.58
CA PRO B 259 17.85 -26.16 25.82
C PRO B 259 18.70 -24.89 25.80
N GLU B 260 18.90 -24.28 26.96
CA GLU B 260 19.57 -22.99 27.07
C GLU B 260 20.95 -22.99 26.42
N GLU B 261 21.59 -24.15 26.39
CA GLU B 261 22.96 -24.26 25.91
C GLU B 261 23.11 -24.05 24.40
N GLU B 262 22.01 -24.15 23.66
CA GLU B 262 22.08 -24.08 22.21
C GLU B 262 21.84 -22.68 21.64
N PHE B 263 21.61 -21.71 22.52
CA PHE B 263 21.50 -20.31 22.11
C PHE B 263 22.88 -19.66 22.07
N LEU B 264 23.53 -19.72 20.92
CA LEU B 264 24.93 -19.36 20.80
C LEU B 264 25.17 -18.05 20.09
N CYS B 265 26.13 -17.28 20.61
CA CYS B 265 26.61 -16.08 19.95
C CYS B 265 28.04 -16.31 19.48
N GLU B 266 28.39 -15.76 18.32
CA GLU B 266 29.74 -15.89 17.78
C GLU B 266 30.48 -14.56 17.81
N PRO B 267 31.66 -14.56 18.47
CA PRO B 267 32.52 -13.37 18.60
C PRO B 267 32.85 -12.73 17.25
N PRO B 268 33.09 -11.41 17.25
CA PRO B 268 33.34 -10.66 16.03
C PRO B 268 34.73 -10.94 15.46
N LEU B 269 34.80 -11.05 14.14
CA LEU B 269 36.06 -11.23 13.44
C LEU B 269 36.15 -10.23 12.31
N ILE B 270 37.15 -9.35 12.37
CA ILE B 270 37.30 -8.34 11.35
C ILE B 270 37.99 -8.93 10.13
N THR B 271 37.22 -9.12 9.06
CA THR B 271 37.70 -9.77 7.85
C THR B 271 38.40 -8.83 6.89
N ARG B 272 37.79 -7.66 6.67
CA ARG B 272 38.31 -6.72 5.68
C ARG B 272 38.91 -5.49 6.37
N GLN B 273 40.20 -5.56 6.68
CA GLN B 273 40.91 -4.45 7.29
C GLN B 273 41.51 -3.49 6.28
N ALA B 274 42.04 -2.38 6.77
CA ALA B 274 42.81 -1.44 5.97
C ALA B 274 44.17 -2.06 5.67
N GLY B 275 44.62 -2.89 6.61
CA GLY B 275 45.89 -3.60 6.49
C GLY B 275 46.96 -3.14 7.47
N GLY B 276 46.56 -2.29 8.41
CA GLY B 276 47.46 -1.88 9.48
C GLY B 276 48.33 -0.67 9.22
N ARG B 277 48.21 -0.07 8.04
CA ARG B 277 49.03 1.10 7.70
C ARG B 277 48.41 1.97 6.61
N ALA B 278 48.57 3.28 6.75
CA ALA B 278 48.08 4.25 5.78
C ALA B 278 48.86 5.54 5.89
N LEU B 279 48.90 6.34 4.83
CA LEU B 279 49.66 7.58 4.83
C LEU B 279 49.22 8.57 3.74
N VAL B 280 48.78 9.74 4.17
CA VAL B 280 48.51 10.85 3.24
C VAL B 280 49.11 12.13 3.82
N VAL B 281 49.99 12.77 3.07
CA VAL B 281 50.74 13.92 3.57
C VAL B 281 50.02 15.26 3.40
N GLU B 282 48.94 15.29 2.62
CA GLU B 282 48.20 16.52 2.40
C GLU B 282 46.68 16.41 2.60
N GLY B 283 45.99 17.49 2.24
CA GLY B 283 44.55 17.60 2.44
C GLY B 283 43.71 16.67 1.61
N GLN B 284 44.36 15.99 0.66
CA GLN B 284 43.69 15.05 -0.24
C GLN B 284 42.83 14.06 0.54
N ALA B 285 41.68 13.68 -0.02
CA ALA B 285 40.72 12.83 0.68
C ALA B 285 41.20 11.40 0.89
N VAL B 286 40.90 10.86 2.07
CA VAL B 286 41.28 9.49 2.43
C VAL B 286 40.04 8.68 2.83
N SER B 287 40.16 7.36 2.80
CA SER B 287 39.04 6.49 3.14
C SER B 287 39.52 5.15 3.72
N LEU B 288 38.89 4.73 4.81
CA LEU B 288 39.25 3.47 5.46
C LEU B 288 38.08 2.49 5.49
N ARG B 289 38.37 1.20 5.35
CA ARG B 289 37.35 0.17 5.36
C ARG B 289 37.49 -0.75 6.58
N CYS B 290 36.35 -1.12 7.15
CA CYS B 290 36.31 -2.07 8.25
C CYS B 290 35.01 -2.86 8.23
N ARG B 291 35.13 -4.16 8.01
CA ARG B 291 33.95 -5.02 7.96
C ARG B 291 34.13 -6.21 8.88
N ALA B 292 33.20 -6.35 9.83
CA ALA B 292 33.24 -7.45 10.77
C ALA B 292 32.16 -8.48 10.47
N VAL B 293 32.30 -9.65 11.08
CA VAL B 293 31.32 -10.72 10.90
C VAL B 293 31.19 -11.52 12.20
N GLY B 294 29.97 -11.90 12.55
CA GLY B 294 29.71 -12.69 13.73
C GLY B 294 28.22 -12.85 13.97
N ASP B 295 27.86 -13.41 15.13
CA ASP B 295 26.46 -13.59 15.48
C ASP B 295 26.20 -13.10 16.90
N PRO B 296 25.45 -12.01 17.05
CA PRO B 296 24.83 -11.24 15.95
C PRO B 296 25.84 -10.37 15.21
N GLU B 297 25.41 -9.77 14.10
CA GLU B 297 26.29 -8.95 13.29
C GLU B 297 26.87 -7.80 14.10
N PRO B 298 28.20 -7.78 14.21
CA PRO B 298 28.93 -6.79 15.02
C PRO B 298 28.64 -5.36 14.59
N VAL B 299 28.82 -4.42 15.50
CA VAL B 299 28.65 -3.01 15.20
C VAL B 299 30.02 -2.32 15.17
N VAL B 300 30.30 -1.64 14.07
CA VAL B 300 31.61 -1.02 13.88
C VAL B 300 31.63 0.43 14.37
N HIS B 301 32.63 0.75 15.20
CA HIS B 301 32.84 2.12 15.64
C HIS B 301 34.30 2.51 15.41
N TRP B 302 34.53 3.76 15.04
CA TRP B 302 35.87 4.27 14.80
C TRP B 302 36.28 5.25 15.90
N VAL B 303 37.60 5.37 16.10
CA VAL B 303 38.11 6.30 17.10
C VAL B 303 39.18 7.20 16.48
N ALA B 304 39.21 8.45 16.94
CA ALA B 304 40.24 9.39 16.53
C ALA B 304 41.51 9.15 17.34
N PRO B 305 42.66 9.69 16.87
CA PRO B 305 43.91 9.55 17.62
C PRO B 305 43.78 10.17 19.02
N ASP B 306 42.90 11.15 19.15
CA ASP B 306 42.64 11.81 20.43
C ASP B 306 41.75 10.95 21.34
N GLY B 307 41.41 9.75 20.88
CA GLY B 307 40.58 8.84 21.64
C GLY B 307 39.12 9.24 21.59
N ARG B 308 38.79 10.12 20.66
CA ARG B 308 37.41 10.56 20.46
C ARG B 308 36.70 9.73 19.39
N LEU B 309 35.57 9.14 19.78
CA LEU B 309 34.77 8.35 18.87
C LEU B 309 34.23 9.25 17.76
N LEU B 310 34.26 8.77 16.53
CA LEU B 310 33.78 9.58 15.42
C LEU B 310 32.43 9.10 14.93
N GLY B 311 31.52 10.06 14.81
CA GLY B 311 30.17 9.78 14.37
C GLY B 311 29.84 10.35 13.00
N ASN B 312 28.54 10.41 12.73
CA ASN B 312 28.00 10.90 11.47
C ASN B 312 27.92 12.43 11.41
N SER B 313 29.07 13.09 11.47
CA SER B 313 29.10 14.54 11.56
C SER B 313 29.86 15.15 10.39
N SER B 314 30.29 16.40 10.54
CA SER B 314 30.95 17.12 9.45
C SER B 314 32.31 16.53 9.10
N ARG B 315 32.56 16.45 7.79
CA ARG B 315 33.82 15.95 7.23
C ARG B 315 34.09 14.46 7.47
N THR B 316 33.24 13.81 8.25
CA THR B 316 33.42 12.37 8.53
C THR B 316 32.11 11.60 8.34
N ARG B 317 32.20 10.47 7.64
CA ARG B 317 31.04 9.63 7.38
C ARG B 317 31.30 8.16 7.68
N VAL B 318 30.29 7.48 8.23
CA VAL B 318 30.40 6.05 8.51
C VAL B 318 29.19 5.33 7.89
N ARG B 319 29.45 4.21 7.23
CA ARG B 319 28.41 3.49 6.52
C ARG B 319 27.98 2.23 7.27
N GLY B 320 26.91 1.61 6.79
CA GLY B 320 26.42 0.37 7.37
C GLY B 320 27.43 -0.76 7.22
N ASP B 321 28.24 -0.69 6.17
CA ASP B 321 29.31 -1.67 5.97
C ASP B 321 30.42 -1.50 7.01
N GLY B 322 30.68 -0.25 7.37
CA GLY B 322 31.68 0.06 8.38
C GLY B 322 32.81 0.96 7.89
N THR B 323 32.73 1.38 6.63
CA THR B 323 33.78 2.18 6.03
C THR B 323 33.77 3.62 6.54
N LEU B 324 34.94 4.09 6.98
CA LEU B 324 35.10 5.46 7.47
C LEU B 324 35.66 6.39 6.39
N ASP B 325 34.91 7.42 6.06
CA ASP B 325 35.32 8.37 5.02
C ASP B 325 35.60 9.76 5.59
N VAL B 326 36.83 10.23 5.42
CA VAL B 326 37.21 11.57 5.88
C VAL B 326 37.63 12.43 4.69
N THR B 327 37.05 13.62 4.59
CA THR B 327 37.22 14.47 3.42
C THR B 327 38.40 15.44 3.53
N ILE B 328 38.41 16.28 4.55
CA ILE B 328 39.47 17.27 4.68
C ILE B 328 40.27 17.06 5.95
N THR B 329 41.46 16.47 5.80
CA THR B 329 42.34 16.19 6.92
C THR B 329 43.13 17.41 7.37
N THR B 330 43.28 17.58 8.68
CA THR B 330 44.13 18.63 9.21
C THR B 330 45.57 18.14 9.31
N LEU B 331 45.72 16.86 9.64
CA LEU B 331 47.01 16.19 9.82
C LEU B 331 47.80 16.69 11.03
N ARG B 332 47.27 17.70 11.72
CA ARG B 332 47.90 18.24 12.92
C ARG B 332 47.87 17.21 14.05
N ASP B 333 46.90 16.31 13.96
CA ASP B 333 46.72 15.23 14.92
C ASP B 333 46.84 13.86 14.27
N SER B 334 48.08 13.42 14.04
CA SER B 334 48.30 12.12 13.40
C SER B 334 48.58 11.05 14.44
N GLY B 335 47.86 9.94 14.33
CA GLY B 335 47.99 8.84 15.26
C GLY B 335 47.34 7.56 14.76
N THR B 336 47.00 6.69 15.70
CA THR B 336 46.40 5.40 15.38
C THR B 336 44.87 5.43 15.33
N PHE B 337 44.32 5.29 14.12
CA PHE B 337 42.87 5.19 13.95
C PHE B 337 42.46 3.73 14.13
N THR B 338 41.82 3.43 15.25
CA THR B 338 41.47 2.06 15.56
C THR B 338 40.02 1.75 15.21
N CYS B 339 39.79 0.55 14.70
CA CYS B 339 38.44 0.10 14.39
C CYS B 339 37.97 -0.90 15.44
N ILE B 340 36.78 -0.64 15.99
CA ILE B 340 36.25 -1.50 17.04
C ILE B 340 34.94 -2.17 16.61
N ALA B 341 34.95 -3.50 16.57
CA ALA B 341 33.76 -4.26 16.20
C ALA B 341 33.10 -4.87 17.44
N SER B 342 32.13 -4.17 17.99
CA SER B 342 31.47 -4.61 19.20
C SER B 342 30.42 -5.67 18.91
N ASN B 343 30.28 -6.61 19.83
CA ASN B 343 29.36 -7.73 19.66
C ASN B 343 28.97 -8.31 21.01
N ALA B 344 27.82 -8.98 21.07
CA ALA B 344 27.32 -9.53 22.32
C ALA B 344 28.24 -10.61 22.89
N ALA B 345 29.08 -11.19 22.03
CA ALA B 345 29.95 -12.27 22.46
C ALA B 345 31.40 -11.83 22.62
N GLY B 346 31.68 -10.58 22.29
CA GLY B 346 33.03 -10.05 22.42
C GLY B 346 33.33 -8.87 21.52
N GLU B 347 34.55 -8.38 21.58
CA GLU B 347 34.95 -7.25 20.75
C GLU B 347 36.14 -7.60 19.87
N ALA B 348 36.24 -6.93 18.73
CA ALA B 348 37.38 -7.08 17.84
C ALA B 348 37.99 -5.71 17.52
N THR B 349 39.31 -5.66 17.43
CA THR B 349 40.01 -4.41 17.17
C THR B 349 41.04 -4.53 16.05
N ALA B 350 40.94 -3.66 15.06
CA ALA B 350 41.90 -3.62 13.98
C ALA B 350 42.39 -2.19 13.74
N PRO B 351 43.53 -1.84 14.34
CA PRO B 351 44.12 -0.50 14.30
C PRO B 351 44.85 -0.19 12.99
N VAL B 352 44.82 1.08 12.59
CA VAL B 352 45.57 1.57 11.44
C VAL B 352 46.35 2.80 11.88
N GLU B 353 47.57 2.97 11.35
CA GLU B 353 48.44 4.05 11.79
C GLU B 353 48.72 5.03 10.64
N VAL B 354 48.17 6.23 10.76
CA VAL B 354 48.27 7.23 9.70
C VAL B 354 49.10 8.43 10.15
N CYS B 355 49.61 9.21 9.19
CA CYS B 355 50.40 10.39 9.48
C CYS B 355 50.22 11.47 8.42
N GLU C 7 -55.72 -16.34 -55.07
CA GLU C 7 -54.41 -16.50 -54.43
C GLU C 7 -53.29 -15.98 -55.33
N THR C 8 -52.12 -15.74 -54.74
CA THR C 8 -50.98 -15.23 -55.49
C THR C 8 -49.65 -15.79 -54.97
N PRO C 9 -48.88 -16.44 -55.84
CA PRO C 9 -47.56 -17.00 -55.50
C PRO C 9 -46.56 -15.92 -55.06
N PRO C 10 -45.65 -16.29 -54.14
CA PRO C 10 -44.66 -15.38 -53.54
C PRO C 10 -43.78 -14.67 -54.56
N ARG C 11 -43.41 -13.43 -54.26
CA ARG C 11 -42.44 -12.68 -55.06
C ARG C 11 -41.47 -11.97 -54.11
N PHE C 12 -40.19 -11.95 -54.46
CA PHE C 12 -39.18 -11.35 -53.61
C PHE C 12 -39.20 -9.83 -53.68
N THR C 13 -39.26 -9.18 -52.52
CA THR C 13 -39.22 -7.73 -52.46
C THR C 13 -37.82 -7.25 -52.10
N ARG C 14 -37.10 -8.05 -51.31
CA ARG C 14 -35.69 -7.81 -51.06
C ARG C 14 -34.95 -9.12 -50.83
N THR C 15 -33.85 -9.31 -51.55
CA THR C 15 -33.04 -10.52 -51.44
C THR C 15 -31.66 -10.22 -50.85
N PRO C 16 -31.13 -11.13 -50.03
CA PRO C 16 -29.84 -10.92 -49.36
C PRO C 16 -28.68 -10.88 -50.34
N VAL C 17 -27.56 -10.29 -49.92
CA VAL C 17 -26.37 -10.22 -50.75
C VAL C 17 -25.19 -10.91 -50.10
N ASP C 18 -24.10 -11.04 -50.85
CA ASP C 18 -22.89 -11.68 -50.37
C ASP C 18 -22.15 -10.84 -49.33
N GLN C 19 -21.93 -11.43 -48.15
CA GLN C 19 -21.25 -10.73 -47.06
C GLN C 19 -19.85 -11.27 -46.82
N THR C 20 -18.99 -10.45 -46.24
CA THR C 20 -17.64 -10.86 -45.89
C THR C 20 -17.23 -10.20 -44.58
N GLY C 21 -17.60 -10.82 -43.47
CA GLY C 21 -17.34 -10.26 -42.16
C GLY C 21 -16.14 -10.89 -41.48
N VAL C 22 -15.77 -10.39 -40.31
CA VAL C 22 -14.65 -10.93 -39.56
C VAL C 22 -15.12 -11.94 -38.52
N SER C 23 -14.19 -12.77 -38.05
CA SER C 23 -14.51 -13.76 -37.04
C SER C 23 -14.87 -13.09 -35.72
N GLY C 24 -15.84 -13.66 -35.01
CA GLY C 24 -16.29 -13.11 -33.75
C GLY C 24 -17.29 -11.98 -33.93
N GLY C 25 -17.45 -11.54 -35.17
CA GLY C 25 -18.36 -10.45 -35.50
C GLY C 25 -19.78 -10.92 -35.74
N VAL C 26 -20.48 -10.21 -36.62
CA VAL C 26 -21.87 -10.50 -36.91
C VAL C 26 -22.09 -10.57 -38.43
N ALA C 27 -23.07 -11.39 -38.83
CA ALA C 27 -23.52 -11.42 -40.22
C ALA C 27 -25.02 -11.59 -40.27
N SER C 28 -25.71 -10.63 -40.86
CA SER C 28 -27.17 -10.68 -40.97
C SER C 28 -27.61 -10.77 -42.43
N PHE C 29 -28.56 -11.66 -42.70
CA PHE C 29 -29.12 -11.79 -44.04
C PHE C 29 -30.59 -11.38 -44.07
N ILE C 30 -30.88 -10.33 -44.83
CA ILE C 30 -32.25 -9.83 -44.95
C ILE C 30 -32.95 -10.47 -46.15
N CYS C 31 -34.16 -10.96 -45.93
CA CYS C 31 -34.93 -11.57 -47.01
C CYS C 31 -36.42 -11.29 -46.83
N GLN C 32 -37.02 -10.65 -47.83
CA GLN C 32 -38.44 -10.31 -47.75
C GLN C 32 -39.19 -10.72 -49.01
N ALA C 33 -40.46 -11.09 -48.83
CA ALA C 33 -41.30 -11.50 -49.96
C ALA C 33 -42.76 -11.13 -49.70
N THR C 34 -43.57 -11.21 -50.75
CA THR C 34 -45.00 -10.89 -50.64
C THR C 34 -45.85 -11.86 -51.45
N GLY C 35 -47.08 -12.08 -51.01
CA GLY C 35 -47.98 -12.98 -51.70
C GLY C 35 -49.30 -13.17 -50.99
N ASP C 36 -50.14 -14.05 -51.54
CA ASP C 36 -51.45 -14.33 -50.96
C ASP C 36 -51.69 -15.84 -50.86
N PRO C 37 -51.66 -16.39 -49.64
CA PRO C 37 -51.43 -15.67 -48.38
C PRO C 37 -49.96 -15.28 -48.16
N ARG C 38 -49.65 -14.71 -47.01
CA ARG C 38 -48.29 -14.26 -46.72
C ARG C 38 -47.32 -15.45 -46.74
N PRO C 39 -46.19 -15.28 -47.45
CA PRO C 39 -45.15 -16.30 -47.56
C PRO C 39 -44.40 -16.51 -46.26
N LYS C 40 -44.09 -17.76 -45.93
CA LYS C 40 -43.24 -18.05 -44.78
C LYS C 40 -41.82 -18.29 -45.27
N ILE C 41 -40.85 -17.72 -44.57
CA ILE C 41 -39.47 -17.79 -45.03
C ILE C 41 -38.62 -18.71 -44.18
N VAL C 42 -37.98 -19.67 -44.84
CA VAL C 42 -37.11 -20.64 -44.17
C VAL C 42 -35.67 -20.50 -44.67
N TRP C 43 -34.72 -20.54 -43.74
CA TRP C 43 -33.30 -20.43 -44.08
C TRP C 43 -32.64 -21.79 -44.11
N ASN C 44 -31.80 -22.02 -45.12
CA ASN C 44 -31.11 -23.30 -45.27
C ASN C 44 -29.60 -23.15 -45.43
N LYS C 45 -28.87 -24.13 -44.89
CA LYS C 45 -27.43 -24.21 -45.10
C LYS C 45 -27.06 -25.58 -45.64
N LYS C 46 -26.51 -25.61 -46.86
CA LYS C 46 -26.16 -26.84 -47.55
C LYS C 46 -27.36 -27.78 -47.67
N GLY C 47 -28.54 -27.21 -47.86
CA GLY C 47 -29.74 -28.00 -48.08
C GLY C 47 -30.61 -28.16 -46.85
N LYS C 48 -29.99 -28.24 -45.68
CA LYS C 48 -30.72 -28.45 -44.44
C LYS C 48 -31.10 -27.13 -43.77
N LYS C 49 -32.23 -27.14 -43.08
CA LYS C 49 -32.71 -25.98 -42.33
C LYS C 49 -31.72 -25.62 -41.23
N VAL C 50 -31.40 -24.34 -41.10
CA VAL C 50 -30.41 -23.91 -40.10
C VAL C 50 -30.86 -24.25 -38.69
N SER C 51 -29.92 -24.78 -37.91
CA SER C 51 -30.19 -25.16 -36.54
C SER C 51 -28.90 -25.08 -35.72
N ASN C 52 -28.67 -23.93 -35.11
CA ASN C 52 -27.46 -23.71 -34.32
C ASN C 52 -27.67 -22.67 -33.24
N GLN C 53 -26.85 -22.74 -32.20
CA GLN C 53 -26.93 -21.82 -31.07
C GLN C 53 -26.59 -20.39 -31.47
N ARG C 54 -25.62 -20.25 -32.37
CA ARG C 54 -25.18 -18.93 -32.83
C ARG C 54 -26.04 -18.39 -33.97
N PHE C 55 -26.98 -19.21 -34.43
CA PHE C 55 -27.85 -18.85 -35.54
C PHE C 55 -29.26 -18.53 -35.05
N GLU C 56 -29.68 -17.28 -35.23
CA GLU C 56 -31.03 -16.88 -34.85
C GLU C 56 -31.76 -16.24 -36.03
N VAL C 57 -33.04 -16.61 -36.19
CA VAL C 57 -33.88 -16.05 -37.24
C VAL C 57 -34.88 -15.06 -36.64
N ILE C 58 -34.78 -13.80 -37.08
CA ILE C 58 -35.66 -12.76 -36.57
C ILE C 58 -36.65 -12.30 -37.65
N GLU C 59 -37.93 -12.57 -37.42
CA GLU C 59 -38.95 -12.21 -38.39
C GLU C 59 -39.44 -10.77 -38.20
N PHE C 60 -39.74 -10.11 -39.31
CA PHE C 60 -40.23 -8.74 -39.27
C PHE C 60 -41.59 -8.68 -38.58
N ASP C 61 -41.95 -7.51 -38.07
CA ASP C 61 -43.20 -7.36 -37.34
C ASP C 61 -44.41 -7.42 -38.26
N ASP C 62 -44.24 -7.01 -39.52
CA ASP C 62 -45.29 -7.09 -40.52
C ASP C 62 -45.47 -8.52 -41.03
N GLY C 63 -44.40 -9.32 -40.96
CA GLY C 63 -44.42 -10.67 -41.49
C GLY C 63 -43.96 -10.75 -42.93
N SER C 64 -43.36 -9.66 -43.42
CA SER C 64 -42.92 -9.57 -44.81
C SER C 64 -41.66 -10.39 -45.07
N GLY C 65 -41.07 -10.93 -44.02
CA GLY C 65 -39.88 -11.75 -44.15
C GLY C 65 -39.15 -11.92 -42.82
N SER C 66 -37.89 -12.32 -42.90
CA SER C 66 -37.09 -12.55 -41.69
C SER C 66 -35.62 -12.26 -41.94
N VAL C 67 -34.85 -12.23 -40.86
CA VAL C 67 -33.42 -11.98 -40.95
C VAL C 67 -32.62 -13.07 -40.25
N LEU C 68 -31.75 -13.74 -40.99
CA LEU C 68 -30.87 -14.74 -40.40
C LEU C 68 -29.66 -14.05 -39.80
N ARG C 69 -29.52 -14.13 -38.48
CA ARG C 69 -28.41 -13.50 -37.79
C ARG C 69 -27.42 -14.53 -37.28
N ILE C 70 -26.15 -14.35 -37.62
CA ILE C 70 -25.10 -15.23 -37.16
C ILE C 70 -24.11 -14.45 -36.30
N GLN C 71 -24.00 -14.83 -35.03
CA GLN C 71 -23.13 -14.15 -34.09
C GLN C 71 -22.82 -15.04 -32.89
N PRO C 72 -21.54 -15.17 -32.52
CA PRO C 72 -20.40 -14.58 -33.22
C PRO C 72 -19.95 -15.43 -34.41
N LEU C 73 -19.38 -14.80 -35.42
CA LEU C 73 -18.96 -15.49 -36.63
C LEU C 73 -17.76 -16.40 -36.39
N ARG C 74 -17.93 -17.69 -36.67
CA ARG C 74 -16.85 -18.65 -36.56
C ARG C 74 -16.45 -19.18 -37.94
N THR C 75 -15.19 -19.01 -38.29
CA THR C 75 -14.67 -19.47 -39.58
C THR C 75 -13.85 -20.74 -39.42
N PRO C 76 -13.99 -21.69 -40.35
CA PRO C 76 -14.90 -21.63 -41.49
C PRO C 76 -16.15 -22.50 -41.33
N ARG C 77 -16.60 -22.70 -40.09
CA ARG C 77 -17.79 -23.52 -39.85
C ARG C 77 -19.02 -22.87 -40.48
N ASP C 78 -18.95 -21.56 -40.65
CA ASP C 78 -20.07 -20.80 -41.19
C ASP C 78 -19.85 -20.42 -42.65
N GLU C 79 -18.60 -20.50 -43.10
CA GLU C 79 -18.26 -20.18 -44.49
C GLU C 79 -18.93 -21.17 -45.45
N ALA C 80 -20.13 -20.81 -45.92
CA ALA C 80 -20.87 -21.67 -46.83
C ALA C 80 -21.85 -20.87 -47.68
N ILE C 81 -22.85 -21.55 -48.23
CA ILE C 81 -23.89 -20.89 -49.02
C ILE C 81 -25.25 -21.04 -48.36
N TYR C 82 -25.88 -19.91 -48.04
CA TYR C 82 -27.19 -19.90 -47.40
C TYR C 82 -28.26 -19.46 -48.38
N GLU C 83 -29.44 -20.05 -48.28
CA GLU C 83 -30.52 -19.70 -49.19
C GLU C 83 -31.81 -19.34 -48.46
N CYS C 84 -32.59 -18.46 -49.09
CA CYS C 84 -33.88 -18.02 -48.57
C CYS C 84 -35.02 -18.63 -49.37
N VAL C 85 -35.87 -19.40 -48.70
CA VAL C 85 -36.98 -20.05 -49.39
C VAL C 85 -38.32 -19.53 -48.92
N ALA C 86 -38.96 -18.71 -49.74
CA ALA C 86 -40.29 -18.21 -49.43
C ALA C 86 -41.34 -19.11 -50.07
N SER C 87 -42.36 -19.48 -49.29
CA SER C 87 -43.36 -20.42 -49.79
C SER C 87 -44.71 -20.27 -49.10
N ASN C 88 -45.77 -20.49 -49.87
CA ASN C 88 -47.11 -20.62 -49.34
C ASN C 88 -47.79 -21.86 -49.91
N ASN C 89 -49.12 -21.88 -49.92
CA ASN C 89 -49.85 -23.02 -50.45
C ASN C 89 -49.84 -23.06 -51.98
N VAL C 90 -49.51 -21.92 -52.59
CA VAL C 90 -49.65 -21.78 -54.04
C VAL C 90 -48.31 -21.45 -54.72
N GLY C 91 -47.22 -21.52 -53.97
CA GLY C 91 -45.91 -21.24 -54.53
C GLY C 91 -44.73 -21.57 -53.64
N GLU C 92 -43.54 -21.60 -54.23
CA GLU C 92 -42.31 -21.88 -53.49
C GLU C 92 -41.08 -21.45 -54.30
N ILE C 93 -40.46 -20.33 -53.91
CA ILE C 93 -39.29 -19.82 -54.60
C ILE C 93 -38.08 -19.73 -53.68
N SER C 94 -36.90 -19.53 -54.25
CA SER C 94 -35.68 -19.44 -53.44
C SER C 94 -34.63 -18.52 -54.04
N VAL C 95 -33.76 -18.01 -53.17
CA VAL C 95 -32.59 -17.23 -53.58
C VAL C 95 -31.44 -17.57 -52.63
N SER C 96 -30.22 -17.65 -53.15
CA SER C 96 -29.08 -18.05 -52.32
C SER C 96 -27.91 -17.08 -52.41
N THR C 97 -27.19 -16.96 -51.30
CA THR C 97 -26.02 -16.07 -51.22
C THR C 97 -24.88 -16.74 -50.45
N ARG C 98 -23.67 -16.23 -50.62
CA ARG C 98 -22.49 -16.82 -49.97
C ARG C 98 -21.97 -15.98 -48.82
N LEU C 99 -21.65 -16.63 -47.72
CA LEU C 99 -21.04 -15.95 -46.57
C LEU C 99 -19.56 -16.27 -46.45
N THR C 100 -18.75 -15.22 -46.40
CA THR C 100 -17.31 -15.35 -46.20
C THR C 100 -16.91 -14.78 -44.85
N VAL C 101 -16.16 -15.55 -44.07
CA VAL C 101 -15.73 -15.09 -42.75
C VAL C 101 -14.21 -15.07 -42.63
N LEU C 102 -13.64 -13.87 -42.60
CA LEU C 102 -12.20 -13.70 -42.45
C LEU C 102 -11.78 -13.71 -40.98
N ARG C 103 -10.47 -13.67 -40.75
CA ARG C 103 -9.93 -13.45 -39.41
C ARG C 103 -9.00 -12.23 -39.45
N GLU C 104 -8.60 -11.72 -38.28
CA GLU C 104 -7.81 -10.50 -38.19
C GLU C 104 -6.51 -10.57 -38.98
N ASP C 105 -5.98 -11.78 -39.14
CA ASP C 105 -4.77 -11.98 -39.92
C ASP C 105 -4.98 -11.65 -41.39
N GLN C 106 -6.21 -11.85 -41.87
CA GLN C 106 -6.51 -11.70 -43.28
C GLN C 106 -7.23 -10.39 -43.59
N ILE C 107 -7.40 -9.55 -42.56
CA ILE C 107 -8.06 -8.27 -42.75
C ILE C 107 -7.17 -7.30 -43.53
N PRO C 108 -7.63 -6.88 -44.72
CA PRO C 108 -6.90 -5.96 -45.60
C PRO C 108 -6.95 -4.52 -45.12
N ARG C 109 -5.96 -3.71 -45.49
CA ARG C 109 -6.02 -2.29 -45.23
C ARG C 109 -7.06 -1.68 -46.17
N GLY C 110 -8.09 -1.08 -45.59
CA GLY C 110 -9.21 -0.58 -46.35
C GLY C 110 -10.49 -1.28 -45.95
N PHE C 111 -10.35 -2.33 -45.16
CA PHE C 111 -11.49 -3.01 -44.58
C PHE C 111 -12.16 -2.08 -43.57
N PRO C 112 -13.50 -2.01 -43.61
CA PRO C 112 -14.29 -1.12 -42.74
C PRO C 112 -13.91 -1.22 -41.27
N THR C 113 -13.67 -0.07 -40.65
CA THR C 113 -13.37 -0.02 -39.23
C THR C 113 -14.20 1.05 -38.54
N ILE C 114 -14.86 0.67 -37.45
CA ILE C 114 -15.69 1.58 -36.69
C ILE C 114 -14.82 2.46 -35.79
N ASP C 115 -14.64 3.72 -36.20
CA ASP C 115 -13.85 4.66 -35.41
C ASP C 115 -14.62 5.05 -34.15
N MET C 116 -15.90 5.35 -34.32
CA MET C 116 -16.77 5.68 -33.21
C MET C 116 -18.15 5.05 -33.40
N GLY C 117 -18.56 4.24 -32.43
CA GLY C 117 -19.86 3.58 -32.49
C GLY C 117 -20.91 4.32 -31.70
N PRO C 118 -22.18 3.91 -31.85
CA PRO C 118 -23.29 4.52 -31.11
C PRO C 118 -23.15 4.32 -29.61
N GLN C 119 -23.62 5.28 -28.83
CA GLN C 119 -23.54 5.21 -27.37
C GLN C 119 -24.92 5.23 -26.73
N LEU C 120 -24.97 5.00 -25.43
CA LEU C 120 -26.22 4.97 -24.68
C LEU C 120 -26.98 6.27 -24.82
N LYS C 121 -28.26 6.16 -25.16
CA LYS C 121 -29.09 7.35 -25.37
C LYS C 121 -30.44 7.26 -24.69
N VAL C 122 -30.88 8.38 -24.14
CA VAL C 122 -32.18 8.48 -23.50
C VAL C 122 -32.92 9.70 -24.03
N VAL C 123 -34.08 9.49 -24.64
CA VAL C 123 -34.85 10.59 -25.22
C VAL C 123 -36.28 10.61 -24.67
N GLU C 124 -36.85 11.80 -24.52
CA GLU C 124 -38.24 11.93 -24.11
C GLU C 124 -39.13 11.66 -25.32
N ARG C 125 -40.38 11.29 -25.06
CA ARG C 125 -41.33 10.99 -26.13
C ARG C 125 -41.52 12.22 -27.02
N THR C 126 -41.81 11.97 -28.30
CA THR C 126 -42.05 13.04 -29.28
C THR C 126 -40.88 14.00 -29.45
N ARG C 127 -39.69 13.58 -29.01
CA ARG C 127 -38.50 14.40 -29.15
C ARG C 127 -37.52 13.74 -30.11
N THR C 128 -36.45 14.44 -30.45
CA THR C 128 -35.51 13.94 -31.46
C THR C 128 -34.26 13.32 -30.83
N ALA C 129 -33.97 12.09 -31.23
CA ALA C 129 -32.77 11.40 -30.75
C ALA C 129 -31.81 11.07 -31.90
N THR C 130 -30.52 11.18 -31.62
CA THR C 130 -29.49 10.97 -32.64
C THR C 130 -28.39 10.02 -32.17
N MET C 131 -28.16 8.96 -32.92
CA MET C 131 -27.11 8.00 -32.59
C MET C 131 -25.99 8.08 -33.61
N LEU C 132 -24.77 8.31 -33.14
CA LEU C 132 -23.63 8.56 -34.01
C LEU C 132 -22.94 7.30 -34.48
N CYS C 133 -22.25 7.41 -35.62
CA CYS C 133 -21.42 6.32 -36.13
C CYS C 133 -20.40 6.85 -37.13
N ALA C 134 -19.13 6.54 -36.88
CA ALA C 134 -18.04 6.95 -37.76
C ALA C 134 -17.27 5.74 -38.27
N ALA C 135 -17.35 5.49 -39.58
CA ALA C 135 -16.68 4.34 -40.18
C ALA C 135 -15.61 4.76 -41.17
N SER C 136 -14.49 4.04 -41.17
CA SER C 136 -13.41 4.31 -42.11
C SER C 136 -13.20 3.12 -43.04
N GLY C 137 -12.33 3.29 -44.03
CA GLY C 137 -12.02 2.21 -44.94
C GLY C 137 -11.75 2.67 -46.36
N ASN C 138 -11.20 1.76 -47.16
CA ASN C 138 -10.89 2.03 -48.57
C ASN C 138 -11.50 0.95 -49.47
N PRO C 139 -12.47 1.32 -50.30
CA PRO C 139 -13.04 2.67 -50.41
C PRO C 139 -14.01 3.01 -49.28
N ASP C 140 -14.65 4.16 -49.37
CA ASP C 140 -15.58 4.61 -48.33
C ASP C 140 -16.78 3.67 -48.20
N PRO C 141 -16.94 3.07 -47.01
CA PRO C 141 -18.01 2.11 -46.75
C PRO C 141 -19.37 2.76 -46.58
N GLU C 142 -20.42 2.09 -47.07
CA GLU C 142 -21.78 2.55 -46.87
C GLU C 142 -22.23 2.17 -45.46
N ILE C 143 -23.07 3.00 -44.86
CA ILE C 143 -23.50 2.76 -43.49
C ILE C 143 -24.99 2.44 -43.40
N THR C 144 -25.30 1.35 -42.71
CA THR C 144 -26.69 0.98 -42.44
C THR C 144 -26.89 0.78 -40.93
N TRP C 145 -28.15 0.69 -40.51
CA TRP C 145 -28.46 0.56 -39.09
C TRP C 145 -29.32 -0.65 -38.77
N PHE C 146 -29.15 -1.19 -37.57
CA PHE C 146 -29.93 -2.35 -37.13
C PHE C 146 -30.53 -2.14 -35.75
N LYS C 147 -31.86 -2.14 -35.69
CA LYS C 147 -32.57 -2.04 -34.41
C LYS C 147 -33.15 -3.39 -34.03
N ASP C 148 -32.67 -3.93 -32.91
CA ASP C 148 -33.12 -5.23 -32.41
C ASP C 148 -33.00 -6.32 -33.46
N PHE C 149 -31.81 -6.43 -34.05
CA PHE C 149 -31.46 -7.46 -35.04
C PHE C 149 -32.18 -7.29 -36.38
N LEU C 150 -32.96 -6.22 -36.52
CA LEU C 150 -33.68 -5.94 -37.76
C LEU C 150 -33.18 -4.66 -38.40
N PRO C 151 -33.16 -4.61 -39.74
CA PRO C 151 -32.67 -3.44 -40.46
C PRO C 151 -33.59 -2.22 -40.36
N VAL C 152 -33.01 -1.07 -40.04
CA VAL C 152 -33.76 0.18 -40.00
C VAL C 152 -33.93 0.74 -41.41
N ASP C 153 -35.16 1.00 -41.81
CA ASP C 153 -35.42 1.51 -43.14
C ASP C 153 -35.29 3.03 -43.20
N THR C 154 -34.13 3.50 -43.63
CA THR C 154 -33.90 4.94 -43.77
C THR C 154 -33.74 5.32 -45.23
N SER C 155 -34.11 4.40 -46.12
CA SER C 155 -34.06 4.66 -47.56
C SER C 155 -34.99 5.82 -47.90
N ASN C 156 -36.11 5.87 -47.20
CA ASN C 156 -37.03 7.00 -47.31
C ASN C 156 -36.45 8.23 -46.62
N ASN C 157 -35.96 9.18 -47.42
CA ASN C 157 -35.34 10.40 -46.91
C ASN C 157 -36.34 11.36 -46.29
N ASN C 158 -37.62 11.02 -46.38
CA ASN C 158 -38.68 11.90 -45.89
C ASN C 158 -39.59 11.22 -44.89
N GLY C 159 -39.00 10.71 -43.81
CA GLY C 159 -39.76 10.14 -42.71
C GLY C 159 -39.19 10.70 -41.42
N ARG C 160 -39.75 10.32 -40.28
CA ARG C 160 -39.24 10.81 -39.00
C ARG C 160 -37.84 10.26 -38.75
N ILE C 161 -37.57 9.06 -39.28
CA ILE C 161 -36.28 8.42 -39.15
C ILE C 161 -35.47 8.61 -40.42
N LYS C 162 -34.38 9.37 -40.32
CA LYS C 162 -33.55 9.68 -41.47
C LYS C 162 -32.08 9.38 -41.19
N GLN C 163 -31.27 9.32 -42.24
CA GLN C 163 -29.84 9.14 -42.10
C GLN C 163 -29.08 10.27 -42.80
N LEU C 164 -28.26 10.98 -42.03
CA LEU C 164 -27.58 12.17 -42.53
C LEU C 164 -26.39 11.80 -43.42
N ARG C 165 -26.33 12.42 -44.59
CA ARG C 165 -25.22 12.21 -45.52
C ARG C 165 -24.72 13.54 -46.08
N SER C 166 -25.66 14.39 -46.48
CA SER C 166 -25.34 15.71 -47.03
C SER C 166 -26.25 16.78 -46.46
N GLU C 167 -25.68 17.95 -46.17
CA GLU C 167 -26.40 19.09 -45.61
C GLU C 167 -27.24 18.70 -44.40
N ARG C 175 -20.24 11.34 -41.77
CA ARG C 175 -21.03 11.12 -40.56
C ARG C 175 -22.42 10.60 -40.90
N GLY C 176 -22.55 9.29 -41.06
CA GLY C 176 -23.84 8.71 -41.40
C GLY C 176 -24.66 8.38 -40.16
N ALA C 177 -24.86 9.39 -39.32
CA ALA C 177 -25.58 9.20 -38.06
C ALA C 177 -27.06 8.92 -38.29
N LEU C 178 -27.69 8.31 -37.29
CA LEU C 178 -29.12 7.99 -37.36
C LEU C 178 -29.92 9.02 -36.57
N GLN C 179 -30.80 9.74 -37.26
CA GLN C 179 -31.58 10.78 -36.61
C GLN C 179 -33.03 10.35 -36.46
N ILE C 180 -33.47 10.21 -35.21
CA ILE C 180 -34.83 9.77 -34.91
C ILE C 180 -35.68 10.93 -34.41
N GLU C 181 -36.61 11.38 -35.23
CA GLU C 181 -37.48 12.50 -34.88
C GLU C 181 -38.80 12.00 -34.30
N GLN C 182 -39.39 12.82 -33.42
CA GLN C 182 -40.68 12.51 -32.79
C GLN C 182 -40.70 11.09 -32.23
N SER C 183 -39.85 10.87 -31.23
CA SER C 183 -39.66 9.55 -30.63
C SER C 183 -40.95 8.96 -30.09
N GLU C 184 -41.13 7.66 -30.33
CA GLU C 184 -42.23 6.93 -29.74
C GLU C 184 -41.66 5.67 -29.07
N GLU C 185 -42.48 5.04 -28.23
CA GLU C 185 -42.03 3.88 -27.44
C GLU C 185 -41.47 2.76 -28.32
N SER C 186 -41.95 2.68 -29.55
CA SER C 186 -41.51 1.64 -30.48
C SER C 186 -40.04 1.83 -30.86
N ASP C 187 -39.52 3.05 -30.68
CA ASP C 187 -38.13 3.34 -31.01
C ASP C 187 -37.17 2.85 -29.95
N GLN C 188 -37.70 2.50 -28.78
CA GLN C 188 -36.86 2.01 -27.70
C GLN C 188 -36.35 0.61 -28.01
N GLY C 189 -35.03 0.47 -28.07
CA GLY C 189 -34.41 -0.81 -28.39
C GLY C 189 -32.90 -0.75 -28.49
N LYS C 190 -32.30 -1.81 -29.05
CA LYS C 190 -30.85 -1.90 -29.15
C LYS C 190 -30.39 -1.65 -30.59
N TYR C 191 -29.58 -0.61 -30.77
CA TYR C 191 -29.14 -0.19 -32.08
C TYR C 191 -27.68 -0.55 -32.33
N GLU C 192 -27.36 -0.86 -33.58
CA GLU C 192 -25.99 -1.13 -33.96
C GLU C 192 -25.69 -0.68 -35.38
N CYS C 193 -24.53 -0.08 -35.57
CA CYS C 193 -24.11 0.48 -36.85
C CYS C 193 -23.37 -0.56 -37.69
N VAL C 194 -23.56 -0.52 -39.00
CA VAL C 194 -22.93 -1.47 -39.90
C VAL C 194 -22.19 -0.78 -41.06
N ALA C 195 -20.91 -1.08 -41.22
CA ALA C 195 -20.12 -0.52 -42.30
C ALA C 195 -19.80 -1.57 -43.37
N THR C 196 -20.18 -1.28 -44.61
CA THR C 196 -20.00 -2.24 -45.71
C THR C 196 -19.42 -1.61 -46.96
N ASN C 197 -18.33 -2.18 -47.46
CA ASN C 197 -17.77 -1.82 -48.75
C ASN C 197 -17.56 -3.05 -49.64
N SER C 198 -16.78 -2.90 -50.70
CA SER C 198 -16.48 -4.01 -51.60
C SER C 198 -15.54 -5.01 -50.93
N ALA C 199 -14.89 -4.59 -49.86
CA ALA C 199 -13.93 -5.43 -49.15
C ALA C 199 -14.62 -6.36 -48.15
N GLY C 200 -15.62 -5.84 -47.45
CA GLY C 200 -16.33 -6.63 -46.47
C GLY C 200 -17.33 -5.85 -45.63
N THR C 201 -17.67 -6.42 -44.47
CA THR C 201 -18.70 -5.86 -43.61
C THR C 201 -18.31 -5.95 -42.13
N ARG C 202 -18.40 -4.83 -41.42
CA ARG C 202 -18.11 -4.83 -39.98
C ARG C 202 -19.22 -4.17 -39.16
N TYR C 203 -19.60 -4.83 -38.07
CA TYR C 203 -20.61 -4.30 -37.16
C TYR C 203 -19.95 -3.51 -36.04
N SER C 204 -20.65 -2.49 -35.57
CA SER C 204 -20.18 -1.73 -34.42
C SER C 204 -20.75 -2.35 -33.15
N ALA C 205 -20.30 -1.87 -32.01
CA ALA C 205 -20.85 -2.30 -30.74
C ALA C 205 -22.31 -1.88 -30.64
N PRO C 206 -23.14 -2.66 -29.94
CA PRO C 206 -24.55 -2.30 -29.75
C PRO C 206 -24.73 -1.16 -28.74
N ALA C 207 -25.79 -0.37 -28.93
CA ALA C 207 -26.11 0.71 -28.02
C ALA C 207 -27.62 0.84 -27.84
N ASN C 208 -28.07 0.96 -26.60
CA ASN C 208 -29.49 1.02 -26.33
C ASN C 208 -30.06 2.43 -26.36
N LEU C 209 -31.24 2.56 -26.95
CA LEU C 209 -31.98 3.81 -26.93
C LEU C 209 -33.22 3.65 -26.07
N TYR C 210 -33.38 4.53 -25.09
CA TYR C 210 -34.52 4.46 -24.19
C TYR C 210 -35.47 5.63 -24.42
N VAL C 211 -36.76 5.35 -24.37
CA VAL C 211 -37.76 6.39 -24.53
C VAL C 211 -38.54 6.58 -23.24
N ARG C 212 -38.37 7.74 -22.62
CA ARG C 212 -39.09 8.08 -21.40
C ARG C 212 -40.22 9.05 -21.72
N GLU C 213 -41.12 9.25 -20.77
CA GLU C 213 -42.28 10.12 -21.02
C GLU C 213 -41.88 11.58 -21.19
N LEU C 214 -42.73 12.33 -21.88
CA LEU C 214 -42.48 13.74 -22.15
C LEU C 214 -42.59 14.59 -20.90
N ARG C 215 -41.51 15.31 -20.57
CA ARG C 215 -41.54 16.23 -19.45
C ARG C 215 -41.81 17.63 -20.00
N GLU C 216 -43.04 18.07 -19.88
CA GLU C 216 -43.45 19.35 -20.43
C GLU C 216 -42.80 20.50 -19.69
N VAL C 217 -41.67 20.96 -20.20
CA VAL C 217 -40.97 22.11 -19.64
C VAL C 217 -40.97 23.25 -20.64
N ARG C 218 -41.04 24.47 -20.14
CA ARG C 218 -41.07 25.66 -20.98
C ARG C 218 -39.65 26.02 -21.41
N ARG C 219 -39.49 26.43 -22.66
CA ARG C 219 -38.18 26.73 -23.21
C ARG C 219 -37.96 28.24 -23.29
N VAL C 220 -37.06 28.75 -22.46
CA VAL C 220 -36.78 30.18 -22.41
C VAL C 220 -35.27 30.47 -22.47
N PRO C 221 -34.85 31.26 -23.46
CA PRO C 221 -33.46 31.69 -23.63
C PRO C 221 -32.93 32.42 -22.39
N PRO C 222 -31.61 32.44 -22.19
CA PRO C 222 -31.00 33.07 -21.01
C PRO C 222 -31.37 34.56 -20.89
N ARG C 223 -31.76 34.97 -19.69
CA ARG C 223 -32.12 36.35 -19.42
C ARG C 223 -31.54 36.81 -18.08
N PHE C 224 -30.86 37.95 -18.09
CA PHE C 224 -30.27 38.50 -16.88
C PHE C 224 -31.33 39.03 -15.92
N SER C 225 -31.60 38.27 -14.86
CA SER C 225 -32.52 38.72 -13.82
C SER C 225 -31.88 39.83 -13.01
N ILE C 226 -30.61 39.64 -12.67
CA ILE C 226 -29.83 40.65 -11.98
C ILE C 226 -28.50 40.86 -12.70
N PRO C 227 -28.48 41.79 -13.66
CA PRO C 227 -27.27 42.13 -14.42
C PRO C 227 -26.23 42.80 -13.51
N PRO C 228 -24.96 42.81 -13.92
CA PRO C 228 -23.91 43.43 -13.12
C PRO C 228 -24.03 44.95 -13.06
N THR C 229 -23.92 45.51 -11.86
CA THR C 229 -23.98 46.96 -11.65
C THR C 229 -22.60 47.60 -11.73
N ASN C 230 -22.58 48.92 -11.99
CA ASN C 230 -21.33 49.67 -12.03
C ASN C 230 -20.83 50.04 -10.65
N HIS C 231 -19.57 49.69 -10.36
CA HIS C 231 -19.00 49.95 -9.04
C HIS C 231 -17.73 50.81 -9.10
N GLU C 232 -17.62 51.76 -8.19
CA GLU C 232 -16.43 52.59 -8.07
C GLU C 232 -15.63 52.22 -6.82
N ILE C 233 -14.31 52.23 -6.94
CA ILE C 233 -13.44 51.80 -5.84
C ILE C 233 -12.13 52.58 -5.83
N MET C 234 -11.51 52.70 -4.65
CA MET C 234 -10.21 53.34 -4.53
C MET C 234 -9.10 52.36 -4.91
N PRO C 235 -7.99 52.88 -5.47
CA PRO C 235 -6.83 52.06 -5.85
C PRO C 235 -6.39 51.05 -4.78
N GLY C 236 -6.63 49.78 -5.09
CA GLY C 236 -6.26 48.67 -4.22
C GLY C 236 -6.82 48.70 -2.81
N GLY C 237 -8.12 48.42 -2.66
CA GLY C 237 -8.98 48.09 -3.79
C GLY C 237 -9.52 46.67 -3.80
N SER C 238 -10.81 46.52 -3.48
CA SER C 238 -11.46 45.22 -3.52
C SER C 238 -12.98 45.37 -3.61
N VAL C 239 -13.60 44.67 -4.56
CA VAL C 239 -15.04 44.77 -4.80
C VAL C 239 -15.64 43.45 -5.28
N ASN C 240 -16.87 43.19 -4.88
CA ASN C 240 -17.62 42.03 -5.34
C ASN C 240 -18.73 42.40 -6.32
N ILE C 241 -18.73 41.76 -7.49
CA ILE C 241 -19.74 42.03 -8.51
C ILE C 241 -20.68 40.83 -8.67
N THR C 242 -21.99 41.10 -8.60
CA THR C 242 -22.98 40.03 -8.66
C THR C 242 -23.68 39.96 -10.03
N CYS C 243 -23.68 38.78 -10.64
CA CYS C 243 -24.34 38.56 -11.92
C CYS C 243 -25.26 37.34 -11.85
N VAL C 244 -26.55 37.57 -12.05
CA VAL C 244 -27.53 36.50 -11.98
C VAL C 244 -28.33 36.37 -13.29
N ALA C 245 -28.36 35.16 -13.83
CA ALA C 245 -29.12 34.89 -15.05
C ALA C 245 -30.09 33.75 -14.82
N VAL C 246 -31.19 33.75 -15.56
CA VAL C 246 -32.22 32.73 -15.42
C VAL C 246 -32.67 32.19 -16.77
N GLY C 247 -33.51 31.16 -16.74
CA GLY C 247 -34.04 30.57 -17.95
C GLY C 247 -34.10 29.06 -17.86
N SER C 248 -34.75 28.43 -18.84
CA SER C 248 -34.81 26.98 -18.90
C SER C 248 -34.34 26.48 -20.25
N PRO C 249 -33.20 25.76 -20.27
CA PRO C 249 -32.38 25.36 -19.12
C PRO C 249 -31.61 26.51 -18.47
N MET C 250 -31.23 26.33 -17.22
CA MET C 250 -30.57 27.39 -16.44
C MET C 250 -29.19 27.70 -17.01
N PRO C 251 -28.92 28.99 -17.24
CA PRO C 251 -27.68 29.45 -17.88
C PRO C 251 -26.41 29.20 -17.07
N TYR C 252 -25.32 28.93 -17.75
CA TYR C 252 -24.00 28.88 -17.13
C TYR C 252 -23.39 30.28 -17.13
N VAL C 253 -23.19 30.82 -15.94
CA VAL C 253 -22.67 32.18 -15.83
C VAL C 253 -21.16 32.16 -15.62
N LYS C 254 -20.45 32.96 -16.41
CA LYS C 254 -19.00 33.07 -16.26
C LYS C 254 -18.58 34.53 -16.32
N TRP C 255 -17.28 34.79 -16.12
CA TRP C 255 -16.76 36.15 -16.19
C TRP C 255 -15.59 36.26 -17.16
N MET C 256 -15.48 37.40 -17.81
CA MET C 256 -14.36 37.66 -18.72
C MET C 256 -13.88 39.10 -18.56
N LEU C 257 -12.62 39.34 -18.95
CA LEU C 257 -12.11 40.70 -19.03
C LEU C 257 -11.86 41.00 -20.51
N GLY C 258 -12.94 41.29 -21.22
CA GLY C 258 -12.84 41.54 -22.65
C GLY C 258 -12.77 40.24 -23.42
N ALA C 259 -11.56 39.72 -23.57
CA ALA C 259 -11.33 38.52 -24.38
C ALA C 259 -11.01 37.27 -23.55
N GLU C 260 -10.32 37.46 -22.43
CA GLU C 260 -9.86 36.31 -21.66
C GLU C 260 -10.80 35.94 -20.51
N ASP C 261 -10.97 34.64 -20.31
CA ASP C 261 -11.86 34.12 -19.27
C ASP C 261 -11.32 34.30 -17.86
N LEU C 262 -12.22 34.66 -16.94
CA LEU C 262 -11.87 34.88 -15.54
C LEU C 262 -12.35 33.72 -14.66
N THR C 263 -13.24 32.90 -15.20
CA THR C 263 -13.83 31.79 -14.47
C THR C 263 -13.38 30.46 -15.04
N PRO C 264 -12.96 29.53 -14.16
CA PRO C 264 -12.55 28.22 -14.69
C PRO C 264 -13.77 27.35 -14.97
N GLU C 265 -13.66 26.42 -15.90
CA GLU C 265 -14.77 25.56 -16.28
C GLU C 265 -14.95 24.40 -15.30
N ASP C 266 -14.17 24.43 -14.23
CA ASP C 266 -14.31 23.44 -13.18
C ASP C 266 -15.23 24.01 -12.11
N ASP C 267 -15.01 25.27 -11.77
CA ASP C 267 -15.85 25.99 -10.83
C ASP C 267 -17.06 26.71 -11.45
N MET C 268 -17.28 26.55 -12.76
CA MET C 268 -18.32 27.32 -13.46
C MET C 268 -19.73 27.09 -12.91
N PRO C 269 -20.32 28.14 -12.31
CA PRO C 269 -21.60 28.14 -11.62
C PRO C 269 -22.84 28.12 -12.51
N ILE C 270 -24.00 27.86 -11.89
CA ILE C 270 -25.29 27.81 -12.57
C ILE C 270 -26.23 28.90 -12.09
N GLY C 271 -26.46 29.90 -12.93
CA GLY C 271 -27.46 30.93 -12.63
C GLY C 271 -26.95 32.12 -11.84
N ARG C 272 -25.88 31.92 -11.07
CA ARG C 272 -25.34 32.98 -10.24
C ARG C 272 -23.82 32.92 -10.18
N ASN C 273 -23.16 34.04 -10.44
CA ASN C 273 -21.71 34.12 -10.36
C ASN C 273 -21.28 35.45 -9.74
N VAL C 274 -20.66 35.37 -8.56
CA VAL C 274 -20.17 36.57 -7.90
C VAL C 274 -18.66 36.69 -8.11
N LEU C 275 -18.24 37.73 -8.82
CA LEU C 275 -16.83 37.93 -9.12
C LEU C 275 -16.16 38.74 -8.01
N GLU C 276 -14.99 38.27 -7.58
CA GLU C 276 -14.24 38.96 -6.53
C GLU C 276 -12.98 39.64 -7.06
N LEU C 277 -12.86 40.94 -6.80
CA LEU C 277 -11.70 41.71 -7.25
C LEU C 277 -10.78 42.07 -6.10
N ASN C 278 -9.48 42.08 -6.38
CA ASN C 278 -8.47 42.45 -5.39
C ASN C 278 -7.33 43.24 -6.02
N ASP C 279 -6.77 44.18 -5.27
CA ASP C 279 -5.68 45.03 -5.75
C ASP C 279 -6.04 45.74 -7.05
N VAL C 280 -7.23 46.34 -7.08
CA VAL C 280 -7.68 47.09 -8.25
C VAL C 280 -6.87 48.37 -8.39
N ARG C 281 -5.95 48.39 -9.36
CA ARG C 281 -5.05 49.53 -9.51
C ARG C 281 -5.29 50.29 -10.81
N GLN C 282 -6.23 49.81 -11.61
CA GLN C 282 -6.59 50.47 -12.86
C GLN C 282 -8.05 50.20 -13.22
N SER C 283 -8.71 51.18 -13.83
CA SER C 283 -10.10 51.06 -14.23
C SER C 283 -10.26 50.08 -15.40
N ALA C 284 -11.34 49.32 -15.40
CA ALA C 284 -11.54 48.30 -16.43
C ALA C 284 -13.02 47.94 -16.63
N ASN C 285 -13.30 47.28 -17.75
CA ASN C 285 -14.64 46.80 -18.07
C ASN C 285 -14.69 45.27 -18.03
N TYR C 286 -15.60 44.73 -17.22
CA TYR C 286 -15.70 43.28 -17.04
C TYR C 286 -16.98 42.72 -17.64
N THR C 287 -16.83 41.72 -18.52
CA THR C 287 -17.95 41.15 -19.25
C THR C 287 -18.52 39.90 -18.58
N CYS C 288 -19.82 39.93 -18.32
CA CYS C 288 -20.52 38.76 -17.77
C CYS C 288 -21.28 38.03 -18.86
N VAL C 289 -21.06 36.73 -18.98
CA VAL C 289 -21.66 35.94 -20.05
C VAL C 289 -22.50 34.79 -19.51
N ALA C 290 -23.74 34.70 -19.98
CA ALA C 290 -24.62 33.59 -19.60
C ALA C 290 -24.83 32.67 -20.80
N MET C 291 -24.69 31.37 -20.59
CA MET C 291 -24.75 30.42 -21.69
C MET C 291 -25.75 29.30 -21.46
N SER C 292 -26.53 29.01 -22.49
CA SER C 292 -27.38 27.82 -22.52
C SER C 292 -27.43 27.30 -23.94
N THR C 293 -28.21 26.25 -24.16
CA THR C 293 -28.37 25.70 -25.49
C THR C 293 -29.37 26.53 -26.30
N LEU C 294 -29.91 27.58 -25.69
CA LEU C 294 -30.91 28.43 -26.32
C LEU C 294 -30.42 29.84 -26.60
N GLY C 295 -29.21 30.16 -26.14
CA GLY C 295 -28.66 31.48 -26.39
C GLY C 295 -27.46 31.85 -25.55
N VAL C 296 -26.78 32.92 -25.97
CA VAL C 296 -25.62 33.44 -25.26
C VAL C 296 -25.72 34.96 -25.13
N ILE C 297 -25.96 35.44 -23.93
CA ILE C 297 -26.13 36.87 -23.67
C ILE C 297 -24.95 37.44 -22.87
N GLU C 298 -24.74 38.75 -23.01
CA GLU C 298 -23.62 39.42 -22.36
C GLU C 298 -24.06 40.66 -21.57
N ALA C 299 -23.19 41.12 -20.68
CA ALA C 299 -23.44 42.32 -19.89
C ALA C 299 -22.13 42.86 -19.31
N ILE C 300 -21.91 44.16 -19.48
CA ILE C 300 -20.68 44.78 -19.00
C ILE C 300 -20.92 45.57 -17.71
N ALA C 301 -19.93 45.56 -16.83
CA ALA C 301 -19.97 46.31 -15.59
C ALA C 301 -18.83 47.33 -15.55
N GLN C 302 -19.15 48.59 -15.25
CA GLN C 302 -18.15 49.64 -15.25
C GLN C 302 -17.40 49.73 -13.93
N ILE C 303 -16.13 49.34 -13.94
CA ILE C 303 -15.29 49.44 -12.76
C ILE C 303 -14.28 50.57 -12.92
N THR C 304 -14.43 51.61 -12.10
CA THR C 304 -13.57 52.78 -12.19
C THR C 304 -12.77 52.97 -10.90
N VAL C 305 -11.59 53.59 -11.01
CA VAL C 305 -10.79 53.83 -9.81
C VAL C 305 -10.76 55.32 -9.45
N LYS C 306 -11.74 55.71 -8.63
CA LYS C 306 -11.85 57.10 -8.17
C LYS C 306 -11.23 57.24 -6.78
N ALA C 307 -10.62 58.39 -6.50
CA ALA C 307 -9.98 58.63 -5.21
C ALA C 307 -10.98 58.62 -4.06
N PRO D 2 7.38 -39.06 8.62
CA PRO D 2 8.13 -37.83 8.86
C PRO D 2 7.21 -36.63 9.11
N CYS D 3 6.46 -36.67 10.20
CA CYS D 3 5.51 -35.61 10.50
C CYS D 3 6.02 -34.61 11.53
N PRO D 4 5.87 -33.31 11.23
CA PRO D 4 6.22 -32.19 12.11
C PRO D 4 5.36 -32.12 13.38
N GLY D 5 5.91 -31.56 14.45
CA GLY D 5 5.21 -31.46 15.71
C GLY D 5 3.88 -30.73 15.61
N ARG D 6 2.90 -31.19 16.39
CA ARG D 6 1.56 -30.58 16.46
C ARG D 6 0.78 -30.65 15.15
N CYS D 7 1.30 -31.38 14.16
CA CYS D 7 0.61 -31.57 12.90
C CYS D 7 -0.04 -32.94 12.83
N ILE D 8 -1.19 -33.04 12.17
CA ILE D 8 -1.82 -34.33 11.95
C ILE D 8 -1.66 -34.76 10.51
N CYS D 9 -0.73 -35.66 10.25
CA CYS D 9 -0.52 -36.14 8.90
C CYS D 9 -0.71 -37.64 8.85
N GLN D 10 -1.70 -38.07 8.09
CA GLN D 10 -1.91 -39.49 7.86
C GLN D 10 -1.43 -39.86 6.46
N ASN D 11 -0.40 -40.70 6.41
CA ASN D 11 0.26 -41.03 5.15
C ASN D 11 -0.14 -42.39 4.61
N VAL D 12 -1.37 -42.81 4.91
CA VAL D 12 -1.88 -44.07 4.41
C VAL D 12 -2.33 -43.89 2.96
N ALA D 13 -1.61 -44.56 2.05
CA ALA D 13 -1.89 -44.49 0.62
C ALA D 13 -3.33 -44.87 0.28
N PRO D 14 -3.90 -44.26 -0.77
CA PRO D 14 -3.29 -43.26 -1.65
C PRO D 14 -3.47 -41.81 -1.18
N THR D 15 -4.51 -41.55 -0.39
CA THR D 15 -4.85 -40.19 0.00
C THR D 15 -4.05 -39.72 1.21
N LEU D 16 -2.89 -39.11 0.93
CA LEU D 16 -2.06 -38.50 1.97
C LEU D 16 -2.56 -37.12 2.39
N THR D 17 -2.98 -37.02 3.65
CA THR D 17 -3.52 -35.78 4.18
C THR D 17 -2.55 -35.21 5.21
N MET D 18 -2.35 -33.90 5.17
CA MET D 18 -1.51 -33.22 6.15
C MET D 18 -2.16 -31.93 6.64
N LEU D 19 -2.33 -31.82 7.96
CA LEU D 19 -2.97 -30.65 8.55
C LEU D 19 -2.05 -30.01 9.58
N CYS D 20 -1.74 -28.73 9.40
CA CYS D 20 -0.89 -28.03 10.36
C CYS D 20 -1.51 -26.71 10.78
N ALA D 21 -2.75 -26.76 11.23
CA ALA D 21 -3.48 -25.57 11.64
C ALA D 21 -3.10 -25.14 13.06
N LYS D 22 -2.86 -23.85 13.22
CA LYS D 22 -2.53 -23.26 14.50
C LYS D 22 -1.36 -23.97 15.18
N THR D 23 -0.23 -24.04 14.48
CA THR D 23 0.97 -24.66 15.01
C THR D 23 2.13 -23.67 15.02
N GLY D 24 1.83 -22.42 14.70
CA GLY D 24 2.81 -21.35 14.77
C GLY D 24 3.93 -21.45 13.75
N LEU D 25 3.64 -22.04 12.60
CA LEU D 25 4.61 -22.17 11.52
C LEU D 25 5.14 -20.82 11.05
N LEU D 26 6.42 -20.76 10.72
CA LEU D 26 7.03 -19.56 10.16
C LEU D 26 7.29 -19.75 8.67
N PHE D 27 7.50 -21.01 8.27
CA PHE D 27 7.73 -21.35 6.88
C PHE D 27 6.88 -22.56 6.47
N VAL D 28 6.77 -22.80 5.18
CA VAL D 28 6.11 -24.00 4.71
C VAL D 28 7.03 -25.17 5.02
N PRO D 29 6.53 -26.13 5.82
CA PRO D 29 7.29 -27.29 6.31
C PRO D 29 8.05 -27.99 5.20
N PRO D 30 9.36 -28.15 5.37
CA PRO D 30 10.21 -28.84 4.40
C PRO D 30 10.01 -30.34 4.44
N ALA D 31 10.42 -31.03 3.37
CA ALA D 31 10.32 -32.49 3.30
C ALA D 31 8.88 -32.99 3.46
N ILE D 32 7.94 -32.33 2.80
CA ILE D 32 6.58 -32.82 2.76
C ILE D 32 6.46 -33.86 1.63
N ASP D 33 5.88 -35.00 1.94
CA ASP D 33 5.80 -36.12 0.99
C ASP D 33 5.11 -35.66 -0.29
N ARG D 34 5.81 -35.77 -1.41
CA ARG D 34 5.34 -35.19 -2.67
C ARG D 34 4.15 -35.94 -3.28
N ARG D 35 3.70 -37.00 -2.62
CA ARG D 35 2.50 -37.70 -3.07
C ARG D 35 1.28 -37.27 -2.25
N VAL D 36 1.42 -36.14 -1.55
CA VAL D 36 0.34 -35.59 -0.72
C VAL D 36 -0.80 -35.12 -1.61
N VAL D 37 -2.03 -35.42 -1.20
CA VAL D 37 -3.22 -35.04 -1.97
C VAL D 37 -3.91 -33.80 -1.40
N GLU D 38 -4.08 -33.77 -0.08
CA GLU D 38 -4.66 -32.60 0.59
C GLU D 38 -3.68 -31.99 1.58
N LEU D 39 -3.47 -30.69 1.49
CA LEU D 39 -2.54 -29.99 2.37
C LEU D 39 -3.15 -28.70 2.92
N ARG D 40 -3.27 -28.61 4.24
CA ARG D 40 -3.92 -27.46 4.86
C ARG D 40 -3.01 -26.78 5.89
N LEU D 41 -2.65 -25.53 5.63
CA LEU D 41 -1.80 -24.77 6.54
C LEU D 41 -2.44 -23.45 6.95
N THR D 42 -3.60 -23.51 7.57
CA THR D 42 -4.29 -22.28 7.98
C THR D 42 -3.87 -21.83 9.36
N ASP D 43 -4.11 -20.55 9.64
CA ASP D 43 -3.91 -19.98 10.96
C ASP D 43 -2.48 -20.16 11.48
N ASN D 44 -1.51 -19.86 10.62
CA ASN D 44 -0.11 -19.81 11.03
C ASN D 44 0.47 -18.43 10.78
N PHE D 45 1.79 -18.38 10.59
CA PHE D 45 2.48 -17.11 10.43
C PHE D 45 3.50 -17.18 9.30
N ILE D 46 3.10 -17.83 8.21
CA ILE D 46 3.95 -17.93 7.03
C ILE D 46 4.11 -16.58 6.35
N ALA D 47 5.35 -16.16 6.15
CA ALA D 47 5.64 -14.84 5.61
C ALA D 47 5.67 -14.81 4.09
N ALA D 48 6.26 -15.83 3.48
CA ALA D 48 6.40 -15.86 2.04
C ALA D 48 6.29 -17.27 1.48
N VAL D 49 5.92 -17.37 0.20
CA VAL D 49 5.84 -18.65 -0.47
C VAL D 49 6.98 -18.79 -1.48
N ARG D 50 7.88 -19.73 -1.20
CA ARG D 50 9.02 -19.99 -2.08
C ARG D 50 8.63 -21.08 -3.08
N ARG D 51 9.26 -21.08 -4.25
CA ARG D 51 8.91 -22.06 -5.28
C ARG D 51 9.26 -23.47 -4.82
N ARG D 52 10.29 -23.57 -3.98
CA ARG D 52 10.73 -24.86 -3.46
C ARG D 52 9.71 -25.47 -2.51
N ASP D 53 8.81 -24.63 -1.98
CA ASP D 53 7.84 -25.07 -0.98
C ASP D 53 6.91 -26.14 -1.55
N PHE D 54 6.37 -25.88 -2.73
CA PHE D 54 5.53 -26.85 -3.42
C PHE D 54 6.14 -27.21 -4.75
N ALA D 55 7.25 -27.94 -4.71
CA ALA D 55 8.06 -28.18 -5.89
C ALA D 55 7.42 -29.18 -6.83
N ASN D 56 7.32 -30.42 -6.36
CA ASN D 56 6.91 -31.52 -7.24
C ASN D 56 5.60 -32.16 -6.81
N MET D 57 4.77 -31.40 -6.10
CA MET D 57 3.53 -31.93 -5.55
C MET D 57 2.47 -32.10 -6.62
N THR D 58 2.72 -33.03 -7.53
CA THR D 58 1.84 -33.29 -8.66
C THR D 58 0.61 -34.10 -8.27
N SER D 59 0.51 -34.43 -6.99
CA SER D 59 -0.63 -35.21 -6.50
C SER D 59 -1.56 -34.33 -5.68
N LEU D 60 -1.09 -33.13 -5.37
CA LEU D 60 -1.85 -32.19 -4.54
C LEU D 60 -3.11 -31.71 -5.24
N VAL D 61 -4.25 -31.74 -4.54
CA VAL D 61 -5.51 -31.32 -5.12
C VAL D 61 -6.13 -30.17 -4.32
N HIS D 62 -5.78 -30.10 -3.03
CA HIS D 62 -6.26 -29.02 -2.16
C HIS D 62 -5.11 -28.37 -1.42
N LEU D 63 -4.94 -27.07 -1.63
CA LEU D 63 -3.91 -26.31 -0.93
C LEU D 63 -4.56 -25.16 -0.20
N THR D 64 -4.41 -25.13 1.12
CA THR D 64 -5.03 -24.09 1.92
C THR D 64 -3.99 -23.31 2.73
N LEU D 65 -3.86 -22.02 2.43
CA LEU D 65 -2.91 -21.17 3.12
C LEU D 65 -3.59 -19.97 3.75
N SER D 66 -4.83 -20.18 4.19
CA SER D 66 -5.63 -19.09 4.72
C SER D 66 -5.09 -18.54 6.05
N ARG D 67 -5.32 -17.25 6.27
CA ARG D 67 -5.01 -16.58 7.53
C ARG D 67 -3.56 -16.72 7.96
N ASN D 68 -2.66 -16.18 7.14
CA ASN D 68 -1.25 -16.05 7.49
C ASN D 68 -0.84 -14.58 7.31
N THR D 69 0.46 -14.36 7.09
CA THR D 69 0.95 -13.04 6.72
C THR D 69 1.78 -13.11 5.45
N ILE D 70 1.36 -13.97 4.54
CA ILE D 70 2.02 -14.15 3.25
C ILE D 70 2.00 -12.86 2.45
N GLY D 71 3.17 -12.27 2.25
CA GLY D 71 3.27 -11.02 1.53
C GLY D 71 3.95 -11.16 0.17
N GLN D 72 4.53 -12.32 -0.09
CA GLN D 72 5.24 -12.53 -1.33
C GLN D 72 5.15 -13.98 -1.82
N VAL D 73 4.74 -14.14 -3.08
CA VAL D 73 4.71 -15.45 -3.70
C VAL D 73 5.72 -15.48 -4.84
N ALA D 74 6.71 -16.36 -4.71
CA ALA D 74 7.80 -16.45 -5.68
C ALA D 74 7.28 -16.91 -7.03
N ALA D 75 8.03 -16.59 -8.08
CA ALA D 75 7.63 -16.98 -9.43
C ALA D 75 7.65 -18.49 -9.57
N GLY D 76 6.64 -19.04 -10.22
CA GLY D 76 6.53 -20.47 -10.41
C GLY D 76 6.41 -21.21 -9.11
N ALA D 77 5.81 -20.56 -8.11
CA ALA D 77 5.64 -21.18 -6.80
C ALA D 77 4.63 -22.32 -6.86
N PHE D 78 3.68 -22.22 -7.80
CA PHE D 78 2.66 -23.25 -7.94
C PHE D 78 2.81 -24.03 -9.23
N ALA D 79 4.01 -23.99 -9.80
CA ALA D 79 4.29 -24.78 -10.99
C ALA D 79 4.23 -26.25 -10.57
N ASP D 80 4.03 -27.13 -11.55
CA ASP D 80 3.91 -28.57 -11.31
C ASP D 80 2.75 -28.95 -10.37
N LEU D 81 1.80 -28.04 -10.17
CA LEU D 81 0.63 -28.38 -9.37
C LEU D 81 -0.54 -28.64 -10.31
N ARG D 82 -0.32 -29.55 -11.25
CA ARG D 82 -1.28 -29.83 -12.32
C ARG D 82 -2.55 -30.51 -11.82
N ALA D 83 -2.49 -31.07 -10.61
CA ALA D 83 -3.63 -31.80 -10.07
C ALA D 83 -4.43 -30.94 -9.10
N LEU D 84 -4.00 -29.70 -8.91
CA LEU D 84 -4.64 -28.82 -7.95
C LEU D 84 -6.01 -28.34 -8.43
N ARG D 85 -7.04 -28.63 -7.65
CA ARG D 85 -8.39 -28.17 -7.95
C ARG D 85 -8.70 -26.86 -7.23
N ALA D 86 -8.43 -26.82 -5.93
CA ALA D 86 -8.77 -25.65 -5.12
C ALA D 86 -7.53 -24.99 -4.51
N LEU D 87 -7.55 -23.67 -4.44
CA LEU D 87 -6.46 -22.91 -3.86
C LEU D 87 -6.99 -21.81 -2.95
N HIS D 88 -6.54 -21.81 -1.70
CA HIS D 88 -7.00 -20.81 -0.73
C HIS D 88 -5.86 -19.94 -0.24
N LEU D 89 -5.93 -18.64 -0.56
CA LEU D 89 -4.93 -17.69 -0.12
C LEU D 89 -5.58 -16.50 0.59
N ASP D 90 -6.80 -16.72 1.06
CA ASP D 90 -7.55 -15.66 1.73
C ASP D 90 -6.86 -15.20 3.00
N SER D 91 -7.14 -13.95 3.40
CA SER D 91 -6.62 -13.37 4.63
C SER D 91 -5.09 -13.39 4.69
N ASN D 92 -4.47 -12.78 3.68
CA ASN D 92 -3.02 -12.63 3.63
C ASN D 92 -2.61 -11.22 3.23
N ARG D 93 -1.36 -11.04 2.83
CA ARG D 93 -0.84 -9.72 2.49
C ARG D 93 -0.35 -9.62 1.05
N LEU D 94 -0.97 -10.37 0.14
CA LEU D 94 -0.61 -10.26 -1.27
C LEU D 94 -0.93 -8.87 -1.79
N ALA D 95 -0.05 -8.32 -2.62
CA ALA D 95 -0.23 -6.96 -3.13
C ALA D 95 -0.55 -6.98 -4.63
N GLU D 96 -0.31 -8.12 -5.27
CA GLU D 96 -0.54 -8.24 -6.70
C GLU D 96 -0.71 -9.70 -7.11
N VAL D 97 -1.27 -9.92 -8.29
CA VAL D 97 -1.43 -11.27 -8.83
C VAL D 97 -0.80 -11.34 -10.22
N ARG D 98 0.39 -11.91 -10.29
CA ARG D 98 1.14 -12.00 -11.53
C ARG D 98 0.91 -13.33 -12.23
N GLY D 99 1.29 -13.40 -13.51
CA GLY D 99 1.11 -14.61 -14.29
C GLY D 99 2.06 -15.71 -13.88
N ASP D 100 3.28 -15.34 -13.49
CA ASP D 100 4.29 -16.33 -13.13
C ASP D 100 3.99 -16.99 -11.79
N GLN D 101 3.04 -16.41 -11.05
CA GLN D 101 2.63 -16.97 -9.76
C GLN D 101 1.56 -18.04 -9.94
N LEU D 102 0.68 -17.86 -10.91
CA LEU D 102 -0.41 -18.79 -11.13
C LEU D 102 -0.14 -19.72 -12.30
N ARG D 103 1.14 -19.90 -12.63
CA ARG D 103 1.52 -20.76 -13.74
C ARG D 103 1.40 -22.23 -13.36
N GLY D 104 0.79 -23.02 -14.23
CA GLY D 104 0.72 -24.45 -14.04
C GLY D 104 -0.44 -24.96 -13.21
N LEU D 105 -1.45 -24.12 -13.01
CA LEU D 105 -2.64 -24.55 -12.29
C LEU D 105 -3.72 -24.99 -13.29
N GLY D 106 -3.39 -26.00 -14.08
CA GLY D 106 -4.23 -26.43 -15.17
C GLY D 106 -5.62 -26.90 -14.78
N ASN D 107 -5.73 -27.50 -13.60
CA ASN D 107 -7.00 -28.07 -13.17
C ASN D 107 -7.71 -27.23 -12.13
N LEU D 108 -7.22 -26.01 -11.92
CA LEU D 108 -7.75 -25.13 -10.89
C LEU D 108 -9.23 -24.78 -11.13
N ARG D 109 -10.07 -25.09 -10.14
CA ARG D 109 -11.50 -24.80 -10.24
C ARG D 109 -11.99 -23.87 -9.14
N HIS D 110 -11.26 -23.80 -8.05
CA HIS D 110 -11.60 -22.87 -6.98
C HIS D 110 -10.42 -21.98 -6.63
N LEU D 111 -10.60 -20.67 -6.79
CA LEU D 111 -9.55 -19.71 -6.47
C LEU D 111 -10.08 -18.66 -5.51
N ILE D 112 -9.55 -18.66 -4.29
CA ILE D 112 -9.98 -17.72 -3.27
C ILE D 112 -8.81 -16.81 -2.86
N LEU D 113 -8.93 -15.53 -3.16
CA LEU D 113 -7.90 -14.56 -2.81
C LEU D 113 -8.50 -13.44 -1.97
N GLY D 114 -9.59 -13.74 -1.27
CA GLY D 114 -10.28 -12.75 -0.47
C GLY D 114 -9.43 -12.16 0.64
N ASN D 115 -9.83 -10.98 1.11
CA ASN D 115 -9.18 -10.30 2.24
C ASN D 115 -7.67 -10.20 2.09
N ASN D 116 -7.22 -9.66 0.97
CA ASN D 116 -5.81 -9.34 0.78
C ASN D 116 -5.64 -7.85 0.50
N GLN D 117 -4.46 -7.48 0.04
CA GLN D 117 -4.20 -6.10 -0.33
C GLN D 117 -3.81 -6.00 -1.81
N ILE D 118 -4.47 -6.82 -2.63
CA ILE D 118 -4.18 -6.88 -4.05
C ILE D 118 -4.52 -5.57 -4.75
N ARG D 119 -3.49 -4.89 -5.25
CA ARG D 119 -3.67 -3.58 -5.88
C ARG D 119 -3.93 -3.73 -7.38
N LYS D 120 -3.30 -4.72 -7.99
CA LYS D 120 -3.46 -4.95 -9.43
C LYS D 120 -3.36 -6.43 -9.78
N VAL D 121 -4.26 -6.87 -10.65
CA VAL D 121 -4.18 -8.21 -11.20
C VAL D 121 -3.63 -8.12 -12.62
N GLU D 122 -2.50 -8.78 -12.86
CA GLU D 122 -1.89 -8.77 -14.18
C GLU D 122 -2.88 -9.30 -15.21
N SER D 123 -3.00 -8.59 -16.33
CA SER D 123 -3.86 -9.03 -17.41
C SER D 123 -3.43 -10.41 -17.88
N ALA D 124 -4.41 -11.30 -18.02
CA ALA D 124 -4.15 -12.68 -18.43
C ALA D 124 -3.19 -13.39 -17.46
N ALA D 125 -3.42 -13.23 -16.17
CA ALA D 125 -2.70 -13.98 -15.16
C ALA D 125 -3.51 -15.20 -14.76
N PHE D 126 -4.69 -15.33 -15.36
CA PHE D 126 -5.56 -16.47 -15.11
C PHE D 126 -5.53 -17.44 -16.28
N ASP D 127 -4.58 -17.25 -17.19
CA ASP D 127 -4.53 -18.02 -18.44
C ASP D 127 -4.41 -19.53 -18.23
N ALA D 128 -3.81 -19.94 -17.12
CA ALA D 128 -3.58 -21.35 -16.87
C ALA D 128 -4.88 -22.10 -16.60
N PHE D 129 -5.93 -21.36 -16.24
CA PHE D 129 -7.16 -21.99 -15.77
C PHE D 129 -8.42 -21.21 -16.13
N LEU D 130 -8.39 -20.53 -17.28
CA LEU D 130 -9.54 -19.76 -17.73
C LEU D 130 -10.76 -20.63 -18.00
N SER D 131 -10.52 -21.81 -18.57
CA SER D 131 -11.60 -22.70 -19.00
C SER D 131 -12.09 -23.62 -17.90
N THR D 132 -11.40 -23.63 -16.76
CA THR D 132 -11.71 -24.59 -15.70
C THR D 132 -12.36 -23.95 -14.49
N VAL D 133 -12.00 -22.69 -14.22
CA VAL D 133 -12.45 -21.99 -13.01
C VAL D 133 -13.97 -21.91 -12.89
N GLU D 134 -14.47 -22.26 -11.71
CA GLU D 134 -15.90 -22.20 -11.44
C GLU D 134 -16.17 -21.18 -10.33
N ASP D 135 -15.12 -20.80 -9.63
CA ASP D 135 -15.24 -19.91 -8.48
C ASP D 135 -14.01 -19.00 -8.33
N LEU D 136 -14.25 -17.70 -8.32
CA LEU D 136 -13.16 -16.73 -8.17
C LEU D 136 -13.52 -15.66 -7.15
N ASP D 137 -12.74 -15.59 -6.08
CA ASP D 137 -12.99 -14.62 -5.02
C ASP D 137 -11.86 -13.60 -4.90
N LEU D 138 -12.21 -12.33 -5.08
CA LEU D 138 -11.25 -11.25 -4.92
C LEU D 138 -11.81 -10.18 -3.99
N SER D 139 -12.69 -10.61 -3.10
CA SER D 139 -13.33 -9.69 -2.15
C SER D 139 -12.33 -9.10 -1.17
N TYR D 140 -12.64 -7.91 -0.67
CA TYR D 140 -11.80 -7.22 0.30
C TYR D 140 -10.35 -7.07 -0.15
N ASN D 141 -10.13 -6.31 -1.22
CA ASN D 141 -8.79 -5.99 -1.67
C ASN D 141 -8.68 -4.51 -2.03
N ASN D 142 -7.62 -4.16 -2.75
CA ASN D 142 -7.42 -2.78 -3.16
C ASN D 142 -7.43 -2.65 -4.68
N LEU D 143 -8.34 -3.39 -5.31
CA LEU D 143 -8.47 -3.35 -6.77
C LEU D 143 -9.32 -2.18 -7.22
N GLU D 144 -8.74 -1.29 -8.02
CA GLU D 144 -9.52 -0.23 -8.64
C GLU D 144 -9.81 -0.61 -10.09
N ALA D 145 -9.02 -1.54 -10.61
CA ALA D 145 -9.18 -2.03 -11.97
C ALA D 145 -9.23 -3.56 -12.00
N LEU D 146 -9.53 -4.12 -13.16
CA LEU D 146 -9.65 -5.57 -13.29
C LEU D 146 -9.48 -6.02 -14.73
N PRO D 147 -8.73 -7.11 -14.94
CA PRO D 147 -8.62 -7.69 -16.28
C PRO D 147 -9.92 -8.32 -16.75
N TRP D 148 -10.89 -7.50 -17.14
CA TRP D 148 -12.20 -7.99 -17.55
C TRP D 148 -12.10 -8.88 -18.79
N GLU D 149 -11.13 -8.57 -19.65
CA GLU D 149 -10.91 -9.34 -20.86
C GLU D 149 -10.56 -10.79 -20.53
N ALA D 150 -9.90 -11.01 -19.40
CA ALA D 150 -9.59 -12.36 -18.95
C ALA D 150 -10.83 -12.99 -18.34
N VAL D 151 -11.56 -12.21 -17.56
CA VAL D 151 -12.77 -12.68 -16.89
C VAL D 151 -13.82 -13.13 -17.91
N GLY D 152 -13.89 -12.41 -19.03
CA GLY D 152 -14.85 -12.71 -20.07
C GLY D 152 -14.65 -14.06 -20.75
N GLN D 153 -13.50 -14.68 -20.55
CA GLN D 153 -13.19 -15.96 -21.16
C GLN D 153 -13.48 -17.12 -20.22
N MET D 154 -13.74 -16.82 -18.94
CA MET D 154 -13.97 -17.84 -17.94
C MET D 154 -15.37 -18.44 -18.07
N VAL D 155 -15.50 -19.43 -18.95
CA VAL D 155 -16.81 -19.97 -19.32
C VAL D 155 -17.50 -20.74 -18.20
N ASN D 156 -16.75 -21.55 -17.46
CA ASN D 156 -17.34 -22.41 -16.43
C ASN D 156 -17.50 -21.69 -15.09
N LEU D 157 -17.18 -20.40 -15.08
CA LEU D 157 -17.32 -19.58 -13.89
C LEU D 157 -18.78 -19.42 -13.50
N ASN D 158 -19.11 -19.66 -12.24
CA ASN D 158 -20.49 -19.54 -11.77
C ASN D 158 -20.65 -18.56 -10.61
N THR D 159 -19.55 -18.28 -9.91
CA THR D 159 -19.59 -17.33 -8.80
C THR D 159 -18.38 -16.39 -8.84
N LEU D 160 -18.64 -15.12 -9.10
CA LEU D 160 -17.60 -14.10 -9.08
C LEU D 160 -17.88 -13.04 -8.02
N THR D 161 -17.01 -12.94 -7.03
CA THR D 161 -17.22 -12.04 -5.90
C THR D 161 -16.16 -10.95 -5.83
N LEU D 162 -16.61 -9.70 -5.80
CA LEU D 162 -15.73 -8.54 -5.63
C LEU D 162 -16.32 -7.63 -4.55
N ASP D 163 -16.53 -8.21 -3.36
CA ASP D 163 -17.33 -7.61 -2.31
C ASP D 163 -16.85 -6.25 -1.80
N HIS D 164 -15.54 -6.04 -1.77
CA HIS D 164 -15.02 -4.82 -1.16
C HIS D 164 -13.74 -4.34 -1.80
N ASN D 165 -13.85 -3.59 -2.89
CA ASN D 165 -12.67 -3.04 -3.53
C ASN D 165 -12.87 -1.58 -3.87
N LEU D 166 -12.02 -1.05 -4.75
CA LEU D 166 -12.11 0.34 -5.16
C LEU D 166 -12.38 0.43 -6.65
N ILE D 167 -13.02 -0.61 -7.20
CA ILE D 167 -13.25 -0.72 -8.63
C ILE D 167 -14.07 0.44 -9.17
N ASP D 168 -13.50 1.16 -10.12
CA ASP D 168 -14.10 2.37 -10.66
C ASP D 168 -15.11 2.07 -11.76
N HIS D 169 -14.81 1.09 -12.60
CA HIS D 169 -15.66 0.81 -13.75
C HIS D 169 -15.57 -0.65 -14.19
N ILE D 170 -16.70 -1.19 -14.62
CA ILE D 170 -16.77 -2.57 -15.12
C ILE D 170 -17.01 -2.57 -16.63
N ALA D 171 -16.18 -3.33 -17.35
CA ALA D 171 -16.28 -3.39 -18.82
C ALA D 171 -17.65 -3.87 -19.28
N GLU D 172 -18.08 -3.35 -20.42
CA GLU D 172 -19.43 -3.59 -20.92
C GLU D 172 -19.58 -4.95 -21.62
N GLY D 173 -18.61 -5.32 -22.43
CA GLY D 173 -18.69 -6.52 -23.24
C GLY D 173 -18.57 -7.83 -22.47
N THR D 174 -18.17 -7.75 -21.20
CA THR D 174 -17.94 -8.92 -20.39
C THR D 174 -19.23 -9.71 -20.12
N PHE D 175 -19.08 -10.92 -19.58
CA PHE D 175 -20.19 -11.71 -19.06
C PHE D 175 -21.17 -12.21 -20.13
N VAL D 176 -20.81 -12.07 -21.40
CA VAL D 176 -21.71 -12.48 -22.47
C VAL D 176 -21.62 -13.99 -22.71
N GLN D 177 -20.46 -14.56 -22.42
CA GLN D 177 -20.23 -15.98 -22.65
C GLN D 177 -20.31 -16.78 -21.34
N LEU D 178 -20.37 -16.06 -20.23
CA LEU D 178 -20.46 -16.70 -18.92
C LEU D 178 -21.91 -17.13 -18.66
N HIS D 179 -22.29 -18.24 -19.27
CA HIS D 179 -23.67 -18.72 -19.19
C HIS D 179 -23.97 -19.44 -17.87
N LYS D 180 -22.92 -19.91 -17.21
CA LYS D 180 -23.09 -20.65 -15.96
C LYS D 180 -23.01 -19.74 -14.74
N LEU D 181 -22.77 -18.45 -14.99
CA LEU D 181 -22.66 -17.47 -13.91
C LEU D 181 -23.98 -17.29 -13.19
N VAL D 182 -23.96 -17.45 -11.86
CA VAL D 182 -25.18 -17.35 -11.06
C VAL D 182 -25.06 -16.28 -9.98
N ARG D 183 -23.83 -15.90 -9.65
CA ARG D 183 -23.60 -14.92 -8.59
C ARG D 183 -22.49 -13.92 -8.93
N LEU D 184 -22.84 -12.63 -8.92
CA LEU D 184 -21.87 -11.57 -9.12
C LEU D 184 -22.02 -10.49 -8.06
N ASP D 185 -20.97 -10.29 -7.27
CA ASP D 185 -21.03 -9.35 -6.17
C ASP D 185 -20.15 -8.13 -6.43
N MET D 186 -20.78 -6.96 -6.55
CA MET D 186 -20.08 -5.72 -6.81
C MET D 186 -20.30 -4.70 -5.69
N THR D 187 -20.62 -5.20 -4.51
CA THR D 187 -20.87 -4.35 -3.35
C THR D 187 -19.62 -3.53 -2.98
N SER D 188 -19.83 -2.37 -2.37
CA SER D 188 -18.76 -1.50 -1.85
C SER D 188 -17.57 -1.31 -2.80
N ASN D 189 -17.80 -0.58 -3.88
CA ASN D 189 -16.73 -0.18 -4.79
C ASN D 189 -16.83 1.31 -5.06
N ARG D 190 -16.32 1.73 -6.21
CA ARG D 190 -16.41 3.13 -6.61
C ARG D 190 -17.25 3.26 -7.87
N LEU D 191 -18.14 2.30 -8.07
CA LEU D 191 -18.99 2.28 -9.25
C LEU D 191 -19.95 3.45 -9.28
N HIS D 192 -19.82 4.31 -10.29
CA HIS D 192 -20.75 5.42 -10.49
C HIS D 192 -21.97 4.94 -11.26
N LYS D 193 -21.78 3.94 -12.10
CA LYS D 193 -22.87 3.38 -12.89
C LYS D 193 -22.59 1.94 -13.27
N LEU D 194 -23.62 1.24 -13.74
CA LEU D 194 -23.46 -0.10 -14.29
C LEU D 194 -23.95 -0.12 -15.71
N PRO D 195 -23.22 -0.81 -16.60
CA PRO D 195 -23.61 -0.89 -18.01
C PRO D 195 -24.82 -1.80 -18.22
N PRO D 196 -25.68 -1.45 -19.19
CA PRO D 196 -26.88 -2.22 -19.54
C PRO D 196 -26.54 -3.57 -20.18
N ASP D 197 -25.82 -4.40 -19.43
CA ASP D 197 -25.35 -5.69 -19.94
C ASP D 197 -26.44 -6.75 -19.81
N GLY D 198 -26.03 -8.03 -19.83
CA GLY D 198 -26.96 -9.11 -19.59
C GLY D 198 -27.23 -9.30 -18.10
N LEU D 199 -27.34 -8.19 -17.39
CA LEU D 199 -27.65 -8.19 -15.97
C LEU D 199 -29.02 -8.81 -15.72
N PHE D 200 -30.01 -8.31 -16.46
CA PHE D 200 -31.35 -8.89 -16.42
C PHE D 200 -31.38 -10.23 -17.14
N LEU D 201 -32.00 -11.23 -16.50
CA LEU D 201 -32.18 -12.54 -17.13
C LEU D 201 -33.60 -13.05 -16.95
N THR D 212 -29.43 -21.26 -13.24
CA THR D 212 -30.47 -20.59 -14.01
C THR D 212 -30.89 -19.22 -13.45
N PRO D 213 -30.99 -19.08 -12.11
CA PRO D 213 -31.28 -17.71 -11.67
C PRO D 213 -30.03 -16.84 -11.65
N LEU D 214 -30.15 -15.62 -11.14
CA LEU D 214 -29.01 -14.71 -11.07
C LEU D 214 -29.18 -13.69 -9.97
N THR D 215 -28.12 -13.48 -9.20
CA THR D 215 -28.12 -12.50 -8.13
C THR D 215 -26.97 -11.52 -8.33
N VAL D 216 -27.29 -10.31 -8.79
CA VAL D 216 -26.28 -9.29 -8.99
C VAL D 216 -26.41 -8.19 -7.95
N SER D 217 -25.47 -8.14 -7.01
CA SER D 217 -25.48 -7.15 -5.95
C SER D 217 -24.54 -6.00 -6.26
N PHE D 218 -25.05 -4.77 -6.14
CA PHE D 218 -24.26 -3.60 -6.50
C PHE D 218 -24.44 -2.46 -5.50
N GLY D 219 -24.80 -2.80 -4.26
CA GLY D 219 -24.96 -1.81 -3.21
C GLY D 219 -23.63 -1.22 -2.79
N GLY D 220 -23.68 -0.18 -1.97
CA GLY D 220 -22.48 0.41 -1.41
C GLY D 220 -21.58 1.11 -2.42
N ASN D 221 -22.18 1.59 -3.49
CA ASN D 221 -21.44 2.32 -4.53
C ASN D 221 -21.87 3.79 -4.59
N PRO D 222 -20.94 4.68 -4.97
CA PRO D 222 -21.27 6.11 -5.12
C PRO D 222 -22.02 6.37 -6.42
N LEU D 223 -23.21 5.78 -6.55
CA LEU D 223 -23.97 5.86 -7.79
C LEU D 223 -24.26 7.30 -8.22
N HIS D 224 -24.04 7.55 -9.50
CA HIS D 224 -24.44 8.81 -10.12
C HIS D 224 -25.78 8.60 -10.80
N CYS D 225 -26.83 9.18 -10.22
CA CYS D 225 -28.19 8.88 -10.64
C CYS D 225 -28.72 9.80 -11.75
N ASN D 226 -28.36 9.48 -12.98
CA ASN D 226 -28.89 10.16 -14.16
C ASN D 226 -29.62 9.19 -15.09
N CYS D 227 -29.66 9.50 -16.39
CA CYS D 227 -30.35 8.65 -17.36
C CYS D 227 -29.66 7.32 -17.58
N GLU D 228 -28.36 7.28 -17.29
CA GLU D 228 -27.56 6.09 -17.55
C GLU D 228 -27.92 4.93 -16.62
N LEU D 229 -28.70 5.22 -15.59
CA LEU D 229 -29.17 4.18 -14.68
C LEU D 229 -30.68 4.02 -14.77
N LEU D 230 -31.30 4.74 -15.70
CA LEU D 230 -32.74 4.69 -15.88
C LEU D 230 -33.18 3.28 -16.21
N TRP D 231 -32.40 2.60 -17.05
CA TRP D 231 -32.72 1.24 -17.47
C TRP D 231 -32.79 0.31 -16.27
N LEU D 232 -31.95 0.58 -15.27
CA LEU D 232 -31.88 -0.25 -14.08
C LEU D 232 -33.02 0.04 -13.12
N ARG D 233 -33.39 1.31 -13.02
CA ARG D 233 -34.49 1.71 -12.14
C ARG D 233 -35.80 1.12 -12.61
N ARG D 234 -35.94 0.95 -13.92
CA ARG D 234 -37.16 0.41 -14.51
C ARG D 234 -37.31 -1.08 -14.21
N LEU D 235 -36.21 -1.73 -13.85
CA LEU D 235 -36.25 -3.15 -13.49
C LEU D 235 -37.05 -3.37 -12.22
N THR D 236 -37.43 -4.62 -11.98
CA THR D 236 -38.09 -4.98 -10.75
C THR D 236 -37.20 -5.89 -9.91
N ARG D 237 -36.41 -5.30 -9.03
CA ARG D 237 -35.51 -6.05 -8.16
C ARG D 237 -35.77 -5.66 -6.70
N GLU D 238 -35.38 -6.53 -5.78
CA GLU D 238 -35.56 -6.26 -4.36
C GLU D 238 -34.56 -5.21 -3.86
N ASP D 239 -34.96 -4.46 -2.84
CA ASP D 239 -34.12 -3.40 -2.30
C ASP D 239 -32.90 -3.96 -1.58
N ASP D 240 -31.73 -3.77 -2.18
CA ASP D 240 -30.47 -4.19 -1.59
C ASP D 240 -29.75 -2.98 -0.99
N LEU D 241 -30.54 -2.02 -0.52
CA LEU D 241 -30.02 -0.82 0.15
C LEU D 241 -29.13 0.03 -0.74
N GLU D 242 -29.38 0.01 -2.05
CA GLU D 242 -28.65 0.86 -2.98
C GLU D 242 -28.93 2.32 -2.68
N THR D 243 -27.91 3.17 -2.85
CA THR D 243 -28.02 4.57 -2.48
C THR D 243 -27.29 5.47 -3.49
N CYS D 244 -27.83 6.67 -3.72
CA CYS D 244 -27.20 7.63 -4.62
C CYS D 244 -26.21 8.53 -3.90
N ALA D 245 -25.17 8.97 -4.61
CA ALA D 245 -24.19 9.88 -4.04
C ALA D 245 -24.18 11.21 -4.79
N THR D 246 -24.51 11.15 -6.09
CA THR D 246 -24.59 12.33 -6.94
C THR D 246 -25.79 12.20 -7.89
N PRO D 247 -26.40 13.33 -8.28
CA PRO D 247 -26.06 14.71 -7.94
C PRO D 247 -26.60 15.14 -6.58
N GLU D 248 -26.32 16.39 -6.21
CA GLU D 248 -26.67 16.94 -4.90
C GLU D 248 -28.15 16.79 -4.55
N HIS D 249 -29.00 16.92 -5.56
CA HIS D 249 -30.45 16.84 -5.35
C HIS D 249 -30.85 15.45 -4.86
N LEU D 250 -30.05 14.45 -5.19
CA LEU D 250 -30.39 13.06 -4.89
C LEU D 250 -29.39 12.40 -3.94
N THR D 251 -28.50 13.19 -3.36
CA THR D 251 -27.49 12.68 -2.45
C THR D 251 -28.11 12.03 -1.21
N ASP D 252 -27.55 10.88 -0.84
CA ASP D 252 -27.96 10.11 0.34
C ASP D 252 -29.35 9.51 0.22
N ARG D 253 -29.95 9.61 -0.97
CA ARG D 253 -31.29 9.08 -1.17
C ARG D 253 -31.22 7.66 -1.72
N TYR D 254 -32.11 6.79 -1.23
CA TYR D 254 -32.14 5.40 -1.67
C TYR D 254 -32.57 5.27 -3.13
N PHE D 255 -31.86 4.40 -3.84
CA PHE D 255 -32.03 4.24 -5.29
C PHE D 255 -33.45 3.87 -5.67
N TRP D 256 -33.95 2.76 -5.13
CA TRP D 256 -35.27 2.25 -5.53
C TRP D 256 -36.41 3.09 -4.96
N SER D 257 -36.09 4.13 -4.20
CA SER D 257 -37.11 5.01 -3.64
C SER D 257 -37.39 6.22 -4.53
N ILE D 258 -36.49 6.46 -5.49
CA ILE D 258 -36.61 7.60 -6.39
C ILE D 258 -37.43 7.25 -7.63
N PRO D 259 -38.47 8.06 -7.91
CA PRO D 259 -39.28 7.86 -9.11
C PRO D 259 -38.47 8.07 -10.39
N GLU D 260 -38.80 7.33 -11.44
CA GLU D 260 -38.02 7.31 -12.68
C GLU D 260 -37.81 8.69 -13.28
N GLU D 261 -38.76 9.59 -13.05
CA GLU D 261 -38.73 10.91 -13.68
C GLU D 261 -37.61 11.79 -13.17
N GLU D 262 -37.03 11.45 -12.02
CA GLU D 262 -36.03 12.32 -11.40
C GLU D 262 -34.60 11.95 -11.79
N PHE D 263 -34.44 10.94 -12.63
CA PHE D 263 -33.13 10.57 -13.16
C PHE D 263 -32.85 11.38 -14.43
N LEU D 264 -32.23 12.54 -14.28
CA LEU D 264 -32.13 13.48 -15.39
C LEU D 264 -30.73 13.59 -15.98
N CYS D 265 -30.67 13.68 -17.30
CA CYS D 265 -29.42 13.97 -18.02
C CYS D 265 -29.52 15.37 -18.62
N GLU D 266 -28.40 16.09 -18.62
CA GLU D 266 -28.35 17.42 -19.20
C GLU D 266 -27.50 17.41 -20.46
N PRO D 267 -28.06 17.87 -21.59
CA PRO D 267 -27.40 17.95 -22.88
C PRO D 267 -26.07 18.71 -22.83
N PRO D 268 -25.12 18.36 -23.70
CA PRO D 268 -23.79 18.98 -23.69
C PRO D 268 -23.81 20.41 -24.21
N LEU D 269 -23.03 21.27 -23.56
CA LEU D 269 -22.88 22.66 -23.97
C LEU D 269 -21.41 23.04 -24.04
N ILE D 270 -20.94 23.40 -25.23
CA ILE D 270 -19.54 23.75 -25.42
C ILE D 270 -19.28 25.17 -24.95
N THR D 271 -18.55 25.30 -23.85
CA THR D 271 -18.34 26.60 -23.20
C THR D 271 -17.20 27.37 -23.84
N ARG D 272 -16.05 26.72 -24.02
CA ARG D 272 -14.88 27.41 -24.56
C ARG D 272 -14.50 26.91 -25.95
N GLN D 273 -15.02 27.58 -26.96
CA GLN D 273 -14.67 27.28 -28.35
C GLN D 273 -13.42 28.08 -28.68
N ALA D 274 -12.82 27.81 -29.83
CA ALA D 274 -11.67 28.61 -30.27
C ALA D 274 -12.11 30.00 -30.73
N GLY D 275 -13.26 30.09 -31.36
CA GLY D 275 -13.77 31.38 -31.82
C GLY D 275 -13.63 31.54 -33.31
N GLY D 276 -13.27 30.45 -33.99
CA GLY D 276 -13.10 30.46 -35.43
C GLY D 276 -11.66 30.80 -35.82
N ARG D 277 -10.82 30.98 -34.79
CA ARG D 277 -9.42 31.30 -35.00
C ARG D 277 -8.64 30.12 -35.58
N VAL D 280 -2.20 28.34 -38.37
CA VAL D 280 -1.75 29.64 -37.91
C VAL D 280 -0.35 29.96 -38.45
N VAL D 281 0.66 29.26 -37.95
CA VAL D 281 2.06 29.52 -38.31
C VAL D 281 2.44 28.75 -39.56
N GLU D 282 1.55 27.84 -39.96
CA GLU D 282 1.72 27.01 -41.16
C GLU D 282 2.96 26.11 -41.12
N GLY D 283 3.55 25.96 -39.94
CA GLY D 283 4.78 25.19 -39.79
C GLY D 283 4.82 24.35 -38.53
N GLN D 284 3.85 24.58 -37.64
CA GLN D 284 3.78 23.86 -36.37
C GLN D 284 2.37 23.92 -35.77
N ALA D 285 1.96 22.83 -35.13
CA ALA D 285 0.61 22.74 -34.57
C ALA D 285 0.44 23.68 -33.38
N SER D 287 -2.76 24.27 -31.89
CA SER D 287 -3.55 23.75 -30.78
C SER D 287 -4.97 24.32 -30.79
N LEU D 288 -5.95 23.44 -30.63
CA LEU D 288 -7.35 23.84 -30.62
C LEU D 288 -7.98 23.47 -29.27
N ARG D 289 -8.91 24.30 -28.80
CA ARG D 289 -9.55 24.03 -27.53
C ARG D 289 -11.02 23.69 -27.68
N CYS D 290 -11.47 22.70 -26.92
CA CYS D 290 -12.89 22.34 -26.88
C CYS D 290 -13.27 21.70 -25.56
N ARG D 291 -14.09 22.40 -24.78
CA ARG D 291 -14.56 21.87 -23.51
C ARG D 291 -16.08 21.96 -23.41
N ALA D 292 -16.73 20.83 -23.21
CA ALA D 292 -18.17 20.79 -23.06
C ALA D 292 -18.54 20.52 -21.61
N VAL D 293 -19.80 20.74 -21.27
CA VAL D 293 -20.25 20.51 -19.91
C VAL D 293 -21.69 20.00 -19.93
N GLY D 294 -21.98 19.03 -19.07
CA GLY D 294 -23.30 18.46 -18.99
C GLY D 294 -23.32 17.29 -18.01
N ASP D 295 -24.43 16.56 -18.00
CA ASP D 295 -24.56 15.39 -17.15
C ASP D 295 -25.11 14.23 -17.98
N PRO D 296 -24.29 13.19 -18.21
CA PRO D 296 -22.91 13.04 -17.72
C PRO D 296 -21.90 13.89 -18.50
N GLU D 297 -20.66 13.91 -18.04
CA GLU D 297 -19.62 14.71 -18.68
C GLU D 297 -19.41 14.27 -20.12
N PRO D 298 -19.64 15.19 -21.06
CA PRO D 298 -19.57 14.92 -22.51
C PRO D 298 -18.22 14.40 -22.96
N VAL D 299 -18.20 13.70 -24.09
CA VAL D 299 -16.97 13.21 -24.69
C VAL D 299 -16.68 14.00 -25.96
N VAL D 300 -15.47 14.54 -26.04
CA VAL D 300 -15.10 15.39 -27.17
C VAL D 300 -14.44 14.58 -28.30
N HIS D 301 -14.94 14.75 -29.52
CA HIS D 301 -14.33 14.14 -30.70
C HIS D 301 -14.08 15.17 -31.79
N TRP D 302 -12.99 15.01 -32.52
CA TRP D 302 -12.66 15.94 -33.61
C TRP D 302 -12.83 15.28 -34.97
N VAL D 303 -13.07 16.10 -35.99
CA VAL D 303 -13.28 15.58 -37.35
C VAL D 303 -12.39 16.30 -38.37
N ALA D 304 -11.93 15.55 -39.38
CA ALA D 304 -11.19 16.11 -40.51
C ALA D 304 -12.18 16.74 -41.49
N PRO D 305 -11.71 17.59 -42.41
CA PRO D 305 -12.65 18.21 -43.36
C PRO D 305 -13.44 17.21 -44.21
N ASP D 306 -12.86 16.05 -44.52
CA ASP D 306 -13.57 15.04 -45.30
C ASP D 306 -13.40 13.63 -44.72
N GLY D 307 -12.70 13.54 -43.59
CA GLY D 307 -12.51 12.26 -42.91
C GLY D 307 -12.78 12.41 -41.44
N ARG D 308 -12.72 11.33 -40.68
CA ARG D 308 -12.88 11.40 -39.24
C ARG D 308 -11.51 11.50 -38.56
N LEU D 309 -11.27 12.60 -37.84
CA LEU D 309 -9.99 12.76 -37.14
C LEU D 309 -9.84 11.80 -35.97
N LEU D 310 -8.67 11.17 -35.90
CA LEU D 310 -8.33 10.30 -34.78
C LEU D 310 -7.21 10.96 -34.00
N GLY D 311 -7.31 10.96 -32.67
CA GLY D 311 -6.28 11.60 -31.86
C GLY D 311 -5.42 10.57 -31.16
N ASN D 312 -4.63 10.99 -30.18
CA ASN D 312 -3.68 10.09 -29.52
C ASN D 312 -2.87 9.26 -30.51
N SER D 313 -2.33 9.91 -31.54
CA SER D 313 -1.64 9.18 -32.60
C SER D 313 -0.28 9.77 -32.94
N SER D 314 0.22 9.42 -34.13
CA SER D 314 1.53 9.85 -34.60
C SER D 314 1.58 11.33 -34.95
N ARG D 315 0.64 11.78 -35.77
CA ARG D 315 0.61 13.17 -36.22
C ARG D 315 -0.47 14.00 -35.53
N THR D 316 -1.36 13.34 -34.80
CA THR D 316 -2.44 14.04 -34.10
C THR D 316 -2.59 13.54 -32.67
N ARG D 317 -2.75 14.48 -31.73
CA ARG D 317 -2.90 14.12 -30.33
C ARG D 317 -4.11 14.83 -29.71
N VAL D 318 -4.84 14.10 -28.86
CA VAL D 318 -6.03 14.63 -28.20
C VAL D 318 -5.99 14.41 -26.68
N ARG D 319 -6.41 15.41 -25.92
CA ARG D 319 -6.34 15.35 -24.47
C ARG D 319 -7.70 15.06 -23.86
N GLY D 320 -7.72 14.73 -22.57
CA GLY D 320 -8.96 14.47 -21.86
C GLY D 320 -9.84 15.70 -21.78
N ASP D 321 -9.23 16.87 -21.81
CA ASP D 321 -9.96 18.14 -21.81
C ASP D 321 -10.69 18.34 -23.12
N GLY D 322 -10.09 17.86 -24.21
CA GLY D 322 -10.70 17.98 -25.53
C GLY D 322 -9.78 18.73 -26.46
N THR D 323 -8.60 19.06 -25.94
CA THR D 323 -7.62 19.86 -26.68
C THR D 323 -6.98 19.04 -27.80
N LEU D 324 -6.98 19.59 -29.01
CA LEU D 324 -6.35 18.94 -30.15
C LEU D 324 -4.95 19.51 -30.37
N ASP D 325 -3.95 18.64 -30.30
CA ASP D 325 -2.55 19.07 -30.44
C ASP D 325 -1.92 18.53 -31.71
N THR D 327 0.98 17.84 -34.40
CA THR D 327 2.34 18.21 -34.02
C THR D 327 2.92 19.22 -35.01
N ILE D 328 2.99 18.80 -36.28
CA ILE D 328 3.52 19.61 -37.37
C ILE D 328 2.47 19.80 -38.46
N THR D 329 2.00 21.04 -38.64
CA THR D 329 0.94 21.31 -39.61
C THR D 329 1.39 21.18 -41.06
N THR D 330 0.49 20.67 -41.90
CA THR D 330 0.73 20.57 -43.33
C THR D 330 0.43 21.89 -44.02
N LEU D 331 1.22 22.20 -45.05
CA LEU D 331 1.08 23.45 -45.77
C LEU D 331 -0.20 23.55 -46.60
N ARG D 332 -0.97 22.47 -46.68
CA ARG D 332 -2.20 22.51 -47.46
C ARG D 332 -3.30 21.59 -46.92
N ASP D 333 -3.40 21.44 -45.60
CA ASP D 333 -4.52 20.69 -45.05
C ASP D 333 -5.35 21.61 -44.17
N SER D 334 -5.93 22.62 -44.81
CA SER D 334 -6.80 23.58 -44.16
C SER D 334 -8.25 23.38 -44.56
N GLY D 335 -9.14 23.32 -43.59
CA GLY D 335 -10.56 23.17 -43.87
C GLY D 335 -11.40 23.50 -42.65
N THR D 336 -12.63 23.03 -42.63
CA THR D 336 -13.50 23.28 -41.49
C THR D 336 -13.35 22.11 -40.52
N PHE D 337 -12.62 22.36 -39.43
CA PHE D 337 -12.45 21.37 -38.37
C PHE D 337 -13.54 21.53 -37.32
N THR D 338 -14.46 20.58 -37.27
CA THR D 338 -15.60 20.67 -36.36
C THR D 338 -15.35 19.85 -35.09
N CYS D 339 -15.79 20.38 -33.96
CA CYS D 339 -15.69 19.70 -32.68
C CYS D 339 -17.02 19.12 -32.26
N ILE D 340 -17.03 17.84 -31.90
CA ILE D 340 -18.26 17.15 -31.54
C ILE D 340 -18.25 16.66 -30.09
N ALA D 341 -19.19 17.17 -29.30
CA ALA D 341 -19.31 16.80 -27.89
C ALA D 341 -20.44 15.82 -27.65
N SER D 342 -20.11 14.53 -27.61
CA SER D 342 -21.11 13.49 -27.48
C SER D 342 -21.55 13.32 -26.02
N ASN D 343 -22.82 13.01 -25.83
CA ASN D 343 -23.41 12.86 -24.50
C ASN D 343 -24.68 12.01 -24.57
N ALA D 344 -25.04 11.40 -23.45
CA ALA D 344 -26.20 10.50 -23.40
C ALA D 344 -27.52 11.22 -23.67
N ALA D 345 -27.54 12.53 -23.49
CA ALA D 345 -28.77 13.31 -23.66
C ALA D 345 -28.79 14.13 -24.95
N GLY D 346 -27.69 14.09 -25.69
CA GLY D 346 -27.60 14.81 -26.95
C GLY D 346 -26.19 15.15 -27.38
N GLU D 347 -26.07 15.84 -28.50
CA GLU D 347 -24.77 16.25 -29.02
C GLU D 347 -24.65 17.76 -29.16
N ALA D 348 -23.43 18.25 -29.06
CA ALA D 348 -23.13 19.65 -29.28
C ALA D 348 -22.04 19.79 -30.33
N THR D 349 -22.17 20.79 -31.19
CA THR D 349 -21.20 20.99 -32.25
C THR D 349 -20.74 22.45 -32.35
N ALA D 350 -19.43 22.65 -32.30
CA ALA D 350 -18.86 23.98 -32.45
C ALA D 350 -17.69 23.93 -33.43
N PRO D 351 -17.96 24.25 -34.70
CA PRO D 351 -16.91 24.17 -35.73
C PRO D 351 -15.96 25.36 -35.66
N VAL D 352 -14.69 25.11 -35.98
CA VAL D 352 -13.70 26.17 -36.08
C VAL D 352 -12.94 26.03 -37.39
N GLU D 353 -12.64 27.16 -38.03
CA GLU D 353 -11.96 27.14 -39.32
C GLU D 353 -10.60 27.83 -39.24
N VAL D 354 -9.53 27.05 -39.32
CA VAL D 354 -8.18 27.58 -39.19
C VAL D 354 -7.39 27.39 -40.50
N CYS D 355 -6.33 28.18 -40.66
CA CYS D 355 -5.48 28.10 -41.84
C CYS D 355 -4.03 28.44 -41.51
C1 NAG E . 54.60 -17.37 -8.18
C2 NAG E . 55.50 -16.65 -9.15
C3 NAG E . 56.66 -17.48 -9.55
C4 NAG E . 57.42 -18.09 -8.40
C5 NAG E . 56.50 -18.75 -7.38
C6 NAG E . 57.25 -19.07 -6.13
C7 NAG E . 54.23 -14.98 -10.52
C8 NAG E . 53.46 -14.62 -11.78
N2 NAG E . 54.76 -16.29 -10.36
O3 NAG E . 57.57 -16.66 -10.32
O4 NAG E . 58.32 -19.06 -8.96
O5 NAG E . 55.35 -17.91 -7.01
O6 NAG E . 56.38 -19.07 -5.01
O7 NAG E . 54.36 -14.15 -9.64
C1 NAG E . 59.71 -18.75 -8.54
C2 NAG E . 60.64 -19.85 -8.98
C3 NAG E . 62.05 -19.58 -8.59
C4 NAG E . 62.51 -18.21 -8.95
C5 NAG E . 61.55 -17.14 -8.52
C6 NAG E . 61.97 -15.82 -9.07
C7 NAG E . 59.27 -21.94 -9.07
C8 NAG E . 58.82 -23.25 -8.45
N2 NAG E . 60.21 -21.12 -8.40
O3 NAG E . 62.92 -20.56 -9.24
O4 NAG E . 63.79 -17.98 -8.34
O5 NAG E . 60.18 -17.40 -8.99
O6 NAG E . 60.84 -14.98 -9.22
O7 NAG E . 58.82 -21.60 -10.15
C1 NAG F . 25.53 7.45 9.12
C2 NAG F . 24.83 6.18 9.58
C3 NAG F . 24.56 5.24 8.48
C4 NAG F . 23.97 5.85 7.24
C5 NAG F . 24.74 7.08 6.82
C6 NAG F . 24.02 7.76 5.71
C7 NAG F . 25.79 5.88 11.90
C8 NAG F . 26.72 5.11 12.83
N2 NAG F . 25.71 5.49 10.53
O3 NAG F . 23.66 4.20 8.97
O4 NAG F . 24.05 4.91 6.17
O5 NAG F . 24.89 8.03 7.91
O6 NAG F . 24.70 8.96 5.39
O7 NAG F . 25.13 6.80 12.33
C1 NAG F . 22.76 4.30 5.98
C2 NAG F . 22.79 3.52 4.69
C3 NAG F . 21.65 2.59 4.53
C4 NAG F . 21.49 1.71 5.71
C5 NAG F . 21.26 2.54 6.94
C6 NAG F . 21.16 1.64 8.13
C7 NAG F . 24.03 5.05 3.16
C8 NAG F . 24.04 6.02 1.98
N2 NAG F . 22.81 4.45 3.56
O3 NAG F . 21.88 1.76 3.34
O4 NAG F . 20.36 0.86 5.52
O5 NAG F . 22.36 3.49 7.17
O6 NAG F . 21.66 2.29 9.29
O7 NAG F . 25.05 4.81 3.75
C1 NAG G . -4.15 10.00 -24.85
C2 NAG G . -3.61 11.34 -24.39
C3 NAG G . -3.33 11.34 -22.94
C4 NAG G . -4.50 10.93 -22.11
C5 NAG G . -4.98 9.56 -22.54
C6 NAG G . -6.28 9.24 -21.87
C7 NAG G . -2.02 12.95 -25.40
C8 NAG G . -0.70 13.28 -26.08
N2 NAG G . -2.35 11.61 -25.05
O3 NAG G . -2.87 12.68 -22.54
O4 NAG G . -4.07 10.80 -20.74
O5 NAG G . -5.21 9.43 -23.99
O6 NAG G . -6.71 7.97 -22.32
O7 NAG G . -2.80 13.85 -25.16
C1 NAG G . -4.70 11.81 -19.92
C2 NAG G . -5.17 11.19 -18.62
C3 NAG G . -5.79 12.20 -17.73
C4 NAG G . -4.93 13.41 -17.55
C5 NAG G . -4.46 13.99 -18.88
C6 NAG G . -3.54 15.13 -18.59
C7 NAG G . -6.24 8.98 -18.06
C8 NAG G . -7.26 7.91 -18.37
N2 NAG G . -6.15 10.15 -18.88
O3 NAG G . -6.02 11.60 -16.41
O4 NAG G . -5.66 14.43 -16.87
O5 NAG G . -3.79 12.97 -19.69
O6 NAG G . -2.69 15.34 -19.69
O7 NAG G . -5.51 8.85 -17.10
C1 NAG H . 33.36 -23.31 -12.69
C2 NAG H . 33.08 -24.08 -13.97
C3 NAG H . 31.82 -23.66 -14.63
C4 NAG H . 30.66 -23.66 -13.69
C5 NAG H . 30.94 -22.84 -12.45
C6 NAG H . 29.80 -22.99 -11.51
C7 NAG H . 35.26 -24.83 -14.98
C8 NAG H . 36.39 -24.61 -15.96
N2 NAG H . 34.18 -23.89 -14.91
O3 NAG H . 31.54 -24.58 -15.72
O4 NAG H . 29.52 -23.11 -14.37
O5 NAG H . 32.19 -23.26 -11.78
O6 NAG H . 28.61 -22.55 -12.14
O7 NAG H . 35.27 -25.80 -14.24
O1 MES I . 16.16 3.97 41.86
C2 MES I . 16.00 3.49 40.53
C3 MES I . 14.98 4.31 39.76
N4 MES I . 13.78 4.43 40.58
C5 MES I . 13.92 4.86 41.97
C6 MES I . 14.95 3.93 42.60
C7 MES I . 12.56 4.82 39.89
C8 MES I . 11.44 4.03 40.55
S MES I . 9.97 4.60 40.00
O1S MES I . 8.91 3.62 40.34
O2S MES I . 9.67 5.88 40.67
O3S MES I . 10.03 4.81 38.54
C1 NAG J . -21.80 24.74 18.65
C2 NAG J . -22.11 25.92 17.75
C3 NAG J . -22.54 27.12 18.49
C4 NAG J . -23.70 26.86 19.38
C5 NAG J . -23.38 25.78 20.39
C6 NAG J . -24.63 25.26 21.02
C7 NAG J . -20.99 26.59 15.58
C8 NAG J . -19.73 26.97 14.83
N2 NAG J . -20.92 26.28 16.98
O3 NAG J . -22.90 28.12 17.50
O4 NAG J . -24.05 28.07 20.08
O5 NAG J . -22.66 24.61 19.86
O6 NAG J . -24.59 23.84 20.94
O7 NAG J . -22.04 26.54 14.98
C1 NAG K . -16.63 39.73 -1.07
C2 NAG K . -16.67 40.39 0.28
C3 NAG K . -15.77 39.75 1.25
C4 NAG K . -16.03 38.29 1.38
C5 NAG K . -16.01 37.59 0.02
C6 NAG K . -16.48 36.18 0.19
C7 NAG K . -17.29 42.82 0.07
C8 NAG K . -16.90 44.26 -0.10
N2 NAG K . -16.29 41.80 0.13
O3 NAG K . -15.96 40.36 2.57
O4 NAG K . -15.03 37.70 2.22
O5 NAG K . -16.87 38.25 -0.96
O6 NAG K . -16.12 35.70 1.47
O7 NAG K . -18.47 42.51 0.16
C1 NAG L . -16.16 50.66 -20.88
C2 NAG L . -14.96 51.48 -21.33
C3 NAG L . -15.31 52.85 -21.75
C4 NAG L . -16.45 52.90 -22.70
C5 NAG L . -17.66 52.16 -22.17
C6 NAG L . -18.72 52.14 -23.23
C7 NAG L . -12.73 50.97 -20.32
C8 NAG L . -11.75 51.06 -19.17
N2 NAG L . -14.02 51.57 -20.21
O3 NAG L . -14.14 53.44 -22.38
O4 NAG L . -16.81 54.27 -22.95
O5 NAG L . -17.33 50.78 -21.79
O6 NAG L . -19.93 51.64 -22.71
O7 NAG L . -12.41 50.39 -21.35
O1 MES M . -27.71 -13.70 -32.57
C2 MES M . -27.22 -12.78 -31.60
C3 MES M . -25.99 -13.33 -30.90
N4 MES M . -26.25 -14.69 -30.47
C5 MES M . -26.86 -15.63 -31.40
C6 MES M . -28.09 -14.94 -31.96
C7 MES M . -25.26 -15.26 -29.56
C8 MES M . -26.03 -15.93 -28.43
S MES M . -25.06 -17.11 -27.77
O1S MES M . -23.86 -17.31 -28.62
O2S MES M . -24.67 -16.72 -26.40
O3S MES M . -25.83 -18.37 -27.72
#